data_3V6F
#
_entry.id   3V6F
#
_cell.length_a   124.120
_cell.length_b   68.240
_cell.length_c   236.640
_cell.angle_alpha   90.00
_cell.angle_beta   96.27
_cell.angle_gamma   90.00
#
_symmetry.space_group_name_H-M   'C 1 2 1'
#
loop_
_entity.id
_entity.type
_entity.pdbx_description
1 polymer 'Fab e6 Heavy Chain'
2 polymer 'Fab e6 Light Chain'
3 water water
#
loop_
_entity_poly.entity_id
_entity_poly.type
_entity_poly.pdbx_seq_one_letter_code
_entity_poly.pdbx_strand_id
1 'polypeptide(L)'
;EVQLVESGGDLVKPGGSLKLSCAASGFTFSSYGMSWVRQTPDKRLEWVATISSGGNYIYYPDTVKGRFTISRDNAKNTLY
LQMSSLKSEDTAMYYCTREGAYSGSSSYPMDYWGQGTSVTVSSAKTTPPSVYPLAPGCGDTTGSSVTLGCLVKGYFPESV
TVTWNSGSLSSSVHTFPALLQSGLYTMSSSVTVPSSTWPSQTVTCSVAHPASSTTVDKKLEPSG
;
A,C,E,H
2 'polypeptide(L)'
;NIMMTQSPSSLAVSAGEKVTMNCKSSQSVLYSSNQKNYLAWYQQKPGQSPKLLIYWASTRESGVPDRFTGSGSGTDFTLT
ISSVQTEDLAVYYCHQYLSSYMYTFGGGTKLEIKRADAAPTVSIFPPSSEQLTSGGASVVCFLNNFYPKDINVKWKIDGS
ERQNGVLNSWTDQDSKDSTYSMSSTLTLTKDEYERHNSYTCEATHKTSTSPIVKSFNRN
;
B,D,F,L
#
# COMPACT_ATOMS: atom_id res chain seq x y z
N GLU A 1 5.04 -18.40 8.72
CA GLU A 1 5.20 -16.95 8.85
C GLU A 1 5.32 -16.56 10.33
N VAL A 2 6.54 -16.11 10.74
CA VAL A 2 6.82 -15.69 12.10
C VAL A 2 5.98 -14.47 12.42
N GLN A 3 5.22 -14.54 13.52
CA GLN A 3 4.35 -13.51 14.06
C GLN A 3 4.57 -13.37 15.58
N LEU A 4 4.87 -12.14 16.03
CA LEU A 4 5.09 -11.79 17.44
C LEU A 4 4.10 -10.65 17.76
N VAL A 5 3.08 -10.93 18.61
CA VAL A 5 2.03 -9.92 18.89
C VAL A 5 1.99 -9.50 20.34
N GLU A 6 2.52 -8.31 20.63
CA GLU A 6 2.55 -7.78 21.99
C GLU A 6 1.23 -7.14 22.36
N SER A 7 0.92 -7.17 23.66
CA SER A 7 -0.31 -6.57 24.22
C SER A 7 -0.04 -6.24 25.66
N GLY A 8 -0.90 -5.41 26.26
CA GLY A 8 -0.80 -5.08 27.68
C GLY A 8 -0.41 -3.67 28.02
N GLY A 9 0.13 -2.96 27.02
CA GLY A 9 0.58 -1.57 27.13
C GLY A 9 -0.54 -0.67 27.64
N ASP A 10 -0.19 0.30 28.52
CA ASP A 10 -1.18 1.15 29.16
C ASP A 10 -0.53 2.33 29.85
N LEU A 11 -1.37 3.24 30.40
CA LEU A 11 -0.99 4.39 31.22
C LEU A 11 -0.95 3.83 32.64
N VAL A 12 0.20 3.99 33.30
CA VAL A 12 0.40 3.54 34.67
C VAL A 12 0.95 4.69 35.50
N LYS A 13 0.50 4.82 36.75
CA LYS A 13 0.99 5.77 37.73
C LYS A 13 2.42 5.36 38.14
N PRO A 14 3.37 6.32 38.34
CA PRO A 14 4.70 5.95 38.82
C PRO A 14 4.62 5.14 40.13
N GLY A 15 5.37 4.06 40.17
CA GLY A 15 5.42 3.14 41.29
C GLY A 15 4.56 1.91 41.12
N GLY A 16 3.79 1.92 40.04
CA GLY A 16 2.84 0.89 39.68
C GLY A 16 3.40 -0.31 38.97
N SER A 17 2.48 -1.23 38.62
CA SER A 17 2.75 -2.50 37.95
C SER A 17 1.98 -2.63 36.65
N LEU A 18 2.48 -3.48 35.74
CA LEU A 18 1.86 -3.76 34.46
C LEU A 18 2.47 -5.02 33.94
N LYS A 19 1.65 -5.88 33.31
CA LYS A 19 2.11 -7.12 32.69
C LYS A 19 1.92 -7.07 31.20
N LEU A 20 3.03 -7.16 30.46
CA LEU A 20 3.00 -7.24 28.99
C LEU A 20 2.98 -8.70 28.55
N SER A 21 2.32 -8.99 27.44
CA SER A 21 2.21 -10.32 26.85
C SER A 21 2.64 -10.27 25.40
N CYS A 22 3.17 -11.37 24.91
CA CYS A 22 3.58 -11.50 23.53
C CYS A 22 3.18 -12.89 23.04
N ALA A 23 2.24 -12.94 22.10
CA ALA A 23 1.75 -14.17 21.47
C ALA A 23 2.62 -14.46 20.25
N ALA A 24 3.36 -15.57 20.27
CA ALA A 24 4.23 -16.03 19.17
C ALA A 24 3.60 -17.17 18.32
N SER A 25 3.88 -17.14 17.00
CA SER A 25 3.39 -18.15 16.07
C SER A 25 4.28 -18.23 14.84
N GLY A 26 4.20 -19.34 14.10
CA GLY A 26 4.95 -19.55 12.87
C GLY A 26 6.35 -20.09 13.04
N PHE A 27 6.70 -20.47 14.28
CA PHE A 27 7.98 -21.07 14.67
C PHE A 27 7.82 -21.85 15.97
N THR A 28 8.70 -22.84 16.17
CA THR A 28 8.73 -23.63 17.40
C THR A 28 9.22 -22.70 18.55
N PHE A 29 8.27 -21.96 19.16
CA PHE A 29 8.50 -21.00 20.24
C PHE A 29 9.44 -21.56 21.33
N SER A 30 9.22 -22.81 21.72
CA SER A 30 9.98 -23.48 22.79
C SER A 30 11.47 -23.78 22.47
N SER A 31 11.91 -23.56 21.23
CA SER A 31 13.30 -23.84 20.85
C SER A 31 14.14 -22.57 20.72
N TYR A 32 13.53 -21.39 20.99
CA TYR A 32 14.17 -20.09 20.93
C TYR A 32 14.02 -19.37 22.23
N GLY A 33 15.02 -18.55 22.51
CA GLY A 33 15.02 -17.61 23.60
C GLY A 33 14.36 -16.34 23.12
N MET A 34 13.57 -15.71 23.98
CA MET A 34 12.87 -14.45 23.68
C MET A 34 13.49 -13.35 24.50
N SER A 35 13.31 -12.12 24.06
CA SER A 35 13.83 -10.90 24.65
C SER A 35 12.82 -9.78 24.53
N TRP A 36 12.96 -8.77 25.37
CA TRP A 36 12.21 -7.53 25.33
C TRP A 36 13.22 -6.43 25.11
N VAL A 37 12.90 -5.55 24.17
CA VAL A 37 13.70 -4.38 23.82
C VAL A 37 12.70 -3.23 23.83
N ARG A 38 13.06 -2.13 24.48
CA ARG A 38 12.21 -0.94 24.48
C ARG A 38 12.84 0.20 23.66
N GLN A 39 12.00 1.04 23.07
CA GLN A 39 12.39 2.18 22.26
C GLN A 39 11.80 3.37 22.94
N THR A 40 12.66 4.31 23.39
CA THR A 40 12.20 5.49 24.11
C THR A 40 11.84 6.63 23.21
N PRO A 41 11.15 7.70 23.69
CA PRO A 41 10.77 8.83 22.79
C PRO A 41 11.88 9.42 21.95
N ASP A 42 13.14 9.37 22.43
CA ASP A 42 14.37 9.84 21.74
C ASP A 42 14.80 8.88 20.61
N LYS A 43 14.02 7.77 20.45
CA LYS A 43 14.19 6.72 19.46
C LYS A 43 15.28 5.69 19.74
N ARG A 44 15.97 5.81 20.90
CA ARG A 44 17.00 4.87 21.35
C ARG A 44 16.39 3.50 21.63
N LEU A 45 17.16 2.44 21.27
CA LEU A 45 16.82 1.03 21.45
C LEU A 45 17.56 0.54 22.71
N GLU A 46 16.80 -0.05 23.64
CA GLU A 46 17.36 -0.47 24.91
C GLU A 46 16.92 -1.88 25.28
N TRP A 47 17.89 -2.82 25.37
CA TRP A 47 17.60 -4.19 25.75
C TRP A 47 17.10 -4.24 27.21
N VAL A 48 15.94 -4.89 27.43
CA VAL A 48 15.23 -4.95 28.72
C VAL A 48 15.43 -6.26 29.49
N ALA A 49 15.27 -7.41 28.82
CA ALA A 49 15.35 -8.75 29.43
C ALA A 49 15.39 -9.84 28.36
N THR A 50 15.99 -11.00 28.69
CA THR A 50 16.03 -12.23 27.87
C THR A 50 15.86 -13.47 28.74
N ILE A 51 15.17 -14.47 28.17
CA ILE A 51 14.86 -15.77 28.82
C ILE A 51 15.21 -16.84 27.79
N SER A 52 15.95 -17.85 28.22
CA SER A 52 16.33 -18.99 27.38
C SER A 52 15.08 -19.75 26.86
N SER A 53 15.26 -20.61 25.86
CA SER A 53 14.20 -21.41 25.23
C SER A 53 13.24 -22.08 26.23
N GLY A 54 13.79 -22.60 27.34
CA GLY A 54 13.04 -23.32 28.38
C GLY A 54 12.54 -22.50 29.55
N GLY A 55 13.14 -21.33 29.77
CA GLY A 55 12.76 -20.49 30.89
C GLY A 55 13.64 -20.69 32.12
N ASN A 56 14.77 -21.37 31.91
CA ASN A 56 15.74 -21.70 32.93
C ASN A 56 16.75 -20.61 33.19
N TYR A 57 17.19 -19.90 32.16
CA TYR A 57 18.20 -18.85 32.29
C TYR A 57 17.61 -17.53 31.95
N ILE A 58 17.79 -16.57 32.87
CA ILE A 58 17.25 -15.23 32.77
C ILE A 58 18.36 -14.19 32.86
N TYR A 59 18.27 -13.15 32.00
CA TYR A 59 19.27 -12.08 31.93
C TYR A 59 18.57 -10.71 31.99
N TYR A 60 19.12 -9.78 32.80
CA TYR A 60 18.62 -8.41 32.94
C TYR A 60 19.72 -7.38 32.89
N PRO A 61 19.45 -6.17 32.32
CA PRO A 61 20.41 -5.06 32.49
C PRO A 61 20.20 -4.38 33.86
N ASP A 62 21.20 -3.58 34.32
CA ASP A 62 21.13 -2.89 35.60
C ASP A 62 19.94 -1.93 35.80
N THR A 63 19.41 -1.40 34.71
CA THR A 63 18.31 -0.42 34.66
C THR A 63 16.99 -1.01 35.11
N VAL A 64 16.84 -2.34 35.00
CA VAL A 64 15.58 -3.07 35.17
C VAL A 64 15.63 -4.15 36.26
N LYS A 65 16.82 -4.70 36.53
CA LYS A 65 17.04 -5.74 37.53
C LYS A 65 16.37 -5.38 38.85
N GLY A 66 15.62 -6.32 39.40
CA GLY A 66 14.91 -6.14 40.66
C GLY A 66 13.50 -5.56 40.53
N ARG A 67 13.25 -4.79 39.49
CA ARG A 67 11.95 -4.25 39.23
C ARG A 67 11.16 -5.12 38.22
N PHE A 68 11.81 -5.57 37.10
CA PHE A 68 11.14 -6.39 36.07
C PHE A 68 11.37 -7.90 36.16
N THR A 69 10.38 -8.68 35.63
CA THR A 69 10.44 -10.14 35.61
C THR A 69 10.01 -10.67 34.25
N ILE A 70 10.95 -11.30 33.53
CA ILE A 70 10.66 -11.93 32.25
C ILE A 70 10.23 -13.38 32.58
N SER A 71 9.25 -13.90 31.85
CA SER A 71 8.74 -15.27 31.99
C SER A 71 8.09 -15.69 30.68
N ARG A 72 7.77 -16.96 30.55
CA ARG A 72 7.16 -17.51 29.36
C ARG A 72 6.29 -18.73 29.73
N ASP A 73 5.36 -19.10 28.85
CA ASP A 73 4.53 -20.27 29.00
C ASP A 73 4.61 -20.99 27.64
N ASN A 74 5.50 -22.00 27.55
CA ASN A 74 5.71 -22.71 26.30
C ASN A 74 4.48 -23.51 25.78
N ALA A 75 3.52 -23.78 26.68
CA ALA A 75 2.27 -24.46 26.34
C ALA A 75 1.26 -23.48 25.71
N LYS A 76 1.38 -22.18 26.01
CA LYS A 76 0.49 -21.12 25.52
C LYS A 76 1.17 -20.29 24.42
N ASN A 77 2.46 -20.61 24.11
CA ASN A 77 3.29 -19.91 23.10
C ASN A 77 3.34 -18.38 23.40
N THR A 78 3.46 -18.04 24.68
CA THR A 78 3.43 -16.67 25.16
C THR A 78 4.65 -16.32 25.97
N LEU A 79 5.12 -15.07 25.81
CA LEU A 79 6.21 -14.43 26.54
C LEU A 79 5.58 -13.33 27.41
N TYR A 80 6.07 -13.13 28.63
CA TYR A 80 5.55 -12.12 29.56
C TYR A 80 6.61 -11.18 30.09
N LEU A 81 6.18 -9.97 30.49
CA LEU A 81 7.03 -9.01 31.15
C LEU A 81 6.25 -8.36 32.26
N GLN A 82 6.56 -8.76 33.50
CA GLN A 82 5.91 -8.20 34.67
C GLN A 82 6.77 -7.01 35.12
N MET A 83 6.21 -5.82 35.02
CA MET A 83 6.89 -4.59 35.38
C MET A 83 6.30 -4.12 36.70
N SER A 84 7.16 -3.72 37.63
CA SER A 84 6.75 -3.17 38.92
C SER A 84 7.70 -1.99 39.25
N SER A 85 7.37 -1.17 40.27
CA SER A 85 8.15 0.02 40.63
C SER A 85 8.43 0.85 39.37
N LEU A 86 7.40 0.99 38.54
CA LEU A 86 7.47 1.72 37.27
C LEU A 86 7.82 3.19 37.50
N LYS A 87 8.71 3.73 36.69
CA LYS A 87 9.12 5.14 36.74
C LYS A 87 8.95 5.79 35.36
N SER A 88 8.88 7.12 35.27
CA SER A 88 8.67 7.80 33.98
C SER A 88 9.66 7.44 32.89
N GLU A 89 10.91 7.14 33.27
CA GLU A 89 11.95 6.73 32.31
C GLU A 89 11.71 5.34 31.73
N ASP A 90 10.63 4.68 32.18
CA ASP A 90 10.20 3.37 31.66
C ASP A 90 9.19 3.55 30.50
N THR A 91 8.76 4.79 30.20
CA THR A 91 7.85 5.15 29.12
C THR A 91 8.54 4.87 27.79
N ALA A 92 7.95 3.99 26.98
CA ALA A 92 8.55 3.54 25.74
C ALA A 92 7.67 2.57 25.04
N MET A 93 8.07 2.22 23.78
CA MET A 93 7.45 1.18 22.98
C MET A 93 8.19 -0.09 23.37
N TYR A 94 7.45 -1.13 23.77
CA TYR A 94 8.08 -2.37 24.18
C TYR A 94 7.94 -3.41 23.11
N TYR A 95 9.07 -3.88 22.60
CA TYR A 95 9.09 -4.91 21.58
C TYR A 95 9.51 -6.24 22.14
N CYS A 96 8.84 -7.26 21.65
CA CYS A 96 9.06 -8.66 21.90
C CYS A 96 9.94 -9.09 20.73
N THR A 97 11.11 -9.67 21.02
CA THR A 97 12.05 -10.14 20.00
C THR A 97 12.36 -11.63 20.18
N ARG A 98 12.89 -12.25 19.14
CA ARG A 98 13.19 -13.67 19.13
C ARG A 98 14.67 -13.79 18.91
N GLU A 99 15.37 -14.51 19.80
CA GLU A 99 16.79 -14.71 19.69
C GLU A 99 17.05 -15.65 18.55
N GLY A 100 17.90 -15.22 17.63
CA GLY A 100 18.17 -15.91 16.39
C GLY A 100 18.81 -17.27 16.50
N ALA A 101 19.60 -17.49 17.55
CA ALA A 101 20.30 -18.75 17.77
C ALA A 101 19.41 -19.83 18.36
N TYR A 102 19.56 -21.05 17.86
CA TYR A 102 18.78 -22.22 18.25
C TYR A 102 19.23 -22.75 19.62
N SER A 103 18.32 -22.65 20.62
CA SER A 103 18.47 -23.06 22.03
C SER A 103 19.64 -22.37 22.78
N GLY A 104 20.68 -23.15 23.14
CA GLY A 104 21.85 -22.68 23.86
C GLY A 104 22.88 -21.98 22.99
N SER A 105 23.35 -22.68 21.92
CA SER A 105 24.35 -22.24 20.94
C SER A 105 24.27 -20.74 20.59
N SER A 106 25.41 -20.04 20.60
CA SER A 106 25.50 -18.60 20.32
C SER A 106 25.83 -18.29 18.83
N SER A 107 26.12 -16.99 18.51
CA SER A 107 26.49 -16.40 17.21
C SER A 107 25.39 -15.79 16.32
N TYR A 108 24.10 -16.01 16.63
CA TYR A 108 23.01 -15.43 15.83
C TYR A 108 22.26 -14.33 16.65
N PRO A 109 22.14 -13.04 16.15
CA PRO A 109 21.44 -11.99 16.92
C PRO A 109 19.93 -12.11 16.79
N MET A 110 19.18 -11.32 17.58
CA MET A 110 17.72 -11.30 17.50
C MET A 110 17.27 -10.90 16.10
N ASP A 111 16.35 -11.66 15.50
CA ASP A 111 15.91 -11.44 14.11
C ASP A 111 14.49 -10.93 13.95
N TYR A 112 13.52 -11.58 14.60
CA TYR A 112 12.15 -11.09 14.48
C TYR A 112 11.79 -10.22 15.65
N TRP A 113 11.10 -9.11 15.36
CA TRP A 113 10.59 -8.14 16.34
C TRP A 113 9.10 -8.04 16.11
N GLY A 114 8.34 -7.84 17.16
CA GLY A 114 6.90 -7.67 17.03
C GLY A 114 6.54 -6.26 16.69
N GLN A 115 5.24 -5.90 16.74
CA GLN A 115 4.86 -4.50 16.45
C GLN A 115 5.00 -3.51 17.61
N GLY A 116 5.13 -4.03 18.83
CA GLY A 116 5.26 -3.25 20.06
C GLY A 116 3.94 -2.88 20.72
N THR A 117 3.98 -2.61 22.05
CA THR A 117 2.92 -2.02 22.88
C THR A 117 3.54 -0.83 23.58
N SER A 118 2.87 0.32 23.57
CA SER A 118 3.42 1.46 24.27
C SER A 118 2.91 1.51 25.70
N VAL A 119 3.81 1.88 26.58
CA VAL A 119 3.63 1.97 28.03
C VAL A 119 3.96 3.43 28.38
N THR A 120 3.04 4.08 29.12
CA THR A 120 3.23 5.45 29.57
C THR A 120 3.22 5.43 31.07
N VAL A 121 4.31 5.91 31.67
CA VAL A 121 4.38 5.99 33.12
C VAL A 121 4.26 7.46 33.43
N SER A 122 3.12 7.85 33.99
CA SER A 122 2.78 9.25 34.27
C SER A 122 1.67 9.41 35.32
N SER A 123 1.79 10.46 36.16
CA SER A 123 0.84 10.80 37.20
C SER A 123 -0.35 11.61 36.59
N ALA A 124 -0.23 11.96 35.28
CA ALA A 124 -1.29 12.68 34.57
C ALA A 124 -2.48 11.77 34.25
N LYS A 125 -3.71 12.28 34.48
CA LYS A 125 -4.99 11.61 34.30
C LYS A 125 -5.44 11.53 32.85
N THR A 126 -6.19 10.44 32.52
CA THR A 126 -6.76 10.22 31.19
C THR A 126 -7.81 11.25 30.90
N THR A 127 -7.58 12.01 29.85
CA THR A 127 -8.49 13.05 29.45
C THR A 127 -8.91 12.81 28.01
N PRO A 128 -10.24 12.83 27.71
CA PRO A 128 -10.66 12.68 26.31
C PRO A 128 -10.35 13.95 25.53
N PRO A 129 -10.08 13.87 24.21
CA PRO A 129 -9.77 15.09 23.45
C PRO A 129 -10.98 15.94 23.08
N SER A 130 -10.75 17.19 22.72
CA SER A 130 -11.74 18.10 22.19
C SER A 130 -11.37 18.15 20.70
N VAL A 131 -12.33 17.90 19.80
CA VAL A 131 -12.11 17.92 18.36
C VAL A 131 -12.80 19.13 17.74
N TYR A 132 -12.01 19.96 17.07
CA TYR A 132 -12.50 21.17 16.42
C TYR A 132 -12.27 21.11 14.91
N PRO A 133 -13.31 21.40 14.10
CA PRO A 133 -13.12 21.35 12.65
C PRO A 133 -12.37 22.57 12.15
N LEU A 134 -11.54 22.38 11.14
CA LEU A 134 -10.78 23.47 10.52
C LEU A 134 -11.26 23.60 9.08
N ALA A 135 -12.14 24.59 8.84
CA ALA A 135 -12.69 24.86 7.53
C ALA A 135 -12.31 26.29 7.15
N PRO A 136 -12.06 26.60 5.86
CA PRO A 136 -11.69 27.98 5.49
C PRO A 136 -12.76 29.03 5.84
N GLY A 137 -12.33 30.23 6.25
CA GLY A 137 -13.20 31.33 6.65
C GLY A 137 -13.62 32.28 5.54
N SER A 144 -8.58 25.10 -7.29
CA SER A 144 -8.82 23.72 -7.73
C SER A 144 -8.88 22.72 -6.57
N SER A 145 -8.03 22.92 -5.52
CA SER A 145 -8.00 22.07 -4.34
C SER A 145 -8.33 22.84 -3.06
N VAL A 146 -8.88 22.13 -2.06
CA VAL A 146 -9.27 22.71 -0.77
C VAL A 146 -8.70 21.89 0.39
N THR A 147 -7.97 22.57 1.28
CA THR A 147 -7.40 21.96 2.48
C THR A 147 -8.36 22.15 3.65
N LEU A 148 -8.71 21.03 4.29
CA LEU A 148 -9.57 20.94 5.47
C LEU A 148 -8.73 20.35 6.61
N GLY A 149 -9.14 20.55 7.85
CA GLY A 149 -8.41 20.00 8.98
C GLY A 149 -9.20 19.71 10.24
N CYS A 150 -8.55 19.10 11.22
CA CYS A 150 -9.10 18.82 12.53
C CYS A 150 -8.08 19.10 13.60
N LEU A 151 -8.46 19.86 14.60
CA LEU A 151 -7.61 20.21 15.71
C LEU A 151 -8.09 19.38 16.89
N VAL A 152 -7.23 18.48 17.38
CA VAL A 152 -7.56 17.60 18.49
C VAL A 152 -6.73 17.99 19.71
N LYS A 153 -7.39 18.67 20.64
CA LYS A 153 -6.78 19.35 21.76
C LYS A 153 -7.10 18.80 23.13
N GLY A 154 -6.13 18.94 24.04
CA GLY A 154 -6.23 18.60 25.47
C GLY A 154 -6.55 17.19 25.87
N TYR A 155 -5.90 16.22 25.24
CA TYR A 155 -6.07 14.80 25.60
C TYR A 155 -4.81 14.27 26.28
N PHE A 156 -4.99 13.18 27.02
CA PHE A 156 -3.96 12.43 27.70
C PHE A 156 -4.48 11.01 27.98
N PRO A 157 -3.67 9.96 27.74
CA PRO A 157 -2.33 9.98 27.16
C PRO A 157 -2.36 9.90 25.62
N GLU A 158 -1.19 9.77 24.98
CA GLU A 158 -1.13 9.48 23.56
C GLU A 158 -1.49 7.97 23.46
N SER A 159 -2.09 7.48 22.37
CA SER A 159 -2.36 8.22 21.15
C SER A 159 -3.82 8.29 20.77
N VAL A 160 -4.04 9.09 19.76
CA VAL A 160 -5.31 9.38 19.14
C VAL A 160 -5.14 8.91 17.69
N THR A 161 -6.23 8.59 17.01
CA THR A 161 -6.17 8.15 15.62
C THR A 161 -7.20 8.91 14.83
N VAL A 162 -6.72 9.76 13.94
CA VAL A 162 -7.60 10.56 13.09
C VAL A 162 -7.70 9.92 11.72
N THR A 163 -8.92 9.74 11.23
CA THR A 163 -9.19 9.18 9.91
C THR A 163 -10.17 10.07 9.20
N TRP A 164 -10.01 10.20 7.88
CA TRP A 164 -10.89 11.06 7.10
C TRP A 164 -11.80 10.23 6.23
N ASN A 165 -13.12 10.51 6.32
CA ASN A 165 -14.19 9.76 5.64
C ASN A 165 -14.13 8.26 6.00
N SER A 166 -13.70 7.97 7.26
CA SER A 166 -13.50 6.64 7.86
C SER A 166 -12.46 5.77 7.08
N GLY A 167 -11.41 6.42 6.56
CA GLY A 167 -10.34 5.77 5.82
C GLY A 167 -10.43 5.88 4.31
N SER A 168 -11.60 6.35 3.78
CA SER A 168 -11.87 6.54 2.35
C SER A 168 -11.04 7.70 1.77
N LEU A 169 -10.63 8.60 2.65
CA LEU A 169 -9.76 9.74 2.38
C LEU A 169 -8.50 9.51 3.26
N SER A 170 -7.29 9.48 2.69
CA SER A 170 -6.85 9.76 1.31
C SER A 170 -5.33 9.55 1.33
N SER A 171 -4.71 9.65 0.14
CA SER A 171 -3.25 9.64 0.07
C SER A 171 -2.79 11.07 0.47
N SER A 172 -3.77 12.04 0.48
CA SER A 172 -3.66 13.47 0.75
C SER A 172 -3.92 13.89 2.21
N VAL A 173 -3.65 12.99 3.19
CA VAL A 173 -3.77 13.26 4.63
C VAL A 173 -2.35 13.54 5.22
N HIS A 174 -2.30 14.45 6.20
CA HIS A 174 -1.10 14.77 6.99
C HIS A 174 -1.51 14.71 8.44
N THR A 175 -0.78 13.92 9.21
CA THR A 175 -1.00 13.76 10.65
C THR A 175 0.18 14.42 11.33
N PHE A 176 -0.11 15.48 12.09
CA PHE A 176 0.96 16.21 12.75
C PHE A 176 1.20 15.65 14.14
N PRO A 177 2.48 15.27 14.44
CA PRO A 177 2.78 14.69 15.76
C PRO A 177 2.34 15.57 16.92
N ALA A 178 1.81 14.93 17.99
CA ALA A 178 1.33 15.66 19.16
C ALA A 178 2.45 16.32 19.94
N LEU A 179 2.10 17.46 20.56
CA LEU A 179 3.01 18.17 21.44
C LEU A 179 2.35 18.36 22.79
N LEU A 180 3.13 18.24 23.86
CA LEU A 180 2.64 18.41 25.22
C LEU A 180 2.55 19.90 25.56
N GLN A 181 1.32 20.35 25.80
CA GLN A 181 1.01 21.74 26.13
C GLN A 181 0.14 21.78 27.40
N SER A 182 0.72 22.28 28.50
CA SER A 182 0.08 22.40 29.82
C SER A 182 -0.30 21.02 30.40
N GLY A 183 0.62 20.06 30.27
CA GLY A 183 0.44 18.68 30.72
C GLY A 183 -0.59 17.88 29.97
N LEU A 184 -0.97 18.32 28.75
CA LEU A 184 -1.94 17.66 27.86
C LEU A 184 -1.47 17.71 26.42
N TYR A 185 -1.87 16.75 25.60
CA TYR A 185 -1.45 16.69 24.21
C TYR A 185 -2.38 17.41 23.29
N THR A 186 -1.83 17.91 22.20
CA THR A 186 -2.56 18.59 21.14
C THR A 186 -1.95 18.17 19.82
N MET A 187 -2.81 17.78 18.87
CA MET A 187 -2.37 17.43 17.53
C MET A 187 -3.34 17.94 16.48
N SER A 188 -2.96 17.79 15.22
CA SER A 188 -3.80 18.22 14.12
C SER A 188 -3.62 17.28 12.94
N SER A 189 -4.59 17.32 12.04
CA SER A 189 -4.63 16.53 10.83
C SER A 189 -5.18 17.42 9.70
N SER A 190 -4.70 17.18 8.47
CA SER A 190 -5.22 17.89 7.31
C SER A 190 -5.47 16.93 6.16
N VAL A 191 -6.47 17.27 5.30
CA VAL A 191 -6.85 16.63 4.04
C VAL A 191 -6.88 17.70 2.99
N THR A 192 -6.50 17.32 1.76
CA THR A 192 -6.60 18.15 0.57
C THR A 192 -7.48 17.37 -0.41
N VAL A 193 -8.67 17.93 -0.72
CA VAL A 193 -9.67 17.36 -1.63
C VAL A 193 -9.95 18.32 -2.82
N PRO A 194 -10.40 17.85 -4.01
CA PRO A 194 -10.70 18.82 -5.10
C PRO A 194 -11.86 19.77 -4.72
N SER A 195 -11.83 21.05 -5.22
CA SER A 195 -12.86 22.12 -5.03
C SER A 195 -14.27 21.63 -5.41
N SER A 196 -14.31 20.66 -6.33
CA SER A 196 -15.53 20.03 -6.85
C SER A 196 -16.19 19.08 -5.83
N THR A 197 -15.42 18.53 -4.87
CA THR A 197 -15.93 17.58 -3.87
C THR A 197 -16.38 18.25 -2.57
N TRP A 198 -15.75 19.36 -2.17
CA TRP A 198 -16.15 20.05 -0.94
C TRP A 198 -16.53 21.52 -1.19
N PRO A 199 -17.70 21.97 -0.68
CA PRO A 199 -18.63 21.30 0.24
C PRO A 199 -19.77 20.49 -0.34
N SER A 200 -19.78 20.24 -1.68
CA SER A 200 -20.84 19.48 -2.38
C SER A 200 -21.05 18.08 -1.80
N GLN A 201 -19.96 17.41 -1.44
CA GLN A 201 -19.94 16.10 -0.80
C GLN A 201 -19.39 16.25 0.62
N THR A 202 -19.91 15.41 1.55
CA THR A 202 -19.58 15.44 2.98
C THR A 202 -18.18 14.93 3.32
N VAL A 203 -17.40 15.78 4.04
CA VAL A 203 -16.06 15.46 4.54
C VAL A 203 -16.11 15.49 6.08
N THR A 204 -15.80 14.35 6.72
CA THR A 204 -15.78 14.24 8.19
C THR A 204 -14.48 13.63 8.68
N CYS A 205 -13.99 14.11 9.83
CA CYS A 205 -12.84 13.49 10.48
C CYS A 205 -13.33 12.69 11.71
N SER A 206 -12.75 11.51 11.91
CA SER A 206 -13.09 10.62 13.00
C SER A 206 -11.89 10.51 13.90
N VAL A 207 -12.05 10.89 15.16
CA VAL A 207 -10.98 10.88 16.14
C VAL A 207 -11.28 9.81 17.17
N ALA A 208 -10.36 8.89 17.38
CA ALA A 208 -10.57 7.90 18.40
C ALA A 208 -9.39 7.95 19.36
N HIS A 209 -9.69 7.93 20.66
CA HIS A 209 -8.69 7.93 21.74
C HIS A 209 -9.05 6.71 22.53
N PRO A 210 -8.40 5.56 22.27
CA PRO A 210 -8.83 4.32 22.95
C PRO A 210 -8.67 4.37 24.47
N ALA A 211 -7.66 5.13 24.95
CA ALA A 211 -7.33 5.36 26.36
C ALA A 211 -8.52 5.91 27.15
N SER A 212 -9.36 6.77 26.55
CA SER A 212 -10.54 7.32 27.22
C SER A 212 -11.83 6.73 26.67
N SER A 213 -11.74 5.66 25.82
CA SER A 213 -12.88 4.97 25.17
C SER A 213 -13.76 5.97 24.38
N THR A 214 -13.09 6.93 23.74
CA THR A 214 -13.67 8.03 23.01
C THR A 214 -13.52 7.92 21.49
N THR A 215 -14.66 8.03 20.80
CA THR A 215 -14.76 8.14 19.36
C THR A 215 -15.61 9.38 19.13
N VAL A 216 -15.07 10.33 18.34
CA VAL A 216 -15.74 11.58 18.02
C VAL A 216 -15.60 11.88 16.54
N ASP A 217 -16.75 12.00 15.86
CA ASP A 217 -16.85 12.26 14.42
C ASP A 217 -17.31 13.69 14.15
N LYS A 218 -16.44 14.50 13.53
CA LYS A 218 -16.74 15.88 13.24
C LYS A 218 -16.88 16.16 11.75
N LYS A 219 -18.11 16.53 11.32
CA LYS A 219 -18.41 16.88 9.93
C LYS A 219 -17.87 18.29 9.71
N LEU A 220 -17.19 18.49 8.58
CA LEU A 220 -16.63 19.78 8.26
C LEU A 220 -17.61 20.57 7.43
N GLU A 221 -18.02 21.72 7.95
CA GLU A 221 -19.02 22.58 7.31
C GLU A 221 -18.50 23.93 6.85
N PRO A 222 -18.98 24.44 5.68
CA PRO A 222 -18.48 25.74 5.19
C PRO A 222 -19.00 26.94 5.97
N SER A 223 -18.35 28.11 5.77
CA SER A 223 -18.69 29.37 6.43
C SER A 223 -19.07 30.52 5.46
N GLY A 224 -20.07 31.31 5.84
CA GLY A 224 -20.56 32.47 5.10
C GLY A 224 -21.26 32.16 3.80
N ASN B 1 30.32 -2.53 29.94
CA ASN B 1 29.37 -2.09 28.92
C ASN B 1 30.06 -1.63 27.64
N ILE B 2 29.71 -2.27 26.50
CA ILE B 2 30.24 -1.89 25.19
C ILE B 2 29.34 -0.78 24.59
N MET B 3 29.88 0.44 24.49
CA MET B 3 29.17 1.61 23.97
C MET B 3 29.24 1.64 22.46
N MET B 4 28.06 1.61 21.82
CA MET B 4 27.96 1.68 20.38
C MET B 4 27.72 3.15 19.98
N THR B 5 28.61 3.71 19.15
CA THR B 5 28.49 5.08 18.68
C THR B 5 28.28 5.10 17.19
N GLN B 6 27.23 5.79 16.72
CA GLN B 6 26.90 5.90 15.30
C GLN B 6 27.08 7.28 14.74
N SER B 7 27.70 7.38 13.55
CA SER B 7 27.94 8.67 12.87
C SER B 7 27.74 8.61 11.35
N PRO B 8 27.09 9.63 10.74
CA PRO B 8 26.52 10.83 11.38
C PRO B 8 25.17 10.49 12.00
N SER B 9 24.59 11.37 12.84
CA SER B 9 23.27 11.11 13.43
C SER B 9 22.18 11.02 12.33
N SER B 10 22.37 11.80 11.25
CA SER B 10 21.49 11.81 10.10
C SER B 10 22.21 12.25 8.84
N LEU B 11 21.74 11.75 7.69
CA LEU B 11 22.30 12.15 6.40
C LEU B 11 21.29 12.13 5.29
N ALA B 12 21.35 13.16 4.43
CA ALA B 12 20.48 13.34 3.28
C ALA B 12 21.20 12.88 2.02
N VAL B 13 20.56 11.96 1.26
CA VAL B 13 21.09 11.40 0.03
C VAL B 13 20.03 11.27 -1.09
N SER B 14 20.42 11.62 -2.33
CA SER B 14 19.55 11.52 -3.51
C SER B 14 19.46 10.04 -3.95
N ALA B 15 18.32 9.63 -4.55
CA ALA B 15 18.12 8.27 -5.04
C ALA B 15 19.15 7.90 -6.13
N GLY B 16 19.70 6.70 -6.05
CA GLY B 16 20.72 6.23 -6.98
C GLY B 16 22.15 6.56 -6.58
N GLU B 17 22.37 7.27 -5.43
CA GLU B 17 23.69 7.60 -4.86
C GLU B 17 24.14 6.55 -3.82
N LYS B 18 25.46 6.49 -3.54
CA LYS B 18 26.09 5.61 -2.55
C LYS B 18 25.99 6.26 -1.16
N VAL B 19 25.69 5.46 -0.12
CA VAL B 19 25.62 5.93 1.27
C VAL B 19 26.52 5.07 2.14
N THR B 20 27.26 5.71 3.05
CA THR B 20 28.11 5.05 4.03
C THR B 20 27.78 5.57 5.40
N MET B 21 27.47 4.66 6.33
CA MET B 21 27.24 5.03 7.72
C MET B 21 28.15 4.24 8.63
N ASN B 22 28.72 4.92 9.63
CA ASN B 22 29.69 4.35 10.55
C ASN B 22 29.12 3.98 11.92
N CYS B 23 29.71 2.92 12.51
CA CYS B 23 29.47 2.39 13.84
C CYS B 23 30.83 2.13 14.49
N LYS B 24 30.94 2.49 15.78
CA LYS B 24 32.14 2.33 16.60
C LYS B 24 31.75 1.70 17.92
N SER B 25 32.46 0.64 18.32
CA SER B 25 32.23 0.03 19.62
C SER B 25 33.34 0.46 20.56
N SER B 26 33.00 0.69 21.84
CA SER B 26 33.92 1.12 22.92
C SER B 26 35.10 0.13 23.18
N GLN B 27 34.96 -1.11 22.70
CA GLN B 27 35.90 -2.23 22.77
C GLN B 27 35.62 -3.23 21.64
N SER B 28 36.62 -4.03 21.26
CA SER B 28 36.53 -5.01 20.18
C SER B 28 35.38 -5.99 20.37
N VAL B 29 34.62 -6.22 19.28
CA VAL B 29 33.50 -7.16 19.23
C VAL B 29 33.89 -8.40 18.40
N LEU B 30 35.19 -8.53 18.06
CA LEU B 30 35.74 -9.66 17.35
C LEU B 30 35.97 -10.77 18.39
N TYR B 31 35.52 -12.01 18.10
CA TYR B 31 35.61 -13.10 19.05
C TYR B 31 36.95 -13.75 19.33
N SER B 32 37.83 -13.89 18.30
CA SER B 32 39.17 -14.54 18.34
C SER B 32 39.14 -16.09 18.42
N SER B 33 38.17 -16.67 19.16
CA SER B 33 37.94 -18.12 19.25
C SER B 33 37.10 -18.53 18.02
N ASN B 34 36.06 -17.71 17.69
CA ASN B 34 35.18 -17.83 16.53
C ASN B 34 35.85 -17.19 15.31
N GLN B 35 36.54 -16.05 15.55
CA GLN B 35 37.20 -15.17 14.57
C GLN B 35 36.10 -14.46 13.78
N LYS B 36 34.98 -14.20 14.47
CA LYS B 36 33.79 -13.52 13.94
C LYS B 36 33.59 -12.23 14.72
N ASN B 37 32.95 -11.22 14.05
CA ASN B 37 32.58 -9.94 14.66
C ASN B 37 31.10 -10.04 15.09
N TYR B 38 30.82 -9.88 16.38
CA TYR B 38 29.45 -10.01 16.90
C TYR B 38 28.72 -8.67 16.81
N LEU B 39 28.57 -8.18 15.56
CA LEU B 39 27.92 -6.93 15.18
C LEU B 39 26.79 -7.19 14.18
N ALA B 40 25.63 -6.56 14.43
CA ALA B 40 24.46 -6.65 13.56
C ALA B 40 23.99 -5.27 13.19
N TRP B 41 23.30 -5.17 12.05
CA TRP B 41 22.68 -3.94 11.59
C TRP B 41 21.18 -4.19 11.41
N TYR B 42 20.35 -3.28 11.94
CA TYR B 42 18.88 -3.31 11.83
C TYR B 42 18.44 -2.07 11.09
N GLN B 43 17.33 -2.17 10.35
CA GLN B 43 16.71 -1.06 9.61
C GLN B 43 15.31 -0.83 10.20
N GLN B 44 14.95 0.41 10.54
CA GLN B 44 13.63 0.70 11.06
C GLN B 44 12.93 1.75 10.21
N LYS B 45 12.03 1.30 9.34
CA LYS B 45 11.29 2.18 8.44
C LYS B 45 10.17 2.85 9.26
N PRO B 46 9.75 4.08 8.87
CA PRO B 46 8.69 4.76 9.65
C PRO B 46 7.44 3.93 9.93
N GLY B 47 7.00 3.96 11.20
CA GLY B 47 5.81 3.27 11.70
C GLY B 47 5.96 1.76 11.84
N GLN B 48 7.20 1.23 11.68
CA GLN B 48 7.45 -0.19 11.75
C GLN B 48 8.49 -0.55 12.83
N SER B 49 8.55 -1.84 13.18
CA SER B 49 9.55 -2.34 14.11
C SER B 49 10.85 -2.60 13.35
N PRO B 50 12.02 -2.69 14.04
CA PRO B 50 13.28 -2.94 13.31
C PRO B 50 13.29 -4.30 12.60
N LYS B 51 14.06 -4.36 11.50
CA LYS B 51 14.23 -5.56 10.70
C LYS B 51 15.72 -5.80 10.55
N LEU B 52 16.16 -7.04 10.79
CA LEU B 52 17.56 -7.44 10.69
C LEU B 52 18.03 -7.43 9.25
N LEU B 53 19.13 -6.74 9.04
CA LEU B 53 19.77 -6.54 7.75
C LEU B 53 21.03 -7.38 7.60
N ILE B 54 22.00 -7.19 8.52
CA ILE B 54 23.34 -7.79 8.53
C ILE B 54 23.64 -8.44 9.87
N TYR B 55 24.27 -9.63 9.86
CA TYR B 55 24.80 -10.30 11.05
C TYR B 55 26.23 -10.71 10.78
N TRP B 56 27.04 -10.81 11.85
CA TRP B 56 28.47 -11.16 11.76
C TRP B 56 29.23 -10.08 10.99
N ALA B 57 28.74 -8.82 11.06
CA ALA B 57 29.28 -7.60 10.44
C ALA B 57 29.26 -7.51 8.92
N SER B 58 29.21 -8.67 8.22
CA SER B 58 29.27 -8.75 6.75
C SER B 58 28.20 -9.60 6.06
N THR B 59 27.60 -10.56 6.76
CA THR B 59 26.61 -11.45 6.15
C THR B 59 25.17 -10.89 6.16
N ARG B 60 24.55 -10.77 4.98
CA ARG B 60 23.18 -10.28 4.78
C ARG B 60 22.16 -11.30 5.22
N GLU B 61 21.02 -10.82 5.74
CA GLU B 61 19.92 -11.69 6.14
C GLU B 61 19.13 -12.10 4.86
N SER B 62 18.30 -13.15 4.95
CA SER B 62 17.52 -13.77 3.88
C SER B 62 17.05 -12.90 2.69
N GLY B 63 16.04 -12.06 2.92
CA GLY B 63 15.46 -11.24 1.87
C GLY B 63 16.07 -9.88 1.67
N VAL B 64 17.31 -9.69 2.13
CA VAL B 64 18.04 -8.42 2.06
C VAL B 64 18.67 -8.13 0.69
N PRO B 65 18.25 -7.01 0.02
CA PRO B 65 18.84 -6.63 -1.26
C PRO B 65 20.35 -6.45 -1.24
N ASP B 66 20.99 -6.89 -2.34
CA ASP B 66 22.43 -6.85 -2.61
C ASP B 66 23.08 -5.47 -2.45
N ARG B 67 22.29 -4.38 -2.55
CA ARG B 67 22.78 -3.01 -2.41
C ARG B 67 23.29 -2.72 -0.99
N PHE B 68 22.77 -3.46 0.00
CA PHE B 68 23.17 -3.38 1.40
C PHE B 68 24.43 -4.22 1.62
N THR B 69 25.48 -3.58 2.14
CA THR B 69 26.78 -4.18 2.38
C THR B 69 27.38 -3.69 3.70
N GLY B 70 27.77 -4.66 4.52
CA GLY B 70 28.40 -4.43 5.81
C GLY B 70 29.87 -4.75 5.76
N SER B 71 30.69 -3.98 6.49
CA SER B 71 32.14 -4.20 6.55
C SER B 71 32.76 -3.73 7.88
N GLY B 72 34.06 -3.95 8.02
CA GLY B 72 34.82 -3.58 9.21
C GLY B 72 35.11 -4.75 10.13
N SER B 73 35.99 -4.53 11.09
CA SER B 73 36.37 -5.53 12.11
C SER B 73 36.86 -4.84 13.37
N GLY B 74 36.76 -5.54 14.49
CA GLY B 74 37.18 -5.08 15.79
C GLY B 74 36.25 -4.06 16.41
N THR B 75 36.55 -2.76 16.19
CA THR B 75 35.80 -1.63 16.75
C THR B 75 35.14 -0.73 15.70
N ASP B 76 35.67 -0.70 14.47
CA ASP B 76 35.15 0.19 13.42
C ASP B 76 34.43 -0.59 12.33
N PHE B 77 33.13 -0.27 12.16
CA PHE B 77 32.25 -0.92 11.18
C PHE B 77 31.50 0.09 10.33
N THR B 78 31.05 -0.34 9.14
CA THR B 78 30.27 0.51 8.23
C THR B 78 29.13 -0.27 7.57
N LEU B 79 28.03 0.45 7.29
CA LEU B 79 26.92 -0.08 6.51
C LEU B 79 26.86 0.80 5.24
N THR B 80 26.88 0.15 4.07
CA THR B 80 26.87 0.81 2.78
C THR B 80 25.66 0.42 1.95
N ILE B 81 24.99 1.42 1.39
CA ILE B 81 23.88 1.22 0.47
C ILE B 81 24.38 1.74 -0.88
N SER B 82 24.55 0.84 -1.88
CA SER B 82 25.09 1.20 -3.19
C SER B 82 24.16 2.04 -4.10
N SER B 83 22.92 1.58 -4.36
CA SER B 83 21.96 2.39 -5.13
C SER B 83 20.75 2.78 -4.25
N VAL B 84 20.89 3.85 -3.45
CA VAL B 84 19.82 4.31 -2.57
C VAL B 84 18.46 4.42 -3.25
N GLN B 85 17.44 3.86 -2.60
CA GLN B 85 16.07 3.84 -3.08
C GLN B 85 15.23 4.61 -2.09
N THR B 86 14.14 5.22 -2.54
CA THR B 86 13.25 6.00 -1.66
C THR B 86 12.75 5.15 -0.50
N GLU B 87 12.59 3.83 -0.76
CA GLU B 87 12.16 2.77 0.18
C GLU B 87 13.17 2.58 1.30
N ASP B 88 14.45 2.93 1.06
CA ASP B 88 15.53 2.79 2.04
C ASP B 88 15.51 3.90 3.09
N LEU B 89 14.50 4.80 3.03
CA LEU B 89 14.29 5.86 4.02
C LEU B 89 13.93 5.13 5.33
N ALA B 90 14.84 5.20 6.31
CA ALA B 90 14.74 4.53 7.60
C ALA B 90 15.83 5.03 8.51
N VAL B 91 15.79 4.59 9.78
CA VAL B 91 16.83 4.79 10.80
C VAL B 91 17.54 3.42 10.87
N TYR B 92 18.86 3.45 10.70
CA TYR B 92 19.71 2.26 10.73
C TYR B 92 20.45 2.22 12.05
N TYR B 93 20.31 1.12 12.81
CA TYR B 93 20.97 0.94 14.11
C TYR B 93 22.00 -0.18 14.06
N CYS B 94 23.11 -0.02 14.78
CA CYS B 94 24.07 -1.12 14.91
C CYS B 94 23.87 -1.74 16.31
N HIS B 95 24.19 -3.01 16.44
CA HIS B 95 23.97 -3.76 17.66
C HIS B 95 25.13 -4.71 17.88
N GLN B 96 25.64 -4.81 19.14
CA GLN B 96 26.65 -5.80 19.54
C GLN B 96 25.98 -6.85 20.41
N TYR B 97 26.25 -8.11 20.08
CA TYR B 97 25.61 -9.24 20.73
C TYR B 97 26.63 -10.23 21.22
N LEU B 98 27.76 -9.70 21.73
CA LEU B 98 28.87 -10.47 22.29
C LEU B 98 28.37 -11.26 23.50
N SER B 99 28.55 -12.61 23.41
CA SER B 99 28.16 -13.64 24.38
C SER B 99 28.22 -13.27 25.87
N SER B 100 29.41 -12.93 26.40
CA SER B 100 29.64 -12.59 27.80
C SER B 100 29.15 -11.19 28.24
N TYR B 101 28.65 -10.39 27.28
CA TYR B 101 28.23 -9.01 27.50
C TYR B 101 26.73 -8.75 27.35
N MET B 102 26.24 -7.72 28.06
CA MET B 102 24.86 -7.20 27.98
C MET B 102 24.69 -6.64 26.57
N TYR B 103 23.50 -6.82 25.96
CA TYR B 103 23.18 -6.34 24.61
C TYR B 103 23.16 -4.85 24.54
N THR B 104 23.76 -4.30 23.45
CA THR B 104 23.76 -2.86 23.25
C THR B 104 23.43 -2.44 21.82
N PHE B 105 22.87 -1.21 21.68
CA PHE B 105 22.53 -0.64 20.39
C PHE B 105 23.19 0.73 20.25
N GLY B 106 23.45 1.11 18.99
CA GLY B 106 23.94 2.42 18.63
C GLY B 106 22.74 3.34 18.63
N GLY B 107 22.99 4.64 18.66
CA GLY B 107 21.92 5.64 18.68
C GLY B 107 21.13 5.78 17.39
N GLY B 108 21.62 5.18 16.30
CA GLY B 108 20.98 5.19 15.00
C GLY B 108 21.39 6.31 14.07
N THR B 109 21.46 6.02 12.77
CA THR B 109 21.68 7.01 11.72
C THR B 109 20.41 7.16 10.88
N LYS B 110 19.84 8.36 10.87
CA LYS B 110 18.60 8.66 10.13
C LYS B 110 18.91 8.98 8.68
N LEU B 111 18.52 8.11 7.77
CA LEU B 111 18.75 8.33 6.36
C LEU B 111 17.53 9.02 5.76
N GLU B 112 17.70 10.28 5.33
CA GLU B 112 16.65 11.08 4.69
C GLU B 112 16.91 11.20 3.20
N ILE B 113 15.83 11.33 2.38
CA ILE B 113 15.90 11.35 0.92
C ILE B 113 15.96 12.77 0.40
N LYS B 114 16.90 13.05 -0.51
CA LYS B 114 17.06 14.36 -1.11
C LYS B 114 16.14 14.45 -2.29
N ARG B 115 15.36 15.50 -2.30
CA ARG B 115 14.50 15.76 -3.42
C ARG B 115 14.69 17.19 -3.88
N ALA B 116 13.98 17.54 -4.94
CA ALA B 116 13.94 18.89 -5.50
C ALA B 116 13.29 19.79 -4.43
N ASP B 117 13.69 21.07 -4.38
CA ASP B 117 13.11 22.03 -3.47
C ASP B 117 11.67 22.28 -3.86
N ALA B 118 10.78 22.35 -2.88
CA ALA B 118 9.36 22.58 -3.14
C ALA B 118 8.89 23.58 -2.13
N ALA B 119 8.05 24.48 -2.60
CA ALA B 119 7.47 25.53 -1.78
C ALA B 119 6.22 25.00 -1.07
N PRO B 120 5.92 25.58 0.12
CA PRO B 120 4.73 25.12 0.86
C PRO B 120 3.41 25.63 0.31
N THR B 121 2.35 24.88 0.53
CA THR B 121 0.97 25.26 0.22
C THR B 121 0.41 25.67 1.58
N VAL B 122 0.20 26.98 1.76
CA VAL B 122 -0.24 27.58 3.02
C VAL B 122 -1.73 27.77 3.09
N SER B 123 -2.32 27.37 4.22
CA SER B 123 -3.75 27.45 4.50
C SER B 123 -3.93 27.96 5.93
N ILE B 124 -4.81 28.95 6.10
CA ILE B 124 -5.13 29.55 7.40
C ILE B 124 -6.58 29.20 7.82
N PHE B 125 -6.78 28.94 9.11
CA PHE B 125 -8.08 28.56 9.63
C PHE B 125 -8.44 29.32 10.90
N PRO B 126 -9.58 30.02 10.87
CA PRO B 126 -10.05 30.72 12.07
C PRO B 126 -10.55 29.75 13.15
N PRO B 127 -10.64 30.20 14.44
CA PRO B 127 -11.17 29.32 15.49
C PRO B 127 -12.56 28.81 15.21
N SER B 128 -12.81 27.55 15.54
CA SER B 128 -14.12 26.97 15.31
C SER B 128 -15.16 27.53 16.31
N SER B 129 -16.44 27.44 15.93
CA SER B 129 -17.59 27.86 16.71
C SER B 129 -17.58 27.17 18.06
N GLU B 130 -17.41 25.84 18.06
CA GLU B 130 -17.38 25.02 19.27
C GLU B 130 -16.21 25.32 20.18
N GLN B 131 -15.07 25.77 19.63
CA GLN B 131 -13.92 26.13 20.45
C GLN B 131 -14.18 27.41 21.21
N LEU B 132 -14.68 28.45 20.48
CA LEU B 132 -15.06 29.74 21.05
C LEU B 132 -16.11 29.55 22.17
N THR B 133 -17.04 28.60 21.97
CA THR B 133 -18.08 28.18 22.92
C THR B 133 -17.46 27.78 24.30
N SER B 134 -16.27 27.17 24.28
CA SER B 134 -15.55 26.69 25.46
C SER B 134 -14.59 27.73 26.11
N GLY B 135 -14.42 28.90 25.47
CA GLY B 135 -13.60 29.99 25.98
C GLY B 135 -12.22 30.16 25.34
N GLY B 136 -11.85 29.23 24.47
CA GLY B 136 -10.57 29.25 23.79
C GLY B 136 -10.69 29.60 22.32
N ALA B 137 -9.56 30.00 21.71
CA ALA B 137 -9.51 30.39 20.30
C ALA B 137 -8.14 30.10 19.66
N SER B 138 -8.07 29.01 18.88
CA SER B 138 -6.86 28.61 18.19
C SER B 138 -6.94 28.89 16.71
N VAL B 139 -5.96 29.65 16.21
CA VAL B 139 -5.83 29.96 14.79
C VAL B 139 -4.76 29.00 14.26
N VAL B 140 -5.07 28.24 13.20
CA VAL B 140 -4.17 27.22 12.64
C VAL B 140 -3.66 27.60 11.24
N CYS B 141 -2.39 27.30 10.98
CA CYS B 141 -1.74 27.41 9.69
C CYS B 141 -1.08 26.10 9.32
N PHE B 142 -1.42 25.56 8.14
CA PHE B 142 -0.82 24.36 7.61
C PHE B 142 0.09 24.81 6.49
N LEU B 143 1.35 24.38 6.54
CA LEU B 143 2.38 24.64 5.52
C LEU B 143 2.64 23.25 5.00
N ASN B 144 2.00 22.88 3.89
CA ASN B 144 2.08 21.53 3.38
C ASN B 144 2.99 21.32 2.17
N ASN B 145 3.64 20.14 2.14
CA ASN B 145 4.48 19.62 1.08
C ASN B 145 5.62 20.47 0.60
N PHE B 146 6.54 20.79 1.53
CA PHE B 146 7.73 21.57 1.25
C PHE B 146 9.01 20.78 1.46
N TYR B 147 10.06 21.21 0.77
CA TYR B 147 11.39 20.65 0.82
C TYR B 147 12.45 21.76 0.55
N PRO B 148 13.49 21.98 1.39
CA PRO B 148 13.86 21.25 2.62
C PRO B 148 13.02 21.58 3.86
N LYS B 149 13.29 20.88 5.01
CA LYS B 149 12.55 20.98 6.27
C LYS B 149 12.57 22.38 6.88
N ASP B 150 13.68 23.13 6.67
CA ASP B 150 13.83 24.49 7.23
C ASP B 150 12.81 25.47 6.68
N ILE B 151 11.99 26.02 7.58
CA ILE B 151 10.93 26.97 7.26
C ILE B 151 10.73 27.88 8.46
N ASN B 152 10.29 29.13 8.18
CA ASN B 152 9.96 30.07 9.24
C ASN B 152 8.51 30.52 9.15
N VAL B 153 7.84 30.58 10.31
CA VAL B 153 6.45 31.00 10.43
C VAL B 153 6.36 32.15 11.41
N LYS B 154 5.82 33.27 10.97
CA LYS B 154 5.57 34.41 11.82
C LYS B 154 4.08 34.68 11.83
N TRP B 155 3.52 34.91 13.03
CA TRP B 155 2.11 35.21 13.20
C TRP B 155 1.97 36.69 13.45
N LYS B 156 1.01 37.31 12.76
CA LYS B 156 0.76 38.74 12.88
C LYS B 156 -0.70 39.01 13.22
N ILE B 157 -0.92 39.80 14.27
CA ILE B 157 -2.25 40.18 14.74
C ILE B 157 -2.34 41.68 14.63
N ASP B 158 -3.19 42.16 13.71
CA ASP B 158 -3.38 43.60 13.41
C ASP B 158 -2.05 44.31 13.07
N GLY B 159 -1.18 43.59 12.33
CA GLY B 159 0.13 44.05 11.89
C GLY B 159 1.29 43.73 12.80
N SER B 160 1.02 43.50 14.10
CA SER B 160 2.04 43.21 15.11
C SER B 160 2.35 41.72 15.19
N GLU B 161 3.66 41.39 15.15
CA GLU B 161 4.14 40.00 15.28
C GLU B 161 3.92 39.52 16.72
N ARG B 162 3.32 38.34 16.84
CA ARG B 162 2.99 37.70 18.10
C ARG B 162 3.98 36.56 18.35
N GLN B 163 4.53 36.48 19.60
CA GLN B 163 5.48 35.45 20.03
C GLN B 163 5.09 34.74 21.35
N ASN B 164 3.81 34.86 21.73
CA ASN B 164 3.23 34.22 22.90
C ASN B 164 2.09 33.26 22.47
N GLY B 165 2.27 31.97 22.75
CA GLY B 165 1.25 30.95 22.52
C GLY B 165 1.16 30.32 21.15
N VAL B 166 2.31 30.01 20.53
CA VAL B 166 2.38 29.33 19.23
C VAL B 166 3.12 28.00 19.36
N LEU B 167 2.54 26.93 18.79
CA LEU B 167 3.19 25.63 18.75
C LEU B 167 3.30 25.11 17.34
N ASN B 168 4.51 24.68 16.95
CA ASN B 168 4.79 24.20 15.59
C ASN B 168 5.18 22.75 15.60
N SER B 169 4.58 22.00 14.67
CA SER B 169 4.80 20.58 14.56
C SER B 169 5.06 20.18 13.11
N TRP B 170 6.19 19.48 12.88
CA TRP B 170 6.58 18.97 11.57
C TRP B 170 6.21 17.51 11.48
N THR B 171 5.78 17.14 10.30
CA THR B 171 5.47 15.80 9.88
C THR B 171 6.86 15.17 9.50
N ASP B 172 6.90 13.84 9.39
CA ASP B 172 8.12 13.17 8.95
C ASP B 172 8.10 13.17 7.42
N GLN B 173 9.24 12.87 6.73
CA GLN B 173 9.27 12.88 5.25
C GLN B 173 8.23 11.96 4.62
N ASP B 174 7.48 12.46 3.61
CA ASP B 174 6.48 11.62 2.96
C ASP B 174 7.05 10.42 2.22
N SER B 175 6.34 9.29 2.33
CA SER B 175 6.65 7.99 1.73
C SER B 175 6.51 8.09 0.22
N LYS B 176 5.55 8.93 -0.22
CA LYS B 176 5.23 9.15 -1.61
C LYS B 176 6.03 10.26 -2.30
N ASP B 177 6.15 11.45 -1.67
CA ASP B 177 6.83 12.57 -2.32
C ASP B 177 8.13 13.14 -1.70
N SER B 178 8.57 12.60 -0.52
CA SER B 178 9.78 12.98 0.20
C SER B 178 9.74 14.39 0.82
N THR B 179 8.55 15.01 0.89
CA THR B 179 8.39 16.37 1.44
C THR B 179 7.98 16.33 2.90
N TYR B 180 8.01 17.52 3.53
CA TYR B 180 7.64 17.76 4.93
C TYR B 180 6.38 18.61 4.91
N SER B 181 5.73 18.68 6.03
CA SER B 181 4.54 19.49 6.27
C SER B 181 4.67 19.98 7.68
N MET B 182 4.06 21.10 7.97
CA MET B 182 4.12 21.70 9.27
C MET B 182 2.79 22.38 9.60
N SER B 183 2.40 22.26 10.84
CA SER B 183 1.20 22.86 11.39
C SER B 183 1.65 23.84 12.48
N SER B 184 1.20 25.10 12.39
CA SER B 184 1.47 26.19 13.33
C SER B 184 0.11 26.57 13.97
N THR B 185 0.06 26.59 15.29
CA THR B 185 -1.17 26.88 16.01
C THR B 185 -0.96 28.01 17.01
N LEU B 186 -1.66 29.13 16.79
CA LEU B 186 -1.67 30.31 17.67
C LEU B 186 -2.87 30.13 18.60
N THR B 187 -2.63 30.02 19.90
CA THR B 187 -3.73 29.87 20.85
C THR B 187 -3.89 31.10 21.71
N LEU B 188 -5.09 31.66 21.67
CA LEU B 188 -5.50 32.83 22.43
C LEU B 188 -6.78 32.47 23.17
N THR B 189 -7.18 33.32 24.12
CA THR B 189 -8.44 33.16 24.82
C THR B 189 -9.51 33.74 23.88
N LYS B 190 -10.80 33.43 24.11
CA LYS B 190 -11.89 33.97 23.29
C LYS B 190 -11.87 35.52 23.35
N ASP B 191 -11.59 36.09 24.55
CA ASP B 191 -11.50 37.54 24.80
C ASP B 191 -10.39 38.22 24.05
N GLU B 192 -9.16 37.66 24.11
CA GLU B 192 -7.97 38.17 23.42
C GLU B 192 -8.22 38.12 21.90
N TYR B 193 -8.92 37.07 21.43
CA TYR B 193 -9.25 36.88 20.01
C TYR B 193 -10.23 37.93 19.51
N GLU B 194 -11.29 38.23 20.30
CA GLU B 194 -12.32 39.19 19.96
C GLU B 194 -11.85 40.64 20.04
N ARG B 195 -10.70 40.90 20.69
CA ARG B 195 -10.11 42.23 20.84
C ARG B 195 -9.41 42.71 19.53
N HIS B 196 -9.08 41.78 18.63
CA HIS B 196 -8.39 42.08 17.37
C HIS B 196 -9.18 41.63 16.16
N ASN B 197 -8.74 42.01 14.95
CA ASN B 197 -9.51 41.69 13.76
C ASN B 197 -8.79 40.93 12.67
N SER B 198 -7.56 41.34 12.35
CA SER B 198 -6.74 40.74 11.30
C SER B 198 -5.74 39.71 11.86
N TYR B 199 -5.75 38.50 11.31
CA TYR B 199 -4.88 37.40 11.72
C TYR B 199 -4.15 36.93 10.50
N THR B 200 -2.83 36.96 10.56
CA THR B 200 -1.98 36.61 9.43
C THR B 200 -0.90 35.63 9.84
N CYS B 201 -0.58 34.72 8.95
CA CYS B 201 0.53 33.83 9.15
C CYS B 201 1.41 33.91 7.88
N GLU B 202 2.69 34.20 8.08
CA GLU B 202 3.63 34.35 6.95
C GLU B 202 4.70 33.27 7.01
N ALA B 203 4.88 32.59 5.88
CA ALA B 203 5.84 31.50 5.73
C ALA B 203 7.03 31.93 4.88
N THR B 204 8.24 31.76 5.40
CA THR B 204 9.47 32.03 4.66
C THR B 204 10.17 30.70 4.44
N HIS B 205 10.53 30.43 3.18
CA HIS B 205 11.19 29.21 2.76
C HIS B 205 12.22 29.52 1.69
N LYS B 206 13.29 28.71 1.64
CA LYS B 206 14.45 28.72 0.73
C LYS B 206 14.05 28.98 -0.73
N THR B 207 12.85 28.49 -1.12
CA THR B 207 12.26 28.52 -2.46
C THR B 207 11.96 29.93 -2.99
N SER B 208 11.62 30.88 -2.10
CA SER B 208 11.31 32.23 -2.53
C SER B 208 11.81 33.26 -1.56
N THR B 209 12.25 34.40 -2.12
CA THR B 209 12.70 35.55 -1.32
C THR B 209 11.48 36.30 -0.76
N SER B 210 10.28 35.93 -1.23
CA SER B 210 9.00 36.51 -0.85
C SER B 210 8.25 35.56 0.10
N PRO B 211 7.77 36.07 1.28
CA PRO B 211 6.96 35.22 2.18
C PRO B 211 5.62 34.83 1.60
N ILE B 212 5.14 33.62 1.91
CA ILE B 212 3.80 33.21 1.51
C ILE B 212 2.90 33.69 2.67
N VAL B 213 1.98 34.59 2.34
CA VAL B 213 1.10 35.23 3.32
C VAL B 213 -0.35 34.78 3.19
N LYS B 214 -0.93 34.34 4.29
CA LYS B 214 -2.33 33.92 4.37
C LYS B 214 -2.94 34.63 5.55
N SER B 215 -4.10 35.26 5.34
CA SER B 215 -4.74 35.99 6.41
C SER B 215 -6.24 35.88 6.37
N PHE B 216 -6.89 36.39 7.43
CA PHE B 216 -8.35 36.52 7.52
C PHE B 216 -8.72 37.64 8.48
N ASN B 217 -9.91 38.17 8.28
CA ASN B 217 -10.51 39.21 9.12
C ASN B 217 -11.77 38.64 9.73
N ARG B 218 -12.04 39.00 11.00
CA ARG B 218 -13.23 38.54 11.71
C ARG B 218 -14.50 39.28 11.24
N ASN B 219 -14.82 39.21 9.91
CA ASN B 219 -15.96 39.84 9.22
C ASN B 219 -15.90 39.59 7.72
N GLU C 1 11.90 -49.35 52.93
CA GLU C 1 11.35 -49.01 51.62
C GLU C 1 10.86 -50.25 50.88
N VAL C 2 9.54 -50.29 50.60
CA VAL C 2 8.85 -51.40 49.92
C VAL C 2 9.30 -51.51 48.45
N GLN C 3 9.92 -52.64 48.10
CA GLN C 3 10.43 -52.94 46.76
C GLN C 3 9.95 -54.34 46.31
N LEU C 4 9.38 -54.42 45.09
CA LEU C 4 8.88 -55.64 44.45
C LEU C 4 9.61 -55.74 43.10
N VAL C 5 10.49 -56.75 42.94
CA VAL C 5 11.29 -56.90 41.71
C VAL C 5 10.99 -58.19 40.95
N GLU C 6 10.24 -58.06 39.86
CA GLU C 6 9.90 -59.21 39.01
C GLU C 6 11.03 -59.55 38.06
N SER C 7 11.11 -60.83 37.70
CA SER C 7 12.08 -61.36 36.74
C SER C 7 11.49 -62.62 36.10
N GLY C 8 12.11 -63.07 35.00
CA GLY C 8 11.68 -64.30 34.33
C GLY C 8 11.03 -64.16 32.99
N GLY C 9 10.55 -62.95 32.69
CA GLY C 9 9.90 -62.61 31.44
C GLY C 9 10.76 -62.98 30.25
N ASP C 10 10.11 -63.49 29.17
CA ASP C 10 10.83 -63.99 27.99
C ASP C 10 9.88 -64.21 26.82
N LEU C 11 10.48 -64.53 25.64
CA LEU C 11 9.78 -64.93 24.43
C LEU C 11 9.58 -66.45 24.59
N VAL C 12 8.33 -66.90 24.52
CA VAL C 12 7.95 -68.32 24.64
C VAL C 12 7.12 -68.72 23.41
N LYS C 13 7.35 -69.93 22.90
CA LYS C 13 6.60 -70.52 21.81
C LYS C 13 5.17 -70.85 22.33
N PRO C 14 4.12 -70.76 21.46
CA PRO C 14 2.76 -71.14 21.91
C PRO C 14 2.75 -72.57 22.42
N GLY C 15 2.11 -72.80 23.56
CA GLY C 15 2.03 -74.12 24.20
C GLY C 15 3.10 -74.39 25.23
N GLY C 16 4.03 -73.45 25.39
CA GLY C 16 5.16 -73.55 26.29
C GLY C 16 4.90 -73.14 27.73
N SER C 17 5.98 -73.16 28.52
CA SER C 17 6.00 -72.85 29.94
C SER C 17 7.01 -71.75 30.26
N LEU C 18 6.83 -71.08 31.40
CA LEU C 18 7.70 -70.03 31.88
C LEU C 18 7.42 -69.82 33.34
N LYS C 19 8.47 -69.60 34.16
CA LYS C 19 8.32 -69.31 35.58
C LYS C 19 8.77 -67.90 35.89
N LEU C 20 7.83 -67.07 36.39
CA LEU C 20 8.13 -65.70 36.82
C LEU C 20 8.44 -65.69 38.32
N SER C 21 9.36 -64.79 38.74
CA SER C 21 9.76 -64.61 40.14
C SER C 21 9.57 -63.17 40.54
N CYS C 22 9.31 -62.92 41.81
CA CYS C 22 9.19 -61.60 42.35
C CYS C 22 9.88 -61.54 43.70
N ALA C 23 10.96 -60.77 43.80
CA ALA C 23 11.75 -60.58 45.03
C ALA C 23 11.19 -59.40 45.80
N ALA C 24 10.71 -59.64 47.05
CA ALA C 24 10.12 -58.65 47.96
C ALA C 24 11.10 -58.18 49.02
N SER C 25 11.02 -56.89 49.42
CA SER C 25 11.91 -56.29 50.43
C SER C 25 11.29 -55.06 51.10
N GLY C 26 11.76 -54.74 52.29
CA GLY C 26 11.26 -53.55 53.00
C GLY C 26 9.95 -53.70 53.73
N PHE C 27 9.45 -54.95 53.82
CA PHE C 27 8.23 -55.31 54.54
C PHE C 27 8.29 -56.80 54.91
N THR C 28 7.49 -57.22 55.92
CA THR C 28 7.38 -58.59 56.38
C THR C 28 6.52 -59.36 55.36
N PHE C 29 7.18 -59.88 54.32
CA PHE C 29 6.59 -60.64 53.22
C PHE C 29 5.61 -61.74 53.69
N SER C 30 5.93 -62.43 54.78
CA SER C 30 5.07 -63.52 55.28
C SER C 30 3.72 -63.08 55.93
N SER C 31 3.52 -61.77 56.10
CA SER C 31 2.30 -61.28 56.73
C SER C 31 1.33 -60.66 55.72
N TYR C 32 1.70 -60.67 54.41
CA TYR C 32 0.94 -60.09 53.31
C TYR C 32 0.56 -61.12 52.26
N GLY C 33 -0.64 -60.94 51.71
CA GLY C 33 -1.14 -61.70 50.57
C GLY C 33 -0.48 -61.08 49.37
N MET C 34 -0.35 -61.79 48.25
CA MET C 34 0.35 -61.24 47.08
C MET C 34 -0.45 -61.59 45.87
N SER C 35 -0.14 -60.95 44.73
CA SER C 35 -0.87 -61.17 43.50
C SER C 35 -0.07 -60.89 42.29
N TRP C 36 -0.64 -61.30 41.18
CA TRP C 36 -0.11 -61.02 39.86
C TRP C 36 -1.22 -60.35 39.13
N VAL C 37 -0.87 -59.24 38.45
CA VAL C 37 -1.75 -58.47 37.56
C VAL C 37 -1.00 -58.30 36.27
N ARG C 38 -1.65 -58.55 35.13
CA ARG C 38 -1.02 -58.36 33.82
C ARG C 38 -1.63 -57.19 33.04
N GLN C 39 -0.82 -56.52 32.22
CA GLN C 39 -1.29 -55.42 31.42
C GLN C 39 -1.04 -55.75 29.99
N THR C 40 -2.11 -56.05 29.27
CA THR C 40 -2.08 -56.44 27.86
C THR C 40 -1.74 -55.26 26.93
N PRO C 41 -1.34 -55.50 25.65
CA PRO C 41 -0.98 -54.38 24.72
C PRO C 41 -2.02 -53.29 24.54
N ASP C 42 -3.33 -53.62 24.73
CA ASP C 42 -4.48 -52.70 24.68
C ASP C 42 -4.53 -51.77 25.92
N LYS C 43 -3.57 -51.97 26.86
CA LYS C 43 -3.37 -51.24 28.10
C LYS C 43 -4.32 -51.63 29.24
N ARG C 44 -5.21 -52.62 29.02
CA ARG C 44 -6.11 -53.17 30.05
C ARG C 44 -5.33 -53.91 31.14
N LEU C 45 -5.76 -53.71 32.39
CA LEU C 45 -5.25 -54.32 33.63
C LEU C 45 -6.10 -55.54 33.92
N GLU C 46 -5.45 -56.69 34.10
CA GLU C 46 -6.13 -57.96 34.32
C GLU C 46 -5.54 -58.73 35.48
N TRP C 47 -6.32 -58.92 36.54
CA TRP C 47 -5.91 -59.71 37.67
C TRP C 47 -5.68 -61.20 37.24
N VAL C 48 -4.51 -61.75 37.58
CA VAL C 48 -4.07 -63.08 37.17
C VAL C 48 -4.19 -64.16 38.28
N ALA C 49 -3.74 -63.85 39.52
CA ALA C 49 -3.72 -64.80 40.63
C ALA C 49 -3.42 -64.12 41.94
N THR C 50 -3.96 -64.67 43.02
CA THR C 50 -3.69 -64.26 44.41
C THR C 50 -3.47 -65.45 45.36
N ILE C 51 -2.45 -65.32 46.21
CA ILE C 51 -2.00 -66.27 47.23
C ILE C 51 -1.99 -65.64 48.63
N SER C 52 -2.54 -66.34 49.61
CA SER C 52 -2.54 -65.78 50.96
C SER C 52 -1.13 -65.71 51.61
N SER C 53 -1.02 -64.91 52.67
CA SER C 53 0.20 -64.72 53.41
C SER C 53 0.94 -66.04 53.67
N GLY C 54 0.20 -67.09 54.12
CA GLY C 54 0.71 -68.43 54.41
C GLY C 54 0.90 -69.36 53.22
N GLY C 55 0.17 -69.13 52.12
CA GLY C 55 0.23 -69.97 50.94
C GLY C 55 -0.86 -71.03 50.93
N ASN C 56 -1.84 -70.90 51.81
CA ASN C 56 -2.94 -71.86 52.00
C ASN C 56 -4.12 -71.65 51.08
N TYR C 57 -4.43 -70.39 50.78
CA TYR C 57 -5.58 -70.06 49.96
C TYR C 57 -5.11 -69.47 48.69
N ILE C 58 -5.61 -70.01 47.58
CA ILE C 58 -5.23 -69.56 46.23
C ILE C 58 -6.48 -69.20 45.43
N TYR C 59 -6.38 -68.11 44.66
CA TYR C 59 -7.48 -67.59 43.87
C TYR C 59 -7.03 -67.35 42.44
N TYR C 60 -7.85 -67.80 41.45
CA TYR C 60 -7.59 -67.58 40.01
C TYR C 60 -8.84 -67.12 39.26
N PRO C 61 -8.70 -66.27 38.21
CA PRO C 61 -9.84 -65.99 37.33
C PRO C 61 -9.98 -67.11 36.29
N ASP C 62 -11.06 -67.11 35.54
CA ASP C 62 -11.33 -68.13 34.51
C ASP C 62 -10.33 -68.25 33.35
N THR C 63 -9.70 -67.14 32.98
CA THR C 63 -8.77 -66.97 31.85
C THR C 63 -7.42 -67.68 31.99
N VAL C 64 -7.10 -68.17 33.19
CA VAL C 64 -5.79 -68.71 33.60
C VAL C 64 -5.84 -69.97 34.55
N LYS C 65 -6.96 -70.16 35.27
CA LYS C 65 -7.19 -71.32 36.13
C LYS C 65 -6.89 -72.61 35.33
N GLY C 66 -6.12 -73.50 35.95
CA GLY C 66 -5.73 -74.73 35.31
C GLY C 66 -4.47 -74.67 34.47
N ARG C 67 -3.89 -73.48 34.25
CA ARG C 67 -2.68 -73.34 33.43
C ARG C 67 -1.58 -72.63 34.17
N PHE C 68 -1.96 -71.70 35.07
CA PHE C 68 -1.01 -70.89 35.84
C PHE C 68 -1.07 -71.32 37.31
N THR C 69 0.06 -71.39 37.99
CA THR C 69 0.17 -71.76 39.40
C THR C 69 0.90 -70.69 40.15
N ILE C 70 0.22 -70.06 41.12
CA ILE C 70 0.84 -69.04 41.99
C ILE C 70 1.39 -69.79 43.20
N SER C 71 2.56 -69.37 43.68
CA SER C 71 3.23 -69.95 44.85
C SER C 71 4.16 -68.91 45.46
N ARG C 72 4.66 -69.16 46.68
CA ARG C 72 5.52 -68.25 47.41
C ARG C 72 6.42 -69.04 48.33
N ASP C 73 7.62 -68.48 48.63
CA ASP C 73 8.60 -69.04 49.56
C ASP C 73 8.85 -67.95 50.59
N ASN C 74 8.15 -68.07 51.73
CA ASN C 74 8.22 -67.02 52.74
C ASN C 74 9.59 -66.75 53.32
N ALA C 75 10.44 -67.79 53.27
CA ALA C 75 11.82 -67.76 53.77
C ALA C 75 12.76 -67.06 52.81
N LYS C 76 12.42 -67.06 51.49
CA LYS C 76 13.22 -66.43 50.43
C LYS C 76 12.65 -65.08 50.00
N ASN C 77 11.50 -64.68 50.61
CA ASN C 77 10.77 -63.43 50.35
C ASN C 77 10.43 -63.34 48.85
N THR C 78 10.06 -64.47 48.24
CA THR C 78 9.79 -64.56 46.82
C THR C 78 8.43 -65.09 46.54
N LEU C 79 7.83 -64.53 45.47
CA LEU C 79 6.54 -64.91 44.89
C LEU C 79 6.84 -65.52 43.52
N TYR C 80 6.11 -66.58 43.12
CA TYR C 80 6.30 -67.24 41.83
C TYR C 80 5.05 -67.34 41.00
N LEU C 81 5.22 -67.45 39.67
CA LEU C 81 4.13 -67.70 38.74
C LEU C 81 4.59 -68.70 37.69
N GLN C 82 4.11 -69.94 37.82
CA GLN C 82 4.42 -70.97 36.84
C GLN C 82 3.33 -70.94 35.78
N MET C 83 3.70 -70.58 34.57
CA MET C 83 2.79 -70.49 33.43
C MET C 83 3.04 -71.67 32.51
N SER C 84 1.98 -72.31 32.04
CA SER C 84 2.05 -73.44 31.11
C SER C 84 0.91 -73.34 30.09
N SER C 85 0.97 -74.09 28.98
CA SER C 85 -0.02 -74.06 27.88
C SER C 85 -0.23 -72.61 27.47
N LEU C 86 0.88 -71.88 27.34
CA LEU C 86 0.92 -70.48 27.00
C LEU C 86 0.31 -70.23 25.61
N LYS C 87 -0.52 -69.18 25.47
CA LYS C 87 -1.11 -68.79 24.20
C LYS C 87 -0.83 -67.31 23.94
N SER C 88 -0.97 -66.84 22.68
CA SER C 88 -0.64 -65.44 22.34
C SER C 88 -1.36 -64.40 23.19
N GLU C 89 -2.61 -64.67 23.62
CA GLU C 89 -3.38 -63.75 24.46
C GLU C 89 -2.83 -63.64 25.90
N ASP C 90 -1.75 -64.40 26.20
CA ASP C 90 -1.04 -64.33 27.47
C ASP C 90 0.11 -63.30 27.41
N THR C 91 0.38 -62.73 26.20
CA THR C 91 1.41 -61.70 25.96
C THR C 91 1.01 -60.43 26.74
N ALA C 92 1.88 -59.98 27.66
CA ALA C 92 1.58 -58.84 28.53
C ALA C 92 2.72 -58.54 29.44
N MET C 93 2.61 -57.41 30.15
CA MET C 93 3.54 -57.01 31.20
C MET C 93 2.96 -57.63 32.46
N TYR C 94 3.75 -58.39 33.20
CA TYR C 94 3.27 -59.05 34.40
C TYR C 94 3.78 -58.37 35.62
N TYR C 95 2.85 -57.87 36.43
CA TYR C 95 3.19 -57.18 37.67
C TYR C 95 2.91 -58.00 38.87
N CYS C 96 3.80 -57.88 39.81
CA CYS C 96 3.75 -58.49 41.13
C CYS C 96 3.18 -57.37 42.01
N THR C 97 2.01 -57.64 42.63
CA THR C 97 1.35 -56.65 43.48
C THR C 97 1.20 -57.16 44.91
N ARG C 98 1.22 -56.26 45.87
CA ARG C 98 1.08 -56.68 47.26
C ARG C 98 -0.31 -56.32 47.73
N GLU C 99 -1.05 -57.29 48.23
CA GLU C 99 -2.40 -57.07 48.78
C GLU C 99 -2.38 -56.09 49.93
N GLY C 100 -3.48 -55.39 50.13
CA GLY C 100 -3.62 -54.50 51.27
C GLY C 100 -3.60 -55.28 52.58
N ALA C 101 -3.21 -54.61 53.69
CA ALA C 101 -3.11 -55.20 55.02
C ALA C 101 -4.43 -55.81 55.51
N TYR C 102 -4.36 -56.87 56.31
CA TYR C 102 -5.54 -57.50 56.88
C TYR C 102 -6.11 -56.67 58.04
N SER C 103 -7.45 -56.53 58.09
CA SER C 103 -8.20 -55.85 59.17
C SER C 103 -9.59 -56.52 59.33
N GLY C 104 -10.20 -56.35 60.51
CA GLY C 104 -11.50 -56.93 60.83
C GLY C 104 -12.43 -55.97 61.56
N SER C 105 -13.52 -55.47 60.90
CA SER C 105 -13.93 -55.71 59.50
C SER C 105 -13.55 -54.51 58.59
N SER C 106 -12.56 -54.70 57.69
CA SER C 106 -12.03 -53.70 56.75
C SER C 106 -11.04 -54.32 55.75
N SER C 107 -11.28 -54.14 54.46
CA SER C 107 -10.37 -54.65 53.42
C SER C 107 -9.80 -53.49 52.63
N TYR C 108 -8.50 -53.58 52.33
CA TYR C 108 -7.74 -52.56 51.60
C TYR C 108 -7.37 -53.03 50.19
N PRO C 109 -7.19 -52.13 49.20
CA PRO C 109 -6.82 -52.63 47.85
C PRO C 109 -5.33 -52.91 47.78
N MET C 110 -4.89 -53.60 46.72
CA MET C 110 -3.46 -53.87 46.51
C MET C 110 -2.74 -52.52 46.38
N ASP C 111 -1.72 -52.32 47.22
CA ASP C 111 -1.02 -51.04 47.26
C ASP C 111 0.21 -50.92 46.38
N TYR C 112 1.28 -51.67 46.65
CA TYR C 112 2.51 -51.61 45.88
C TYR C 112 2.51 -52.55 44.72
N TRP C 113 3.05 -52.11 43.58
CA TRP C 113 3.20 -52.86 42.34
C TRP C 113 4.66 -52.82 41.97
N GLY C 114 5.16 -53.87 41.35
CA GLY C 114 6.56 -53.88 40.95
C GLY C 114 6.75 -53.21 39.60
N GLN C 115 7.94 -53.34 38.99
CA GLN C 115 8.16 -52.74 37.68
C GLN C 115 7.67 -53.54 36.48
N GLY C 116 7.38 -54.82 36.70
CA GLY C 116 6.91 -55.76 35.70
C GLY C 116 8.00 -56.48 34.93
N THR C 117 7.65 -57.64 34.34
CA THR C 117 8.45 -58.40 33.38
C THR C 117 7.53 -58.65 32.20
N SER C 118 8.02 -58.40 30.98
CA SER C 118 7.16 -58.69 29.83
C SER C 118 7.40 -60.10 29.33
N VAL C 119 6.30 -60.74 28.96
CA VAL C 119 6.19 -62.10 28.45
C VAL C 119 5.59 -61.98 27.03
N THR C 120 6.25 -62.57 26.05
CA THR C 120 5.77 -62.58 24.67
C THR C 120 5.54 -64.01 24.28
N VAL C 121 4.29 -64.33 23.90
CA VAL C 121 3.96 -65.67 23.44
C VAL C 121 3.80 -65.54 21.92
N SER C 122 4.79 -66.09 21.18
CA SER C 122 4.86 -66.07 19.72
C SER C 122 5.67 -67.23 19.15
N SER C 123 5.36 -67.59 17.90
CA SER C 123 6.05 -68.65 17.15
C SER C 123 7.18 -68.04 16.31
N ALA C 124 7.26 -66.69 16.27
CA ALA C 124 8.31 -65.93 15.58
C ALA C 124 9.64 -66.04 16.34
N LYS C 125 10.73 -66.33 15.61
CA LYS C 125 12.09 -66.53 16.13
C LYS C 125 12.76 -65.19 16.44
N THR C 126 13.55 -65.16 17.54
CA THR C 126 14.33 -64.00 17.97
C THR C 126 15.24 -63.57 16.81
N THR C 127 15.17 -62.28 16.44
CA THR C 127 15.92 -61.70 15.35
C THR C 127 16.63 -60.43 15.82
N PRO C 128 17.94 -60.24 15.51
CA PRO C 128 18.60 -58.97 15.86
C PRO C 128 18.23 -57.88 14.84
N PRO C 129 18.21 -56.59 15.24
CA PRO C 129 17.85 -55.54 14.28
C PRO C 129 18.96 -55.12 13.32
N SER C 130 18.55 -54.46 12.23
CA SER C 130 19.42 -53.83 11.25
C SER C 130 19.28 -52.36 11.55
N VAL C 131 20.40 -51.66 11.75
CA VAL C 131 20.40 -50.23 12.07
C VAL C 131 20.90 -49.42 10.87
N TYR C 132 20.07 -48.50 10.39
CA TYR C 132 20.39 -47.65 9.26
C TYR C 132 20.43 -46.18 9.67
N PRO C 133 21.50 -45.45 9.33
CA PRO C 133 21.54 -44.02 9.71
C PRO C 133 20.65 -43.18 8.81
N LEU C 134 20.03 -42.15 9.39
CA LEU C 134 19.16 -41.24 8.66
C LEU C 134 19.78 -39.86 8.71
N ALA C 135 20.43 -39.49 7.60
CA ALA C 135 21.09 -38.19 7.45
C ALA C 135 20.47 -37.50 6.23
N PRO C 136 20.35 -36.15 6.25
CA PRO C 136 19.75 -35.44 5.09
C PRO C 136 20.54 -35.60 3.78
N SER C 144 19.60 -23.43 11.04
CA SER C 144 19.97 -23.31 12.46
C SER C 144 19.99 -24.66 13.20
N SER C 145 19.05 -25.55 12.88
CA SER C 145 19.01 -26.87 13.52
C SER C 145 19.04 -27.99 12.50
N VAL C 146 19.51 -29.16 12.94
CA VAL C 146 19.62 -30.34 12.09
C VAL C 146 19.04 -31.64 12.72
N THR C 147 18.00 -32.18 12.08
CA THR C 147 17.38 -33.43 12.53
C THR C 147 18.07 -34.64 11.88
N LEU C 148 18.58 -35.54 12.73
CA LEU C 148 19.24 -36.79 12.36
C LEU C 148 18.37 -37.94 12.91
N GLY C 149 18.55 -39.15 12.37
CA GLY C 149 17.80 -40.30 12.84
C GLY C 149 18.44 -41.65 12.67
N CYS C 150 17.80 -42.68 13.23
CA CYS C 150 18.22 -44.07 13.11
C CYS C 150 17.02 -44.95 12.88
N LEU C 151 17.06 -45.76 11.81
CA LEU C 151 15.99 -46.67 11.46
C LEU C 151 16.44 -48.04 11.90
N VAL C 152 15.71 -48.63 12.87
CA VAL C 152 16.04 -49.96 13.40
C VAL C 152 14.96 -50.94 12.96
N LYS C 153 15.33 -51.73 11.95
CA LYS C 153 14.44 -52.60 11.20
C LYS C 153 14.65 -54.09 11.38
N GLY C 154 13.54 -54.81 11.27
CA GLY C 154 13.45 -56.28 11.24
C GLY C 154 13.97 -57.06 12.42
N TYR C 155 13.62 -56.62 13.63
CA TYR C 155 14.00 -57.33 14.86
C TYR C 155 12.78 -58.00 15.51
N PHE C 156 13.04 -58.91 16.46
CA PHE C 156 12.02 -59.60 17.24
C PHE C 156 12.63 -60.21 18.48
N PRO C 157 11.95 -60.15 19.64
CA PRO C 157 10.71 -59.44 19.93
C PRO C 157 11.04 -58.05 20.42
N GLU C 158 10.04 -57.38 20.96
CA GLU C 158 10.25 -56.08 21.56
C GLU C 158 10.95 -56.36 22.94
N SER C 159 11.83 -55.49 23.46
CA SER C 159 12.10 -54.17 22.93
C SER C 159 13.56 -53.90 22.58
N VAL C 160 13.79 -52.69 22.10
CA VAL C 160 15.04 -52.13 21.66
C VAL C 160 15.22 -50.76 22.35
N THR C 161 16.49 -50.39 22.68
CA THR C 161 16.78 -49.08 23.27
C THR C 161 17.80 -48.36 22.39
N VAL C 162 17.47 -47.14 22.02
CA VAL C 162 18.34 -46.29 21.21
C VAL C 162 18.82 -45.11 22.08
N THR C 163 20.13 -44.86 22.08
CA THR C 163 20.74 -43.73 22.80
C THR C 163 21.62 -42.94 21.85
N TRP C 164 21.65 -41.63 22.01
CA TRP C 164 22.43 -40.78 21.12
C TRP C 164 23.63 -40.23 21.85
N ASN C 165 24.84 -40.42 21.25
CA ASN C 165 26.16 -40.06 21.81
C ASN C 165 26.38 -40.74 23.18
N SER C 166 25.80 -41.96 23.35
CA SER C 166 25.81 -42.81 24.54
C SER C 166 25.15 -42.12 25.77
N SER C 172 16.45 -33.51 23.24
CA SER C 172 15.95 -33.33 21.87
C SER C 172 15.79 -34.66 21.06
N VAL C 173 15.57 -35.80 21.78
CA VAL C 173 15.39 -37.15 21.23
C VAL C 173 13.90 -37.49 21.16
N HIS C 174 13.49 -38.22 20.11
CA HIS C 174 12.15 -38.76 19.92
C HIS C 174 12.30 -40.23 19.58
N THR C 175 11.59 -41.08 20.32
CA THR C 175 11.60 -42.53 20.12
C THR C 175 10.23 -42.90 19.59
N PHE C 176 10.19 -43.43 18.36
CA PHE C 176 8.91 -43.78 17.76
C PHE C 176 8.55 -45.25 18.02
N PRO C 177 7.37 -45.48 18.64
CA PRO C 177 6.93 -46.86 18.94
C PRO C 177 7.02 -47.83 17.76
N ALA C 178 7.43 -49.07 18.03
CA ALA C 178 7.60 -50.08 17.00
C ALA C 178 6.29 -50.55 16.42
N LEU C 179 6.33 -50.95 15.16
CA LEU C 179 5.18 -51.48 14.46
C LEU C 179 5.61 -52.78 13.83
N LEU C 180 4.69 -53.76 13.84
CA LEU C 180 4.94 -55.07 13.26
C LEU C 180 4.74 -55.00 11.74
N GLN C 181 5.84 -55.24 11.01
CA GLN C 181 5.87 -55.22 9.56
C GLN C 181 6.51 -56.52 9.04
N SER C 182 5.71 -57.38 8.38
CA SER C 182 6.12 -58.69 7.83
C SER C 182 6.57 -59.65 8.95
N GLY C 183 5.84 -59.66 10.06
CA GLY C 183 6.16 -60.50 11.21
C GLY C 183 7.40 -60.10 11.99
N LEU C 184 7.89 -58.87 11.78
CA LEU C 184 9.08 -58.34 12.46
C LEU C 184 8.85 -56.88 12.85
N TYR C 185 9.52 -56.42 13.91
CA TYR C 185 9.35 -55.03 14.36
C TYR C 185 10.29 -54.05 13.68
N THR C 186 9.83 -52.81 13.57
CA THR C 186 10.60 -51.71 12.99
C THR C 186 10.28 -50.46 13.78
N MET C 187 11.33 -49.77 14.17
CA MET C 187 11.17 -48.51 14.89
C MET C 187 12.19 -47.47 14.43
N SER C 188 12.04 -46.24 14.91
CA SER C 188 12.97 -45.17 14.58
C SER C 188 13.14 -44.23 15.75
N SER C 189 14.23 -43.47 15.70
CA SER C 189 14.61 -42.48 16.70
C SER C 189 15.15 -41.26 15.96
N SER C 190 14.90 -40.06 16.50
CA SER C 190 15.42 -38.82 15.94
C SER C 190 16.04 -37.94 17.03
N VAL C 191 17.08 -37.16 16.64
CA VAL C 191 17.77 -36.12 17.42
C VAL C 191 17.76 -34.85 16.61
N THR C 192 17.69 -33.71 17.31
CA THR C 192 17.81 -32.38 16.74
C THR C 192 18.94 -31.71 17.49
N VAL C 193 20.00 -31.38 16.75
CA VAL C 193 21.19 -30.70 17.27
C VAL C 193 21.37 -29.37 16.49
N PRO C 194 22.07 -28.35 17.07
CA PRO C 194 22.32 -27.12 16.28
C PRO C 194 23.17 -27.46 15.05
N SER C 195 22.88 -26.78 13.93
CA SER C 195 23.59 -26.95 12.66
C SER C 195 25.10 -26.79 12.84
N SER C 196 25.55 -25.99 13.86
CA SER C 196 26.96 -25.76 14.24
C SER C 196 27.66 -27.02 14.80
N THR C 197 26.91 -27.99 15.33
CA THR C 197 27.45 -29.24 15.90
C THR C 197 27.53 -30.40 14.89
N TRP C 198 26.61 -30.47 13.91
CA TRP C 198 26.66 -31.53 12.91
C TRP C 198 26.70 -30.97 11.48
N PRO C 199 27.64 -31.44 10.62
CA PRO C 199 28.58 -32.57 10.83
C PRO C 199 29.96 -32.29 11.40
N SER C 200 30.21 -31.04 11.90
CA SER C 200 31.50 -30.64 12.49
C SER C 200 31.97 -31.57 13.62
N GLN C 201 31.01 -32.00 14.47
CA GLN C 201 31.24 -32.93 15.57
C GLN C 201 30.46 -34.23 15.28
N THR C 202 31.01 -35.37 15.75
CA THR C 202 30.48 -36.72 15.54
C THR C 202 29.21 -37.04 16.35
N VAL C 203 28.15 -37.47 15.62
CA VAL C 203 26.85 -37.89 16.15
C VAL C 203 26.65 -39.38 15.82
N THR C 204 26.51 -40.22 16.86
CA THR C 204 26.28 -41.66 16.71
C THR C 204 25.08 -42.13 17.52
N CYS C 205 24.32 -43.09 16.98
CA CYS C 205 23.23 -43.72 17.71
C CYS C 205 23.66 -45.14 18.11
N SER C 206 23.32 -45.54 19.34
CA SER C 206 23.64 -46.85 19.89
C SER C 206 22.34 -47.60 20.11
N VAL C 207 22.20 -48.74 19.45
CA VAL C 207 20.98 -49.55 19.51
C VAL C 207 21.29 -50.83 20.25
N ALA C 208 20.50 -51.14 21.28
CA ALA C 208 20.63 -52.36 22.05
C ALA C 208 19.34 -53.18 22.00
N HIS C 209 19.45 -54.46 21.63
CA HIS C 209 18.35 -55.44 21.58
C HIS C 209 18.75 -56.52 22.58
N PRO C 210 18.28 -56.46 23.86
CA PRO C 210 18.72 -57.47 24.85
C PRO C 210 18.31 -58.89 24.51
N ALA C 211 17.14 -59.06 23.87
CA ALA C 211 16.60 -60.35 23.44
C ALA C 211 17.58 -61.21 22.60
N SER C 212 18.35 -60.57 21.69
CA SER C 212 19.34 -61.22 20.85
C SER C 212 20.79 -60.83 21.25
N SER C 213 20.97 -60.26 22.48
CA SER C 213 22.25 -59.81 23.06
C SER C 213 23.07 -58.98 22.03
N THR C 214 22.38 -58.06 21.36
CA THR C 214 22.93 -57.22 20.31
C THR C 214 23.08 -55.75 20.71
N THR C 215 24.27 -55.20 20.44
CA THR C 215 24.61 -53.79 20.59
C THR C 215 25.22 -53.37 19.25
N VAL C 216 24.67 -52.31 18.66
CA VAL C 216 25.12 -51.80 17.37
C VAL C 216 25.19 -50.27 17.39
N ASP C 217 26.39 -49.74 17.15
CA ASP C 217 26.68 -48.30 17.17
C ASP C 217 26.89 -47.76 15.75
N LYS C 218 26.01 -46.86 15.31
CA LYS C 218 26.08 -46.29 13.96
C LYS C 218 26.40 -44.80 13.95
N LYS C 219 27.56 -44.43 13.36
CA LYS C 219 27.98 -43.03 13.21
C LYS C 219 27.18 -42.43 12.05
N LEU C 220 26.66 -41.22 12.25
CA LEU C 220 25.89 -40.54 11.22
C LEU C 220 26.79 -39.64 10.39
N GLU C 221 26.83 -39.92 9.09
CA GLU C 221 27.71 -39.21 8.17
C GLU C 221 26.97 -38.42 7.08
N PRO C 222 27.49 -37.21 6.69
CA PRO C 222 26.79 -36.42 5.65
C PRO C 222 26.93 -37.01 4.24
N SER C 223 26.08 -36.54 3.30
CA SER C 223 26.02 -37.06 1.93
C SER C 223 26.25 -36.03 0.82
N GLY C 224 26.91 -36.46 -0.27
CA GLY C 224 27.19 -35.63 -1.44
C GLY C 224 28.23 -34.56 -1.21
N ASN D 1 -19.46 -61.49 38.05
CA ASN D 1 -18.37 -60.58 37.67
C ASN D 1 -18.84 -59.14 37.65
N ILE D 2 -18.10 -58.27 38.37
CA ILE D 2 -18.44 -56.85 38.43
C ILE D 2 -17.68 -56.19 37.29
N MET D 3 -18.40 -55.60 36.33
CA MET D 3 -17.76 -54.93 35.20
C MET D 3 -17.61 -53.46 35.46
N MET D 4 -16.35 -53.00 35.42
CA MET D 4 -15.99 -51.61 35.64
C MET D 4 -15.92 -50.93 34.29
N THR D 5 -16.68 -49.85 34.12
CA THR D 5 -16.72 -49.08 32.87
C THR D 5 -16.23 -47.69 33.15
N GLN D 6 -15.25 -47.24 32.37
CA GLN D 6 -14.69 -45.89 32.51
C GLN D 6 -14.99 -44.97 31.35
N SER D 7 -15.40 -43.73 31.65
CA SER D 7 -15.72 -42.73 30.63
C SER D 7 -15.24 -41.32 30.97
N PRO D 8 -14.70 -40.57 29.97
CA PRO D 8 -14.46 -40.99 28.57
C PRO D 8 -13.20 -41.88 28.49
N SER D 9 -12.95 -42.54 27.35
CA SER D 9 -11.72 -43.34 27.22
C SER D 9 -10.47 -42.45 27.34
N SER D 10 -10.58 -41.20 26.84
CA SER D 10 -9.51 -40.21 26.89
C SER D 10 -10.04 -38.81 26.90
N LEU D 11 -9.30 -37.89 27.52
CA LEU D 11 -9.68 -36.49 27.55
C LEU D 11 -8.50 -35.56 27.63
N ALA D 12 -8.55 -34.46 26.86
CA ALA D 12 -7.52 -33.41 26.79
C ALA D 12 -7.97 -32.24 27.64
N VAL D 13 -7.08 -31.78 28.54
CA VAL D 13 -7.29 -30.69 29.49
C VAL D 13 -6.05 -29.79 29.60
N SER D 14 -6.26 -28.47 29.68
CA SER D 14 -5.22 -27.43 29.84
C SER D 14 -4.76 -27.35 31.30
N ALA D 15 -3.47 -27.07 31.51
CA ALA D 15 -2.91 -27.00 32.85
C ALA D 15 -3.63 -25.96 33.71
N GLY D 16 -4.01 -26.36 34.91
CA GLY D 16 -4.72 -25.49 35.83
C GLY D 16 -6.22 -25.67 35.86
N GLU D 17 -6.75 -26.38 34.85
CA GLU D 17 -8.18 -26.66 34.74
C GLU D 17 -8.56 -27.90 35.56
N LYS D 18 -9.85 -27.97 35.95
CA LYS D 18 -10.47 -29.06 36.71
C LYS D 18 -10.85 -30.16 35.73
N VAL D 19 -10.63 -31.44 36.13
CA VAL D 19 -10.96 -32.63 35.33
C VAL D 19 -11.79 -33.55 36.16
N THR D 20 -12.80 -34.14 35.52
CA THR D 20 -13.67 -35.14 36.12
C THR D 20 -13.66 -36.37 35.23
N MET D 21 -13.34 -37.54 35.81
CA MET D 21 -13.43 -38.80 35.10
C MET D 21 -14.34 -39.74 35.83
N ASN D 22 -15.17 -40.46 35.08
CA ASN D 22 -16.20 -41.33 35.62
C ASN D 22 -15.86 -42.80 35.55
N CYS D 23 -16.37 -43.55 36.54
CA CYS D 23 -16.30 -44.98 36.70
C CYS D 23 -17.71 -45.49 37.08
N LYS D 24 -18.12 -46.61 36.47
CA LYS D 24 -19.41 -47.25 36.70
C LYS D 24 -19.20 -48.72 36.93
N SER D 25 -19.79 -49.27 38.00
CA SER D 25 -19.71 -50.71 38.25
C SER D 25 -21.05 -51.34 37.86
N SER D 26 -21.03 -52.56 37.29
CA SER D 26 -22.23 -53.30 36.85
C SER D 26 -23.20 -53.64 38.02
N GLN D 27 -22.69 -53.60 39.25
CA GLN D 27 -23.44 -53.79 40.49
C GLN D 27 -22.78 -53.00 41.63
N SER D 28 -23.54 -52.69 42.69
CA SER D 28 -23.08 -51.90 43.84
C SER D 28 -21.86 -52.50 44.49
N VAL D 29 -20.88 -51.62 44.79
CA VAL D 29 -19.63 -51.97 45.47
C VAL D 29 -19.65 -51.42 46.92
N LEU D 30 -20.82 -50.96 47.38
CA LEU D 30 -21.03 -50.47 48.73
C LEU D 30 -21.26 -51.70 49.61
N TYR D 31 -20.60 -51.75 50.77
CA TYR D 31 -20.66 -52.91 51.66
C TYR D 31 -21.92 -53.12 52.50
N SER D 32 -22.57 -52.04 53.00
CA SER D 32 -23.77 -52.04 53.87
C SER D 32 -23.52 -52.42 55.34
N SER D 33 -22.59 -53.40 55.58
CA SER D 33 -22.15 -53.81 56.92
C SER D 33 -21.06 -52.81 57.37
N ASN D 34 -20.13 -52.48 56.45
CA ASN D 34 -19.05 -51.51 56.60
C ASN D 34 -19.60 -50.10 56.33
N GLN D 35 -20.48 -49.99 55.31
CA GLN D 35 -21.07 -48.76 54.77
C GLN D 35 -19.92 -48.01 54.04
N LYS D 36 -18.98 -48.83 53.51
CA LYS D 36 -17.80 -48.40 52.77
C LYS D 36 -17.83 -48.93 51.34
N ASN D 37 -17.49 -48.07 50.36
CA ASN D 37 -17.45 -48.40 48.93
C ASN D 37 -16.08 -49.03 48.61
N TYR D 38 -16.06 -50.29 48.09
CA TYR D 38 -14.83 -51.01 47.80
C TYR D 38 -14.32 -50.68 46.43
N LEU D 39 -14.00 -49.39 46.24
CA LEU D 39 -13.52 -48.84 45.00
C LEU D 39 -12.18 -48.11 45.21
N ALA D 40 -11.22 -48.37 44.31
CA ALA D 40 -9.92 -47.74 44.34
C ALA D 40 -9.60 -47.10 43.01
N TRP D 41 -8.73 -46.11 43.01
CA TRP D 41 -8.25 -45.46 41.80
C TRP D 41 -6.73 -45.57 41.79
N TYR D 42 -6.17 -45.96 40.64
CA TYR D 42 -4.73 -46.08 40.38
C TYR D 42 -4.36 -45.14 39.27
N GLN D 43 -3.15 -44.58 39.32
CA GLN D 43 -2.61 -43.68 38.31
C GLN D 43 -1.38 -44.36 37.66
N GLN D 44 -1.35 -44.44 36.32
CA GLN D 44 -0.20 -45.05 35.66
C GLN D 44 0.43 -44.05 34.69
N LYS D 45 1.55 -43.45 35.11
CA LYS D 45 2.28 -42.47 34.31
C LYS D 45 3.09 -43.24 33.28
N PRO D 46 3.31 -42.67 32.07
CA PRO D 46 4.06 -43.40 31.04
C PRO D 46 5.39 -44.05 31.50
N GLY D 47 5.54 -45.34 31.14
CA GLY D 47 6.72 -46.16 31.42
C GLY D 47 6.87 -46.59 32.86
N GLN D 48 5.81 -46.40 33.67
CA GLN D 48 5.81 -46.77 35.08
C GLN D 48 4.68 -47.75 35.40
N SER D 49 4.76 -48.39 36.56
CA SER D 49 3.72 -49.27 37.03
C SER D 49 2.62 -48.43 37.68
N PRO D 50 1.37 -48.98 37.86
CA PRO D 50 0.33 -48.18 38.52
C PRO D 50 0.65 -47.86 39.98
N LYS D 51 0.15 -46.74 40.46
CA LYS D 51 0.34 -46.28 41.83
C LYS D 51 -1.04 -45.97 42.40
N LEU D 52 -1.33 -46.45 43.61
CA LEU D 52 -2.59 -46.24 44.32
C LEU D 52 -2.76 -44.78 44.71
N LEU D 53 -3.89 -44.24 44.33
CA LEU D 53 -4.28 -42.85 44.55
C LEU D 53 -5.33 -42.73 45.65
N ILE D 54 -6.49 -43.47 45.50
CA ILE D 54 -7.69 -43.40 46.31
C ILE D 54 -8.15 -44.76 46.67
N TYR D 55 -8.67 -44.92 47.89
CA TYR D 55 -9.26 -46.14 48.38
C TYR D 55 -10.51 -45.76 49.13
N TRP D 56 -11.47 -46.70 49.28
CA TRP D 56 -12.77 -46.46 49.89
C TRP D 56 -13.53 -45.38 49.13
N ALA D 57 -13.25 -45.30 47.81
CA ALA D 57 -13.80 -44.33 46.85
C ALA D 57 -13.49 -42.86 47.14
N SER D 58 -13.32 -42.49 48.43
CA SER D 58 -13.08 -41.11 48.86
C SER D 58 -11.83 -40.86 49.71
N THR D 59 -11.03 -41.86 50.07
CA THR D 59 -9.85 -41.55 50.87
C THR D 59 -8.52 -41.64 50.11
N ARG D 60 -7.71 -40.59 50.18
CA ARG D 60 -6.42 -40.48 49.48
C ARG D 60 -5.35 -41.31 50.14
N GLU D 61 -4.43 -41.87 49.34
CA GLU D 61 -3.29 -42.60 49.85
C GLU D 61 -2.23 -41.57 50.43
N SER D 62 -1.30 -42.05 51.26
CA SER D 62 -0.28 -41.27 51.97
C SER D 62 0.28 -40.00 51.34
N GLY D 63 1.07 -40.11 50.28
CA GLY D 63 1.69 -38.92 49.68
C GLY D 63 0.93 -38.36 48.49
N VAL D 64 -0.40 -38.54 48.47
CA VAL D 64 -1.24 -38.11 47.34
C VAL D 64 -1.64 -36.65 47.43
N PRO D 65 -1.27 -35.82 46.43
CA PRO D 65 -1.66 -34.40 46.45
C PRO D 65 -3.15 -34.16 46.62
N ASP D 66 -3.49 -33.13 47.42
CA ASP D 66 -4.85 -32.65 47.75
C ASP D 66 -5.72 -32.33 46.53
N ARG D 67 -5.11 -32.07 45.35
CA ARG D 67 -5.83 -31.79 44.11
C ARG D 67 -6.66 -32.99 43.62
N PHE D 68 -6.23 -34.21 43.99
CA PHE D 68 -6.92 -35.47 43.68
C PHE D 68 -8.03 -35.71 44.69
N THR D 69 -9.25 -35.87 44.18
CA THR D 69 -10.45 -36.08 44.98
C THR D 69 -11.38 -37.15 44.32
N GLY D 70 -11.82 -38.09 45.14
CA GLY D 70 -12.73 -39.14 44.70
C GLY D 70 -14.08 -38.92 45.34
N SER D 71 -15.14 -39.36 44.64
CA SER D 71 -16.52 -39.26 45.13
C SER D 71 -17.41 -40.35 44.51
N GLY D 72 -18.66 -40.35 44.93
CA GLY D 72 -19.66 -41.31 44.47
C GLY D 72 -19.92 -42.44 45.46
N SER D 73 -20.99 -43.18 45.22
CA SER D 73 -21.39 -44.33 46.03
C SER D 73 -22.20 -45.29 45.19
N GLY D 74 -22.21 -46.55 45.62
CA GLY D 74 -22.92 -47.64 44.97
C GLY D 74 -22.30 -48.10 43.68
N THR D 75 -22.76 -47.52 42.54
CA THR D 75 -22.35 -47.88 41.19
C THR D 75 -21.65 -46.74 40.43
N ASP D 76 -21.94 -45.48 40.78
CA ASP D 76 -21.37 -44.34 40.05
C ASP D 76 -20.33 -43.61 40.88
N PHE D 77 -19.09 -43.54 40.36
CA PHE D 77 -17.96 -42.90 41.02
C PHE D 77 -17.22 -41.95 40.09
N THR D 78 -16.48 -40.99 40.68
CA THR D 78 -15.70 -40.01 39.92
C THR D 78 -14.35 -39.74 40.58
N LEU D 79 -13.35 -39.45 39.74
CA LEU D 79 -12.06 -38.98 40.17
C LEU D 79 -11.92 -37.56 39.61
N THR D 80 -11.58 -36.61 40.50
CA THR D 80 -11.45 -35.20 40.16
C THR D 80 -10.06 -34.67 40.47
N ILE D 81 -9.49 -33.97 39.49
CA ILE D 81 -8.24 -33.23 39.64
C ILE D 81 -8.69 -31.77 39.64
N SER D 82 -8.59 -31.10 40.81
CA SER D 82 -9.03 -29.73 40.99
C SER D 82 -8.27 -28.75 40.05
N SER D 83 -6.95 -28.98 39.90
CA SER D 83 -6.06 -28.19 39.04
C SER D 83 -5.03 -29.13 38.45
N VAL D 84 -5.22 -29.48 37.18
CA VAL D 84 -4.34 -30.35 36.43
C VAL D 84 -2.94 -29.76 36.30
N GLN D 85 -1.95 -30.65 36.39
CA GLN D 85 -0.54 -30.35 36.24
C GLN D 85 -0.03 -31.22 35.12
N THR D 86 0.99 -30.78 34.39
CA THR D 86 1.58 -31.54 33.27
C THR D 86 2.02 -32.94 33.75
N GLU D 87 2.44 -33.03 35.01
CA GLU D 87 2.85 -34.24 35.74
C GLU D 87 1.70 -35.24 35.91
N ASP D 88 0.44 -34.75 35.87
CA ASP D 88 -0.78 -35.56 36.01
C ASP D 88 -1.15 -36.30 34.74
N LEU D 89 -0.33 -36.15 33.68
CA LEU D 89 -0.48 -36.88 32.41
C LEU D 89 -0.23 -38.37 32.76
N ALA D 90 -1.30 -39.16 32.68
CA ALA D 90 -1.32 -40.58 33.01
C ALA D 90 -2.62 -41.19 32.55
N VAL D 91 -2.73 -42.53 32.68
CA VAL D 91 -3.95 -43.32 32.49
C VAL D 91 -4.42 -43.63 33.92
N TYR D 92 -5.68 -43.29 34.21
CA TYR D 92 -6.29 -43.48 35.51
C TYR D 92 -7.26 -44.65 35.41
N TYR D 93 -7.07 -45.68 36.27
CA TYR D 93 -7.92 -46.87 36.28
C TYR D 93 -8.71 -46.96 37.57
N CYS D 94 -9.95 -47.44 37.50
CA CYS D 94 -10.72 -47.71 38.72
C CYS D 94 -10.69 -49.21 38.95
N HIS D 95 -10.80 -49.62 40.20
CA HIS D 95 -10.72 -51.00 40.59
C HIS D 95 -11.74 -51.25 41.69
N GLN D 96 -12.47 -52.36 41.59
CA GLN D 96 -13.34 -52.79 42.67
C GLN D 96 -12.65 -53.99 43.32
N TYR D 97 -12.73 -54.04 44.64
CA TYR D 97 -12.13 -55.07 45.47
C TYR D 97 -13.12 -55.50 46.57
N LEU D 98 -14.39 -55.73 46.18
CA LEU D 98 -15.43 -56.22 47.08
C LEU D 98 -15.08 -57.68 47.41
N SER D 99 -14.90 -57.96 48.72
CA SER D 99 -14.52 -59.22 49.40
C SER D 99 -14.82 -60.56 48.72
N SER D 100 -16.12 -60.87 48.52
CA SER D 100 -16.62 -62.12 47.93
C SER D 100 -16.46 -62.23 46.39
N TYR D 101 -15.96 -61.16 45.74
CA TYR D 101 -15.83 -61.07 44.29
C TYR D 101 -14.39 -61.04 43.77
N MET D 102 -14.21 -61.55 42.53
CA MET D 102 -12.96 -61.55 41.79
C MET D 102 -12.59 -60.08 41.50
N TYR D 103 -11.30 -59.75 41.57
CA TYR D 103 -10.83 -58.37 41.31
C TYR D 103 -11.06 -57.96 39.84
N THR D 104 -11.47 -56.71 39.61
CA THR D 104 -11.69 -56.17 38.27
C THR D 104 -11.19 -54.78 38.21
N PHE D 105 -10.82 -54.36 37.01
CA PHE D 105 -10.34 -53.03 36.70
C PHE D 105 -11.18 -52.43 35.58
N GLY D 106 -11.29 -51.12 35.57
CA GLY D 106 -11.91 -50.37 34.49
C GLY D 106 -10.88 -50.30 33.38
N GLY D 107 -11.34 -49.97 32.16
CA GLY D 107 -10.49 -49.89 30.99
C GLY D 107 -9.44 -48.79 31.01
N GLY D 108 -9.66 -47.79 31.87
CA GLY D 108 -8.79 -46.64 32.06
C GLY D 108 -9.19 -45.42 31.25
N THR D 109 -8.99 -44.22 31.84
CA THR D 109 -9.17 -42.94 31.16
C THR D 109 -7.82 -42.29 30.95
N LYS D 110 -7.47 -42.06 29.66
CA LYS D 110 -6.19 -41.45 29.30
C LYS D 110 -6.28 -39.94 29.38
N LEU D 111 -5.62 -39.36 30.35
CA LEU D 111 -5.63 -37.90 30.50
C LEU D 111 -4.46 -37.32 29.72
N GLU D 112 -4.74 -36.58 28.67
CA GLU D 112 -3.72 -35.90 27.87
C GLU D 112 -3.75 -34.39 28.14
N ILE D 113 -2.62 -33.69 27.95
CA ILE D 113 -2.56 -32.25 28.23
C ILE D 113 -2.87 -31.42 26.99
N LYS D 114 -3.77 -30.42 27.13
CA LYS D 114 -4.17 -29.48 26.07
C LYS D 114 -3.21 -28.29 26.10
N ARG D 115 -2.78 -27.84 24.91
CA ARG D 115 -1.82 -26.75 24.73
C ARG D 115 -2.07 -26.01 23.41
N ALA D 116 -1.32 -24.91 23.16
CA ALA D 116 -1.45 -24.12 21.92
C ALA D 116 -1.02 -24.93 20.72
N ASP D 117 -1.74 -24.80 19.61
CA ASP D 117 -1.45 -25.53 18.38
C ASP D 117 -0.03 -25.22 17.90
N ALA D 118 0.70 -26.25 17.49
CA ALA D 118 2.10 -26.14 17.07
C ALA D 118 2.27 -26.91 15.78
N ALA D 119 2.89 -26.28 14.76
CA ALA D 119 3.10 -26.88 13.45
C ALA D 119 4.27 -27.85 13.43
N PRO D 120 4.23 -28.91 12.59
CA PRO D 120 5.34 -29.85 12.57
C PRO D 120 6.56 -29.35 11.81
N THR D 121 7.72 -29.83 12.21
CA THR D 121 8.99 -29.55 11.55
C THR D 121 9.26 -30.84 10.78
N VAL D 122 9.12 -30.75 9.46
CA VAL D 122 9.25 -31.90 8.55
C VAL D 122 10.64 -32.07 8.01
N SER D 123 11.15 -33.32 8.05
CA SER D 123 12.47 -33.71 7.60
C SER D 123 12.32 -34.99 6.79
N ILE D 124 12.96 -35.04 5.61
CA ILE D 124 12.95 -36.19 4.71
C ILE D 124 14.36 -36.81 4.64
N PHE D 125 14.40 -38.15 4.60
CA PHE D 125 15.65 -38.89 4.56
C PHE D 125 15.66 -39.95 3.49
N PRO D 126 16.63 -39.87 2.56
CA PRO D 126 16.77 -40.92 1.54
C PRO D 126 17.31 -42.23 2.13
N PRO D 127 17.10 -43.38 1.45
CA PRO D 127 17.62 -44.66 1.98
C PRO D 127 19.12 -44.64 2.20
N SER D 128 19.57 -45.25 3.30
CA SER D 128 21.01 -45.31 3.61
C SER D 128 21.75 -46.21 2.61
N SER D 129 23.07 -45.97 2.49
CA SER D 129 23.99 -46.72 1.62
C SER D 129 23.93 -48.21 1.98
N GLU D 130 24.07 -48.51 3.28
CA GLU D 130 24.04 -49.88 3.80
C GLU D 130 22.69 -50.58 3.61
N GLN D 131 21.57 -49.84 3.58
CA GLN D 131 20.26 -50.43 3.35
C GLN D 131 20.13 -50.87 1.89
N LEU D 132 20.51 -49.98 0.96
CA LEU D 132 20.51 -50.27 -0.49
C LEU D 132 21.40 -51.48 -0.79
N THR D 133 22.55 -51.59 -0.08
CA THR D 133 23.51 -52.70 -0.11
C THR D 133 22.80 -54.07 0.13
N SER D 134 21.77 -54.09 1.02
CA SER D 134 21.00 -55.28 1.38
C SER D 134 19.77 -55.58 0.48
N GLY D 135 19.46 -54.69 -0.45
CA GLY D 135 18.35 -54.86 -1.38
C GLY D 135 17.07 -54.08 -1.08
N GLY D 136 17.02 -53.44 0.10
CA GLY D 136 15.88 -52.64 0.52
C GLY D 136 16.12 -51.15 0.43
N ALA D 137 15.03 -50.35 0.43
CA ALA D 137 15.10 -48.90 0.35
C ALA D 137 13.93 -48.23 1.07
N SER D 138 14.19 -47.72 2.28
CA SER D 138 13.19 -47.02 3.08
C SER D 138 13.43 -45.52 3.10
N VAL D 139 12.41 -44.77 2.70
CA VAL D 139 12.42 -43.32 2.72
C VAL D 139 11.66 -42.92 3.98
N VAL D 140 12.27 -42.10 4.85
CA VAL D 140 11.69 -41.71 6.14
C VAL D 140 11.35 -40.21 6.18
N CYS D 141 10.21 -39.89 6.81
CA CYS D 141 9.76 -38.55 7.10
C CYS D 141 9.45 -38.42 8.57
N PHE D 142 10.09 -37.44 9.22
CA PHE D 142 9.83 -37.13 10.61
C PHE D 142 9.02 -35.84 10.62
N LEU D 143 7.90 -35.85 11.34
CA LEU D 143 7.01 -34.71 11.53
C LEU D 143 7.17 -34.48 13.03
N ASN D 144 8.02 -33.53 13.42
CA ASN D 144 8.34 -33.29 14.81
C ASN D 144 7.71 -32.09 15.47
N ASN D 145 7.36 -32.26 16.79
CA ASN D 145 6.81 -31.28 17.71
C ASN D 145 5.58 -30.53 17.25
N PHE D 146 4.53 -31.31 16.95
CA PHE D 146 3.27 -30.73 16.52
C PHE D 146 2.19 -30.93 17.58
N TYR D 147 1.07 -30.23 17.44
CA TYR D 147 -0.10 -30.30 18.31
C TYR D 147 -1.22 -29.66 17.52
N PRO D 148 -2.43 -30.27 17.38
CA PRO D 148 -2.93 -31.52 17.99
C PRO D 148 -2.34 -32.76 17.33
N LYS D 149 -2.62 -33.96 17.91
CA LYS D 149 -2.12 -35.26 17.41
C LYS D 149 -2.55 -35.55 15.95
N ASP D 150 -3.72 -35.06 15.54
CA ASP D 150 -4.24 -35.33 14.18
C ASP D 150 -3.38 -34.68 13.10
N ILE D 151 -2.83 -35.51 12.22
CA ILE D 151 -1.95 -35.11 11.13
C ILE D 151 -2.08 -36.11 9.98
N ASN D 152 -1.89 -35.67 8.75
CA ASN D 152 -1.93 -36.52 7.57
C ASN D 152 -0.62 -36.45 6.78
N VAL D 153 -0.15 -37.61 6.29
CA VAL D 153 1.05 -37.72 5.47
C VAL D 153 0.71 -38.43 4.14
N LYS D 154 1.05 -37.80 3.03
CA LYS D 154 0.91 -38.39 1.70
C LYS D 154 2.29 -38.44 1.05
N TRP D 155 2.61 -39.58 0.46
CA TRP D 155 3.89 -39.79 -0.20
C TRP D 155 3.70 -39.69 -1.71
N LYS D 156 4.60 -38.98 -2.38
CA LYS D 156 4.54 -38.82 -3.82
C LYS D 156 5.85 -39.22 -4.48
N ILE D 157 5.74 -40.08 -5.50
CA ILE D 157 6.88 -40.61 -6.27
C ILE D 157 6.68 -40.15 -7.70
N ASP D 158 7.55 -39.22 -8.14
CA ASP D 158 7.51 -38.62 -9.49
C ASP D 158 6.12 -37.99 -9.79
N GLY D 159 5.55 -37.34 -8.76
CA GLY D 159 4.26 -36.66 -8.80
C GLY D 159 3.06 -37.50 -8.42
N SER D 160 3.16 -38.85 -8.54
CA SER D 160 2.08 -39.78 -8.24
C SER D 160 2.06 -40.20 -6.78
N GLU D 161 0.87 -40.12 -6.14
CA GLU D 161 0.66 -40.53 -4.75
C GLU D 161 0.77 -42.05 -4.63
N ARG D 162 1.57 -42.50 -3.66
CA ARG D 162 1.82 -43.90 -3.35
C ARG D 162 1.06 -44.28 -2.07
N GLN D 163 0.38 -45.44 -2.08
CA GLN D 163 -0.40 -45.96 -0.93
C GLN D 163 -0.07 -47.43 -0.57
N ASN D 164 1.07 -47.94 -1.07
CA ASN D 164 1.57 -49.28 -0.81
C ASN D 164 2.94 -49.23 -0.11
N GLY D 165 2.98 -49.77 1.11
CA GLY D 165 4.21 -49.87 1.89
C GLY D 165 4.62 -48.68 2.74
N VAL D 166 3.64 -48.02 3.39
CA VAL D 166 3.89 -46.89 4.28
C VAL D 166 3.40 -47.20 5.69
N LEU D 167 4.26 -46.97 6.69
CA LEU D 167 3.89 -47.17 8.07
C LEU D 167 4.13 -45.93 8.88
N ASN D 168 3.13 -45.53 9.69
CA ASN D 168 3.18 -44.31 10.50
C ASN D 168 3.13 -44.62 11.97
N SER D 169 3.98 -43.94 12.73
CA SER D 169 4.12 -44.12 14.17
C SER D 169 4.17 -42.80 14.90
N TRP D 170 3.28 -42.63 15.91
CA TRP D 170 3.21 -41.44 16.76
C TRP D 170 3.92 -41.69 18.06
N THR D 171 4.56 -40.66 18.54
CA THR D 171 5.21 -40.59 19.82
C THR D 171 4.07 -40.32 20.86
N ASP D 172 4.34 -40.49 22.15
CA ASP D 172 3.38 -40.10 23.18
C ASP D 172 3.59 -38.60 23.44
N GLN D 173 2.68 -37.93 24.13
CA GLN D 173 2.87 -36.50 24.40
C GLN D 173 4.19 -36.23 25.10
N ASP D 174 4.95 -35.23 24.61
CA ASP D 174 6.23 -34.88 25.19
C ASP D 174 6.10 -34.50 26.69
N SER D 175 7.06 -34.95 27.54
CA SER D 175 7.06 -34.68 28.99
C SER D 175 7.27 -33.19 29.21
N LYS D 176 8.07 -32.57 28.33
CA LYS D 176 8.46 -31.16 28.40
C LYS D 176 7.53 -30.18 27.70
N ASP D 177 7.20 -30.41 26.40
CA ASP D 177 6.35 -29.46 25.67
C ASP D 177 4.94 -29.91 25.23
N SER D 178 4.46 -31.08 25.70
CA SER D 178 3.12 -31.63 25.46
C SER D 178 2.76 -31.84 23.98
N THR D 179 3.76 -31.90 23.12
CA THR D 179 3.51 -32.02 21.70
C THR D 179 3.69 -33.43 21.31
N TYR D 180 3.32 -33.74 20.06
CA TYR D 180 3.44 -35.04 19.45
C TYR D 180 4.47 -34.99 18.32
N SER D 181 4.98 -36.17 17.93
CA SER D 181 5.92 -36.34 16.82
C SER D 181 5.49 -37.60 16.12
N MET D 182 5.81 -37.70 14.84
CA MET D 182 5.39 -38.82 14.03
C MET D 182 6.45 -39.12 12.97
N SER D 183 6.64 -40.40 12.73
CA SER D 183 7.57 -40.92 11.76
C SER D 183 6.78 -41.72 10.72
N SER D 184 6.97 -41.38 9.44
CA SER D 184 6.35 -42.01 8.27
C SER D 184 7.47 -42.67 7.46
N THR D 185 7.31 -43.96 7.16
CA THR D 185 8.33 -44.73 6.45
C THR D 185 7.76 -45.42 5.23
N LEU D 186 8.24 -45.02 4.04
CA LEU D 186 7.88 -45.60 2.74
C LEU D 186 8.95 -46.67 2.44
N THR D 187 8.55 -47.93 2.37
CA THR D 187 9.50 -49.00 2.08
C THR D 187 9.28 -49.57 0.68
N LEU D 188 10.34 -49.53 -0.12
CA LEU D 188 10.41 -50.02 -1.49
C LEU D 188 11.61 -50.94 -1.58
N THR D 189 11.70 -51.71 -2.66
CA THR D 189 12.85 -52.55 -2.93
C THR D 189 13.90 -51.60 -3.55
N LYS D 190 15.19 -52.01 -3.59
CA LYS D 190 16.26 -51.20 -4.20
C LYS D 190 15.90 -50.91 -5.67
N ASP D 191 15.36 -51.93 -6.39
CA ASP D 191 14.96 -51.84 -7.80
C ASP D 191 13.84 -50.85 -8.05
N GLU D 192 12.75 -50.91 -7.25
CA GLU D 192 11.59 -50.01 -7.33
C GLU D 192 12.06 -48.57 -7.04
N TYR D 193 13.00 -48.42 -6.08
CA TYR D 193 13.56 -47.12 -5.70
C TYR D 193 14.39 -46.49 -6.83
N GLU D 194 15.24 -47.29 -7.48
CA GLU D 194 16.10 -46.84 -8.57
C GLU D 194 15.37 -46.54 -9.88
N ARG D 195 14.11 -47.01 -10.00
CA ARG D 195 13.25 -46.79 -11.17
C ARG D 195 12.67 -45.37 -11.22
N HIS D 196 12.65 -44.67 -10.07
CA HIS D 196 12.13 -43.31 -9.96
C HIS D 196 13.16 -42.31 -9.49
N ASN D 197 12.85 -41.00 -9.60
CA ASN D 197 13.78 -39.93 -9.27
C ASN D 197 13.38 -39.07 -8.06
N SER D 198 12.16 -38.51 -8.08
CA SER D 198 11.62 -37.58 -7.09
C SER D 198 10.78 -38.25 -6.01
N TYR D 199 11.13 -37.99 -4.75
CA TYR D 199 10.43 -38.55 -3.57
C TYR D 199 10.00 -37.40 -2.69
N THR D 200 8.71 -37.30 -2.46
CA THR D 200 8.11 -36.21 -1.70
C THR D 200 7.20 -36.74 -0.61
N CYS D 201 7.22 -36.06 0.52
CA CYS D 201 6.31 -36.36 1.59
C CYS D 201 5.62 -35.05 1.98
N GLU D 202 4.29 -35.05 2.00
CA GLU D 202 3.50 -33.86 2.30
C GLU D 202 2.70 -34.05 3.57
N ALA D 203 2.85 -33.12 4.50
CA ALA D 203 2.16 -33.12 5.79
C ALA D 203 1.03 -32.11 5.85
N THR D 204 -0.17 -32.56 6.23
CA THR D 204 -1.31 -31.68 6.42
C THR D 204 -1.67 -31.66 7.91
N HIS D 205 -1.72 -30.45 8.49
CA HIS D 205 -2.02 -30.22 9.90
C HIS D 205 -2.89 -28.99 10.05
N LYS D 206 -3.74 -28.97 11.11
CA LYS D 206 -4.66 -27.90 11.53
C LYS D 206 -4.08 -26.48 11.40
N THR D 207 -2.75 -26.37 11.64
CA THR D 207 -1.95 -25.14 11.68
C THR D 207 -1.83 -24.42 10.37
N SER D 208 -1.82 -25.15 9.24
CA SER D 208 -1.74 -24.50 7.93
C SER D 208 -2.65 -25.15 6.93
N THR D 209 -3.30 -24.32 6.13
CA THR D 209 -4.20 -24.75 5.07
C THR D 209 -3.38 -25.25 3.88
N SER D 210 -2.07 -25.00 3.91
CA SER D 210 -1.10 -25.41 2.90
C SER D 210 -0.24 -26.59 3.46
N PRO D 211 -0.08 -27.68 2.69
CA PRO D 211 0.74 -28.80 3.19
C PRO D 211 2.21 -28.45 3.34
N ILE D 212 2.88 -29.03 4.34
CA ILE D 212 4.32 -28.83 4.49
C ILE D 212 4.93 -29.91 3.60
N VAL D 213 5.71 -29.47 2.63
CA VAL D 213 6.30 -30.35 1.62
C VAL D 213 7.82 -30.44 1.75
N LYS D 214 8.33 -31.67 1.77
CA LYS D 214 9.76 -31.98 1.81
C LYS D 214 10.03 -33.03 0.76
N SER D 215 11.04 -32.80 -0.05
CA SER D 215 11.36 -33.72 -1.12
C SER D 215 12.86 -33.83 -1.37
N PHE D 216 13.24 -34.81 -2.19
CA PHE D 216 14.59 -35.02 -2.66
C PHE D 216 14.58 -35.73 -4.00
N ASN D 217 15.65 -35.53 -4.76
CA ASN D 217 15.89 -36.17 -6.04
C ASN D 217 17.16 -37.00 -5.89
N ARG D 218 17.19 -38.18 -6.52
CA ARG D 218 18.33 -39.09 -6.49
C ARG D 218 19.50 -38.59 -7.39
N ASN D 219 19.97 -37.32 -7.17
CA ASN D 219 21.04 -36.62 -7.91
C ASN D 219 21.23 -35.20 -7.38
N GLU E 1 3.23 15.96 -14.88
CA GLU E 1 2.55 14.69 -14.63
C GLU E 1 1.15 14.70 -15.22
N VAL E 2 0.92 13.83 -16.21
CA VAL E 2 -0.39 13.71 -16.89
C VAL E 2 -1.50 13.21 -15.97
N GLN E 3 -2.52 14.04 -15.73
CA GLN E 3 -3.68 13.75 -14.90
C GLN E 3 -4.99 14.00 -15.65
N LEU E 4 -5.90 13.02 -15.64
CA LEU E 4 -7.22 13.05 -16.28
C LEU E 4 -8.24 12.72 -15.18
N VAL E 5 -9.08 13.70 -14.77
CA VAL E 5 -10.02 13.51 -13.67
C VAL E 5 -11.48 13.65 -14.11
N GLU E 6 -12.17 12.51 -14.25
CA GLU E 6 -13.58 12.50 -14.64
C GLU E 6 -14.48 12.75 -13.45
N SER E 7 -15.64 13.35 -13.72
CA SER E 7 -16.67 13.64 -12.74
C SER E 7 -18.02 13.69 -13.44
N GLY E 8 -19.10 13.64 -12.66
CA GLY E 8 -20.44 13.74 -13.23
C GLY E 8 -21.29 12.51 -13.16
N GLY E 9 -20.65 11.35 -13.02
CA GLY E 9 -21.28 10.04 -12.93
C GLY E 9 -22.38 10.02 -11.88
N ASP E 10 -23.50 9.35 -12.19
CA ASP E 10 -24.67 9.32 -11.32
C ASP E 10 -25.65 8.23 -11.74
N LEU E 11 -26.71 8.06 -10.93
CA LEU E 11 -27.86 7.19 -11.17
C LEU E 11 -28.81 8.07 -11.97
N VAL E 12 -29.18 7.61 -13.17
CA VAL E 12 -30.09 8.32 -14.06
C VAL E 12 -31.22 7.38 -14.45
N LYS E 13 -32.46 7.91 -14.51
CA LYS E 13 -33.64 7.17 -14.96
C LYS E 13 -33.48 6.92 -16.48
N PRO E 14 -33.90 5.73 -17.01
CA PRO E 14 -33.86 5.54 -18.48
C PRO E 14 -34.62 6.64 -19.19
N GLY E 15 -34.01 7.17 -20.25
CA GLY E 15 -34.55 8.25 -21.04
C GLY E 15 -34.01 9.62 -20.67
N GLY E 16 -33.23 9.67 -19.59
CA GLY E 16 -32.66 10.87 -19.01
C GLY E 16 -31.38 11.36 -19.66
N SER E 17 -30.83 12.42 -19.06
CA SER E 17 -29.61 13.10 -19.51
C SER E 17 -28.61 13.20 -18.37
N LEU E 18 -27.32 13.36 -18.72
CA LEU E 18 -26.24 13.51 -17.77
C LEU E 18 -25.06 14.08 -18.52
N LYS E 19 -24.33 14.98 -17.87
CA LYS E 19 -23.13 15.57 -18.47
C LYS E 19 -21.90 15.17 -17.67
N LEU E 20 -20.98 14.46 -18.32
CA LEU E 20 -19.71 14.08 -17.72
C LEU E 20 -18.64 15.13 -18.05
N SER E 21 -17.73 15.37 -17.13
CA SER E 21 -16.61 16.32 -17.25
C SER E 21 -15.29 15.62 -16.99
N CYS E 22 -14.23 16.08 -17.62
CA CYS E 22 -12.91 15.53 -17.45
C CYS E 22 -11.94 16.67 -17.40
N ALA E 23 -11.32 16.89 -16.22
CA ALA E 23 -10.32 17.92 -15.98
C ALA E 23 -8.93 17.33 -16.31
N ALA E 24 -8.24 17.89 -17.30
CA ALA E 24 -6.93 17.45 -17.79
C ALA E 24 -5.78 18.39 -17.36
N SER E 25 -4.63 17.83 -16.96
CA SER E 25 -3.48 18.63 -16.54
C SER E 25 -2.18 17.92 -16.84
N GLY E 26 -1.06 18.67 -16.87
CA GLY E 26 0.28 18.11 -17.08
C GLY E 26 0.68 17.87 -18.52
N PHE E 27 -0.08 18.46 -19.47
CA PHE E 27 0.20 18.44 -20.91
C PHE E 27 -0.52 19.60 -21.56
N THR E 28 -0.06 20.01 -22.77
CA THR E 28 -0.71 21.08 -23.55
C THR E 28 -1.98 20.48 -24.13
N PHE E 29 -3.09 20.57 -23.38
CA PHE E 29 -4.37 19.98 -23.72
C PHE E 29 -4.87 20.32 -25.14
N SER E 30 -4.57 21.50 -25.62
CA SER E 30 -5.05 21.93 -26.92
C SER E 30 -4.31 21.29 -28.12
N SER E 31 -3.22 20.53 -27.85
CA SER E 31 -2.41 19.85 -28.88
C SER E 31 -2.82 18.36 -29.01
N TYR E 32 -3.79 17.87 -28.18
CA TYR E 32 -4.22 16.47 -28.23
C TYR E 32 -5.69 16.34 -28.40
N GLY E 33 -6.06 15.32 -29.17
CA GLY E 33 -7.44 14.88 -29.33
C GLY E 33 -7.81 14.16 -28.04
N MET E 34 -9.08 14.03 -27.72
CA MET E 34 -9.49 13.33 -26.48
C MET E 34 -10.60 12.40 -26.80
N SER E 35 -10.79 11.35 -26.04
CA SER E 35 -11.91 10.42 -26.29
C SER E 35 -12.54 9.95 -25.02
N TRP E 36 -13.68 9.29 -25.15
CA TRP E 36 -14.37 8.62 -24.07
C TRP E 36 -14.45 7.16 -24.44
N VAL E 37 -14.13 6.30 -23.48
CA VAL E 37 -14.20 4.85 -23.59
C VAL E 37 -14.94 4.38 -22.37
N ARG E 38 -15.91 3.50 -22.55
CA ARG E 38 -16.66 2.97 -21.43
C ARG E 38 -16.37 1.47 -21.19
N GLN E 39 -16.44 1.04 -19.92
CA GLN E 39 -16.26 -0.34 -19.54
C GLN E 39 -17.51 -0.85 -18.88
N THR E 40 -18.15 -1.80 -19.56
CA THR E 40 -19.42 -2.44 -19.19
C THR E 40 -19.24 -3.45 -18.05
N PRO E 41 -20.31 -3.84 -17.34
CA PRO E 41 -20.13 -4.82 -16.23
C PRO E 41 -19.43 -6.15 -16.58
N ASP E 42 -19.53 -6.61 -17.85
CA ASP E 42 -18.87 -7.81 -18.41
C ASP E 42 -17.33 -7.58 -18.62
N LYS E 43 -16.87 -6.36 -18.30
CA LYS E 43 -15.49 -5.90 -18.37
C LYS E 43 -15.01 -5.54 -19.79
N ARG E 44 -15.93 -5.53 -20.79
CA ARG E 44 -15.64 -5.13 -22.16
C ARG E 44 -15.39 -3.63 -22.26
N LEU E 45 -14.41 -3.25 -23.08
CA LEU E 45 -14.00 -1.86 -23.35
C LEU E 45 -14.66 -1.41 -24.66
N GLU E 46 -15.34 -0.28 -24.61
CA GLU E 46 -16.12 0.22 -25.75
C GLU E 46 -15.88 1.72 -26.05
N TRP E 47 -15.32 2.02 -27.22
CA TRP E 47 -15.08 3.39 -27.62
C TRP E 47 -16.42 4.14 -27.80
N VAL E 48 -16.57 5.31 -27.16
CA VAL E 48 -17.80 6.10 -27.11
C VAL E 48 -17.79 7.34 -28.03
N ALA E 49 -16.70 8.14 -28.04
CA ALA E 49 -16.60 9.34 -28.84
C ALA E 49 -15.20 9.87 -28.81
N THR E 50 -14.77 10.49 -29.91
CA THR E 50 -13.51 11.24 -29.96
C THR E 50 -13.72 12.63 -30.51
N ILE E 51 -12.83 13.58 -30.08
CA ILE E 51 -12.81 14.98 -30.49
C ILE E 51 -11.37 15.44 -30.73
N SER E 52 -11.10 16.02 -31.89
CA SER E 52 -9.76 16.48 -32.23
C SER E 52 -9.23 17.53 -31.27
N SER E 53 -7.90 17.80 -31.29
CA SER E 53 -7.22 18.82 -30.47
C SER E 53 -8.02 20.08 -30.34
N GLY E 54 -8.49 20.63 -31.47
CA GLY E 54 -9.21 21.91 -31.54
C GLY E 54 -10.70 21.94 -31.28
N GLY E 55 -11.39 20.80 -31.37
CA GLY E 55 -12.83 20.71 -31.24
C GLY E 55 -13.53 20.68 -32.59
N ASN E 56 -12.75 20.61 -33.69
CA ASN E 56 -13.23 20.69 -35.08
C ASN E 56 -13.76 19.40 -35.64
N TYR E 57 -13.13 18.27 -35.29
CA TYR E 57 -13.52 16.98 -35.82
C TYR E 57 -14.05 16.13 -34.71
N ILE E 58 -15.23 15.55 -34.94
CA ILE E 58 -15.94 14.72 -34.00
C ILE E 58 -16.27 13.38 -34.62
N TYR E 59 -16.09 12.31 -33.83
CA TYR E 59 -16.30 10.93 -34.26
C TYR E 59 -17.14 10.19 -33.26
N TYR E 60 -18.15 9.43 -33.74
CA TYR E 60 -19.02 8.60 -32.89
C TYR E 60 -19.22 7.20 -33.45
N PRO E 61 -19.35 6.18 -32.57
CA PRO E 61 -19.80 4.88 -33.05
C PRO E 61 -21.35 4.88 -33.17
N ASP E 62 -21.90 3.92 -33.94
CA ASP E 62 -23.34 3.76 -34.16
C ASP E 62 -24.21 3.63 -32.88
N THR E 63 -23.62 3.10 -31.79
CA THR E 63 -24.30 2.86 -30.50
C THR E 63 -24.69 4.15 -29.75
N VAL E 64 -24.02 5.26 -30.03
CA VAL E 64 -24.10 6.49 -29.26
C VAL E 64 -24.43 7.76 -30.07
N LYS E 65 -24.16 7.73 -31.38
CA LYS E 65 -24.47 8.83 -32.28
C LYS E 65 -25.99 9.25 -32.15
N GLY E 66 -26.24 10.57 -32.18
CA GLY E 66 -27.57 11.14 -32.03
C GLY E 66 -28.11 11.18 -30.60
N ARG E 67 -27.35 10.64 -29.64
CA ARG E 67 -27.72 10.61 -28.22
C ARG E 67 -26.65 11.34 -27.39
N PHE E 68 -25.36 11.10 -27.70
CA PHE E 68 -24.26 11.70 -26.96
C PHE E 68 -23.57 12.73 -27.80
N THR E 69 -23.01 13.74 -27.13
CA THR E 69 -22.32 14.84 -27.76
C THR E 69 -21.05 15.06 -27.00
N ILE E 70 -19.91 14.90 -27.72
CA ILE E 70 -18.59 15.14 -27.15
C ILE E 70 -18.30 16.60 -27.42
N SER E 71 -17.60 17.26 -26.47
CA SER E 71 -17.21 18.67 -26.60
C SER E 71 -16.06 18.91 -25.68
N ARG E 72 -15.39 20.05 -25.81
CA ARG E 72 -14.23 20.42 -25.01
C ARG E 72 -14.16 21.93 -24.89
N ASP E 73 -13.48 22.41 -23.86
CA ASP E 73 -13.23 23.82 -23.68
C ASP E 73 -11.73 23.94 -23.40
N ASN E 74 -10.94 24.24 -24.43
CA ASN E 74 -9.48 24.32 -24.29
C ASN E 74 -9.00 25.40 -23.32
N ALA E 75 -9.87 26.40 -23.00
CA ALA E 75 -9.58 27.49 -22.08
C ALA E 75 -9.81 27.06 -20.62
N LYS E 76 -10.64 26.03 -20.41
CA LYS E 76 -10.98 25.47 -19.10
C LYS E 76 -10.26 24.16 -18.85
N ASN E 77 -9.50 23.63 -19.88
CA ASN E 77 -8.75 22.37 -19.87
C ASN E 77 -9.69 21.21 -19.52
N THR E 78 -10.89 21.24 -20.10
CA THR E 78 -11.95 20.28 -19.81
C THR E 78 -12.51 19.66 -21.04
N LEU E 79 -12.85 18.36 -20.92
CA LEU E 79 -13.52 17.53 -21.93
C LEU E 79 -14.92 17.24 -21.38
N TYR E 80 -15.95 17.24 -22.24
CA TYR E 80 -17.33 16.96 -21.81
C TYR E 80 -18.00 15.84 -22.58
N LEU E 81 -19.01 15.21 -21.95
CA LEU E 81 -19.84 14.20 -22.63
C LEU E 81 -21.25 14.43 -22.21
N GLN E 82 -22.06 15.00 -23.14
CA GLN E 82 -23.47 15.22 -22.87
C GLN E 82 -24.22 13.98 -23.34
N MET E 83 -24.81 13.25 -22.40
CA MET E 83 -25.56 12.02 -22.66
C MET E 83 -27.02 12.31 -22.55
N SER E 84 -27.81 11.82 -23.50
CA SER E 84 -29.27 11.98 -23.49
C SER E 84 -29.91 10.67 -23.99
N SER E 85 -31.23 10.50 -23.81
CA SER E 85 -31.96 9.28 -24.17
C SER E 85 -31.22 8.08 -23.62
N LEU E 86 -30.78 8.19 -22.37
CA LEU E 86 -29.98 7.16 -21.69
C LEU E 86 -30.77 5.86 -21.55
N LYS E 87 -30.12 4.73 -21.82
CA LYS E 87 -30.72 3.41 -21.67
C LYS E 87 -29.87 2.54 -20.76
N SER E 88 -30.43 1.44 -20.18
CA SER E 88 -29.68 0.59 -19.25
C SER E 88 -28.36 0.06 -19.79
N GLU E 89 -28.29 -0.23 -21.10
CA GLU E 89 -27.07 -0.71 -21.73
C GLU E 89 -25.95 0.40 -21.81
N ASP E 90 -26.26 1.61 -21.29
CA ASP E 90 -25.30 2.71 -21.20
C ASP E 90 -24.60 2.68 -19.81
N THR E 91 -25.06 1.79 -18.88
CA THR E 91 -24.49 1.61 -17.53
C THR E 91 -23.06 1.08 -17.70
N ALA E 92 -22.09 1.83 -17.17
CA ALA E 92 -20.67 1.51 -17.31
C ALA E 92 -19.82 2.52 -16.60
N MET E 93 -18.52 2.21 -16.55
CA MET E 93 -17.48 3.10 -16.04
C MET E 93 -17.06 3.90 -17.26
N TYR E 94 -17.08 5.21 -17.16
CA TYR E 94 -16.72 6.05 -18.30
C TYR E 94 -15.37 6.63 -18.12
N TYR E 95 -14.45 6.30 -19.05
CA TYR E 95 -13.09 6.82 -19.00
C TYR E 95 -12.86 7.88 -20.02
N CYS E 96 -12.11 8.86 -19.59
CA CYS E 96 -11.64 9.98 -20.37
C CYS E 96 -10.24 9.59 -20.79
N THR E 97 -9.94 9.73 -22.09
CA THR E 97 -8.63 9.29 -22.56
C THR E 97 -7.92 10.31 -23.46
N ARG E 98 -6.60 10.34 -23.37
CA ARG E 98 -5.83 11.26 -24.18
C ARG E 98 -5.31 10.50 -25.34
N GLU E 99 -5.62 10.99 -26.51
CA GLU E 99 -5.19 10.47 -27.78
C GLU E 99 -3.66 10.80 -27.87
N GLY E 100 -2.82 9.77 -28.04
CA GLY E 100 -1.36 9.92 -28.02
C GLY E 100 -0.71 10.71 -29.15
N ALA E 101 -1.34 10.76 -30.32
CA ALA E 101 -0.84 11.49 -31.48
C ALA E 101 -0.92 13.01 -31.27
N TYR E 102 0.19 13.69 -31.52
CA TYR E 102 0.31 15.12 -31.44
C TYR E 102 -0.55 15.73 -32.57
N SER E 103 -1.52 16.58 -32.14
CA SER E 103 -2.54 17.29 -32.93
C SER E 103 -3.32 16.37 -33.88
N GLY E 104 -3.25 16.62 -35.18
CA GLY E 104 -3.96 15.84 -36.17
C GLY E 104 -3.37 14.47 -36.44
N SER E 105 -2.04 14.43 -36.70
CA SER E 105 -1.25 13.24 -37.09
C SER E 105 -1.70 11.88 -36.50
N SER E 106 -1.57 10.81 -37.29
CA SER E 106 -1.90 9.46 -36.86
C SER E 106 -0.58 8.76 -36.49
N SER E 107 -0.63 7.53 -35.88
CA SER E 107 0.51 6.67 -35.49
C SER E 107 0.44 6.17 -34.07
N TYR E 108 0.03 7.05 -33.16
CA TYR E 108 -0.05 6.72 -31.75
C TYR E 108 -1.50 6.43 -31.29
N PRO E 109 -1.67 5.41 -30.38
CA PRO E 109 -3.00 5.14 -29.81
C PRO E 109 -3.26 6.04 -28.59
N MET E 110 -4.46 5.96 -27.98
CA MET E 110 -4.79 6.69 -26.75
C MET E 110 -3.83 6.21 -25.66
N ASP E 111 -3.08 7.12 -25.01
CA ASP E 111 -2.06 6.70 -24.04
C ASP E 111 -2.39 6.87 -22.55
N TYR E 112 -3.05 7.93 -22.14
CA TYR E 112 -3.45 8.05 -20.74
C TYR E 112 -4.93 7.89 -20.59
N TRP E 113 -5.37 7.24 -19.51
CA TRP E 113 -6.77 7.03 -19.17
C TRP E 113 -6.98 7.62 -17.81
N GLY E 114 -8.16 8.16 -17.55
CA GLY E 114 -8.45 8.70 -16.23
C GLY E 114 -8.89 7.61 -15.28
N GLN E 115 -9.40 7.97 -14.09
CA GLN E 115 -9.86 6.93 -13.17
C GLN E 115 -11.28 6.43 -13.43
N GLY E 116 -12.05 7.16 -14.24
CA GLY E 116 -13.44 6.88 -14.58
C GLY E 116 -14.47 7.44 -13.61
N THR E 117 -15.71 7.59 -14.10
CA THR E 117 -16.91 7.90 -13.31
C THR E 117 -17.93 6.85 -13.71
N SER E 118 -18.61 6.27 -12.73
CA SER E 118 -19.62 5.29 -13.09
C SER E 118 -20.96 5.95 -13.22
N VAL E 119 -21.69 5.48 -14.24
CA VAL E 119 -23.00 5.92 -14.64
C VAL E 119 -23.90 4.69 -14.54
N THR E 120 -25.00 4.83 -13.82
CA THR E 120 -25.99 3.75 -13.69
C THR E 120 -27.29 4.24 -14.30
N VAL E 121 -27.78 3.52 -15.30
CA VAL E 121 -29.06 3.88 -15.91
C VAL E 121 -30.01 2.84 -15.43
N SER E 122 -30.93 3.24 -14.52
CA SER E 122 -31.94 2.40 -13.86
C SER E 122 -33.14 3.19 -13.38
N SER E 123 -34.29 2.50 -13.27
CA SER E 123 -35.53 3.07 -12.78
C SER E 123 -35.66 2.82 -11.26
N ALA E 124 -34.73 2.02 -10.71
CA ALA E 124 -34.65 1.71 -9.27
C ALA E 124 -34.20 2.94 -8.46
N LYS E 125 -34.89 3.19 -7.34
CA LYS E 125 -34.67 4.31 -6.41
C LYS E 125 -33.44 4.06 -5.52
N THR E 126 -32.65 5.12 -5.26
CA THR E 126 -31.48 5.09 -4.39
C THR E 126 -31.94 4.69 -2.99
N THR E 127 -31.29 3.67 -2.42
CA THR E 127 -31.66 3.14 -1.10
C THR E 127 -30.38 3.03 -0.22
N PRO E 128 -30.39 3.52 1.04
CA PRO E 128 -29.21 3.38 1.88
C PRO E 128 -29.06 1.94 2.37
N PRO E 129 -27.82 1.44 2.63
CA PRO E 129 -27.69 0.04 3.10
C PRO E 129 -28.02 -0.17 4.56
N SER E 130 -28.27 -1.42 4.93
CA SER E 130 -28.46 -1.87 6.29
C SER E 130 -27.16 -2.59 6.59
N VAL E 131 -26.49 -2.19 7.70
CA VAL E 131 -25.21 -2.79 8.10
C VAL E 131 -25.41 -3.67 9.32
N TYR E 132 -25.06 -4.97 9.19
CA TYR E 132 -25.17 -5.94 10.26
C TYR E 132 -23.81 -6.49 10.65
N PRO E 133 -23.47 -6.49 11.95
CA PRO E 133 -22.15 -7.04 12.36
C PRO E 133 -22.16 -8.56 12.33
N LEU E 134 -21.02 -9.14 11.97
CA LEU E 134 -20.86 -10.60 11.92
C LEU E 134 -19.80 -10.96 12.95
N ALA E 135 -20.24 -11.44 14.11
CA ALA E 135 -19.35 -11.86 15.18
C ALA E 135 -19.63 -13.32 15.49
N PRO E 136 -18.61 -14.11 15.92
CA PRO E 136 -18.85 -15.55 16.21
C PRO E 136 -19.84 -15.81 17.35
N SER E 144 -6.14 -18.60 17.99
CA SER E 144 -5.01 -17.69 17.72
C SER E 144 -5.42 -16.47 16.87
N SER E 145 -6.32 -16.69 15.87
CA SER E 145 -6.85 -15.61 15.01
C SER E 145 -8.38 -15.62 15.00
N VAL E 146 -9.03 -14.46 14.83
CA VAL E 146 -10.49 -14.38 14.84
C VAL E 146 -11.02 -13.67 13.62
N THR E 147 -11.97 -14.30 12.90
CA THR E 147 -12.60 -13.71 11.72
C THR E 147 -13.88 -13.00 12.12
N LEU E 148 -13.94 -11.70 11.82
CA LEU E 148 -15.08 -10.81 12.05
C LEU E 148 -15.60 -10.37 10.67
N GLY E 149 -16.84 -9.92 10.58
CA GLY E 149 -17.39 -9.46 9.31
C GLY E 149 -18.49 -8.42 9.41
N CYS E 150 -18.87 -7.87 8.25
CA CYS E 150 -19.98 -6.92 8.12
C CYS E 150 -20.82 -7.26 6.91
N LEU E 151 -22.13 -7.39 7.12
CA LEU E 151 -23.05 -7.69 6.06
C LEU E 151 -23.77 -6.39 5.72
N VAL E 152 -23.56 -5.89 4.48
CA VAL E 152 -24.19 -4.66 4.02
C VAL E 152 -25.21 -4.97 2.95
N LYS E 153 -26.48 -4.94 3.40
CA LYS E 153 -27.64 -5.41 2.67
C LYS E 153 -28.62 -4.34 2.21
N GLY E 154 -29.21 -4.59 1.04
CA GLY E 154 -30.28 -3.80 0.45
C GLY E 154 -30.02 -2.37 0.06
N TYR E 155 -28.86 -2.10 -0.52
CA TYR E 155 -28.61 -0.75 -1.05
C TYR E 155 -28.73 -0.81 -2.56
N PHE E 156 -28.79 0.39 -3.17
CA PHE E 156 -28.83 0.69 -4.57
C PHE E 156 -28.61 2.20 -4.73
N PRO E 157 -27.83 2.67 -5.73
CA PRO E 157 -27.04 1.89 -6.71
C PRO E 157 -25.67 1.48 -6.13
N GLU E 158 -24.77 1.02 -7.01
CA GLU E 158 -23.40 0.71 -6.57
C GLU E 158 -22.63 2.06 -6.67
N SER E 159 -21.60 2.31 -5.82
CA SER E 159 -20.94 1.39 -4.92
C SER E 159 -20.99 1.76 -3.44
N VAL E 160 -20.38 0.91 -2.65
CA VAL E 160 -20.26 1.02 -1.20
C VAL E 160 -18.80 0.77 -0.83
N THR E 161 -18.28 1.48 0.19
CA THR E 161 -16.92 1.24 0.67
C THR E 161 -16.97 0.85 2.14
N VAL E 162 -16.34 -0.28 2.46
CA VAL E 162 -16.22 -0.78 3.83
C VAL E 162 -14.76 -0.67 4.24
N THR E 163 -14.52 -0.09 5.42
CA THR E 163 -13.18 0.06 6.01
C THR E 163 -13.23 -0.43 7.44
N TRP E 164 -12.15 -1.05 7.89
CA TRP E 164 -12.08 -1.58 9.25
C TRP E 164 -11.16 -0.74 10.10
N ASN E 165 -11.67 -0.29 11.28
CA ASN E 165 -10.97 0.61 12.21
C ASN E 165 -10.54 1.92 11.53
N SER E 171 -4.50 -7.35 9.71
CA SER E 171 -5.03 -6.38 8.75
C SER E 171 -5.41 -7.05 7.41
N SER E 172 -5.81 -8.32 7.51
CA SER E 172 -6.24 -9.16 6.40
C SER E 172 -7.73 -8.96 6.16
N VAL E 173 -8.09 -8.06 5.23
CA VAL E 173 -9.47 -7.73 4.87
C VAL E 173 -9.81 -8.32 3.54
N HIS E 174 -11.05 -8.86 3.41
CA HIS E 174 -11.62 -9.40 2.19
C HIS E 174 -12.91 -8.67 1.90
N THR E 175 -13.04 -8.14 0.68
CA THR E 175 -14.22 -7.40 0.25
C THR E 175 -14.88 -8.27 -0.78
N PHE E 176 -16.12 -8.69 -0.50
CA PHE E 176 -16.81 -9.57 -1.42
C PHE E 176 -17.70 -8.76 -2.39
N PRO E 177 -17.51 -8.98 -3.72
CA PRO E 177 -18.27 -8.21 -4.72
C PRO E 177 -19.79 -8.32 -4.51
N ALA E 178 -20.51 -7.20 -4.74
CA ALA E 178 -21.95 -7.12 -4.54
C ALA E 178 -22.69 -7.91 -5.55
N LEU E 179 -23.83 -8.47 -5.12
CA LEU E 179 -24.71 -9.26 -5.97
C LEU E 179 -26.11 -8.70 -5.84
N LEU E 180 -26.81 -8.60 -6.98
CA LEU E 180 -28.16 -8.06 -7.04
C LEU E 180 -29.15 -9.11 -6.57
N GLN E 181 -29.84 -8.81 -5.46
CA GLN E 181 -30.84 -9.67 -4.84
C GLN E 181 -32.12 -8.87 -4.60
N SER E 182 -33.19 -9.20 -5.38
CA SER E 182 -34.51 -8.56 -5.35
C SER E 182 -34.43 -7.07 -5.69
N GLY E 183 -33.68 -6.77 -6.76
CA GLY E 183 -33.47 -5.42 -7.26
C GLY E 183 -32.65 -4.51 -6.36
N LEU E 184 -31.90 -5.09 -5.40
CA LEU E 184 -31.03 -4.35 -4.48
C LEU E 184 -29.71 -5.09 -4.31
N TYR E 185 -28.62 -4.35 -4.08
CA TYR E 185 -27.32 -4.99 -3.87
C TYR E 185 -27.10 -5.48 -2.40
N THR E 186 -26.26 -6.49 -2.24
CA THR E 186 -25.83 -7.02 -0.96
C THR E 186 -24.38 -7.39 -1.09
N MET E 187 -23.58 -6.98 -0.13
CA MET E 187 -22.18 -7.35 -0.11
C MET E 187 -21.72 -7.64 1.33
N SER E 188 -20.49 -8.14 1.47
CA SER E 188 -19.92 -8.42 2.77
C SER E 188 -18.43 -8.15 2.76
N SER E 189 -17.87 -8.00 3.96
CA SER E 189 -16.48 -7.76 4.19
C SER E 189 -16.07 -8.58 5.43
N SER E 190 -14.83 -9.08 5.44
CA SER E 190 -14.28 -9.82 6.58
C SER E 190 -12.88 -9.32 6.94
N VAL E 191 -12.53 -9.37 8.24
CA VAL E 191 -11.23 -9.10 8.84
C VAL E 191 -10.84 -10.31 9.67
N THR E 192 -9.54 -10.59 9.72
CA THR E 192 -8.93 -11.61 10.56
C THR E 192 -7.87 -10.87 11.35
N VAL E 193 -8.07 -10.82 12.68
CA VAL E 193 -7.20 -10.17 13.66
C VAL E 193 -6.68 -11.20 14.65
N PRO E 194 -5.61 -10.92 15.45
CA PRO E 194 -5.19 -11.90 16.46
C PRO E 194 -6.22 -11.99 17.59
N SER E 195 -6.46 -13.19 18.13
CA SER E 195 -7.40 -13.45 19.23
C SER E 195 -7.08 -12.59 20.49
N SER E 196 -5.82 -12.13 20.62
CA SER E 196 -5.36 -11.24 21.68
C SER E 196 -5.90 -9.79 21.56
N THR E 197 -6.30 -9.36 20.33
CA THR E 197 -6.83 -8.03 20.07
C THR E 197 -8.36 -7.94 20.15
N TRP E 198 -9.08 -9.02 19.83
CA TRP E 198 -10.55 -9.01 19.90
C TRP E 198 -11.09 -10.13 20.81
N PRO E 199 -12.00 -9.81 21.75
CA PRO E 199 -12.68 -8.51 21.94
C PRO E 199 -12.06 -7.51 22.89
N SER E 200 -10.81 -7.74 23.37
CA SER E 200 -10.09 -6.84 24.31
C SER E 200 -10.00 -5.39 23.80
N GLN E 201 -9.74 -5.23 22.48
CA GLN E 201 -9.68 -3.95 21.79
C GLN E 201 -10.84 -3.88 20.78
N THR E 202 -11.37 -2.66 20.57
CA THR E 202 -12.54 -2.37 19.75
C THR E 202 -12.31 -2.50 18.25
N VAL E 203 -13.12 -3.34 17.58
CA VAL E 203 -13.12 -3.54 16.12
C VAL E 203 -14.46 -3.04 15.56
N THR E 204 -14.39 -2.04 14.66
CA THR E 204 -15.58 -1.47 14.02
C THR E 204 -15.42 -1.41 12.51
N CYS E 205 -16.52 -1.66 11.78
CA CYS E 205 -16.53 -1.51 10.32
C CYS E 205 -17.30 -0.23 9.99
N SER E 206 -16.78 0.52 9.00
CA SER E 206 -17.38 1.78 8.56
C SER E 206 -17.83 1.56 7.12
N VAL E 207 -19.12 1.76 6.88
CA VAL E 207 -19.72 1.56 5.57
C VAL E 207 -20.17 2.91 5.05
N ALA E 208 -19.74 3.24 3.84
CA ALA E 208 -20.10 4.50 3.19
C ALA E 208 -20.76 4.22 1.87
N HIS E 209 -21.94 4.82 1.67
CA HIS E 209 -22.73 4.72 0.45
C HIS E 209 -22.87 6.17 -0.01
N PRO E 210 -22.01 6.63 -0.94
CA PRO E 210 -22.02 8.06 -1.31
C PRO E 210 -23.32 8.49 -2.00
N ALA E 211 -23.97 7.55 -2.71
CA ALA E 211 -25.22 7.81 -3.43
C ALA E 211 -26.33 8.31 -2.50
N SER E 212 -26.44 7.69 -1.32
CA SER E 212 -27.45 8.06 -0.37
C SER E 212 -26.90 8.98 0.72
N SER E 213 -25.64 9.46 0.57
CA SER E 213 -24.92 10.32 1.54
C SER E 213 -24.92 9.69 2.95
N THR E 214 -24.73 8.36 2.98
CA THR E 214 -24.79 7.52 4.17
C THR E 214 -23.44 7.00 4.63
N THR E 215 -23.15 7.20 5.91
CA THR E 215 -21.99 6.67 6.62
C THR E 215 -22.57 5.98 7.85
N VAL E 216 -22.21 4.69 8.00
CA VAL E 216 -22.69 3.88 9.10
C VAL E 216 -21.54 3.07 9.71
N ASP E 217 -21.26 3.33 10.99
CA ASP E 217 -20.17 2.71 11.74
C ASP E 217 -20.73 1.70 12.74
N LYS E 218 -20.40 0.42 12.52
CA LYS E 218 -20.88 -0.66 13.38
C LYS E 218 -19.76 -1.32 14.20
N LYS E 219 -19.84 -1.20 15.53
CA LYS E 219 -18.89 -1.80 16.45
C LYS E 219 -19.24 -3.29 16.54
N LEU E 220 -18.22 -4.14 16.48
CA LEU E 220 -18.42 -5.58 16.56
C LEU E 220 -18.28 -6.03 18.00
N GLU E 221 -19.36 -6.61 18.51
CA GLU E 221 -19.43 -7.05 19.89
C GLU E 221 -19.56 -8.56 20.08
N PRO E 222 -18.90 -9.14 21.12
CA PRO E 222 -18.98 -10.60 21.32
C PRO E 222 -20.34 -11.06 21.83
N SER E 223 -20.58 -12.39 21.78
CA SER E 223 -21.84 -13.01 22.23
C SER E 223 -21.67 -14.01 23.38
N GLY E 224 -22.60 -13.97 24.34
CA GLY E 224 -22.61 -14.85 25.50
C GLY E 224 -21.56 -14.51 26.54
N ASN F 1 -16.37 -2.86 -39.90
CA ASN F 1 -15.99 -2.98 -38.50
C ASN F 1 -14.92 -4.08 -38.31
N ILE F 2 -13.75 -3.70 -37.74
CA ILE F 2 -12.64 -4.61 -37.47
C ILE F 2 -12.86 -5.25 -36.11
N MET F 3 -13.31 -6.50 -36.08
CA MET F 3 -13.54 -7.21 -34.82
C MET F 3 -12.22 -7.84 -34.32
N MET F 4 -11.85 -7.52 -33.06
CA MET F 4 -10.67 -8.01 -32.35
C MET F 4 -11.08 -9.22 -31.50
N THR F 5 -10.42 -10.35 -31.71
CA THR F 5 -10.71 -11.59 -30.98
C THR F 5 -9.48 -11.98 -30.17
N GLN F 6 -9.67 -12.20 -28.86
CA GLN F 6 -8.59 -12.58 -27.96
C GLN F 6 -8.71 -13.98 -27.43
N SER F 7 -7.59 -14.73 -27.43
CA SER F 7 -7.57 -16.11 -26.94
C SER F 7 -6.26 -16.47 -26.17
N PRO F 8 -6.38 -17.21 -25.03
CA PRO F 8 -7.62 -17.70 -24.41
C PRO F 8 -8.29 -16.57 -23.63
N SER F 9 -9.54 -16.74 -23.18
CA SER F 9 -10.23 -15.72 -22.38
C SER F 9 -9.48 -15.50 -21.05
N SER F 10 -8.86 -16.57 -20.51
CA SER F 10 -8.09 -16.53 -19.27
C SER F 10 -7.06 -17.63 -19.24
N LEU F 11 -5.94 -17.38 -18.55
CA LEU F 11 -4.88 -18.38 -18.39
C LEU F 11 -4.15 -18.23 -17.08
N ALA F 12 -3.83 -19.37 -16.47
CA ALA F 12 -3.14 -19.48 -15.18
C ALA F 12 -1.70 -19.82 -15.46
N VAL F 13 -0.80 -19.03 -14.90
CA VAL F 13 0.62 -19.27 -15.12
C VAL F 13 1.35 -19.22 -13.77
N SER F 14 2.39 -20.04 -13.57
CA SER F 14 3.17 -20.01 -12.33
C SER F 14 4.19 -18.87 -12.47
N ALA F 15 4.59 -18.21 -11.36
CA ALA F 15 5.56 -17.09 -11.43
C ALA F 15 6.89 -17.59 -11.99
N GLY F 16 7.46 -16.83 -12.93
CA GLY F 16 8.73 -17.17 -13.56
C GLY F 16 8.58 -17.86 -14.90
N GLU F 17 7.38 -18.29 -15.23
CA GLU F 17 7.09 -18.94 -16.51
C GLU F 17 6.81 -17.90 -17.61
N LYS F 18 6.99 -18.31 -18.89
CA LYS F 18 6.71 -17.53 -20.09
C LYS F 18 5.21 -17.64 -20.43
N VAL F 19 4.59 -16.53 -20.83
CA VAL F 19 3.16 -16.48 -21.18
C VAL F 19 3.03 -15.91 -22.58
N THR F 20 2.13 -16.48 -23.36
CA THR F 20 1.80 -16.00 -24.68
C THR F 20 0.28 -15.83 -24.77
N MET F 21 -0.18 -14.64 -25.15
CA MET F 21 -1.59 -14.40 -25.40
C MET F 21 -1.81 -13.89 -26.80
N ASN F 22 -2.86 -14.39 -27.46
CA ASN F 22 -3.15 -14.09 -28.85
C ASN F 22 -4.28 -13.10 -29.07
N CYS F 23 -4.14 -12.33 -30.17
CA CYS F 23 -5.09 -11.36 -30.69
C CYS F 23 -5.21 -11.56 -32.19
N LYS F 24 -6.45 -11.49 -32.70
CA LYS F 24 -6.77 -11.69 -34.11
C LYS F 24 -7.70 -10.60 -34.54
N SER F 25 -7.39 -9.94 -35.65
CA SER F 25 -8.26 -8.90 -36.18
C SER F 25 -8.99 -9.50 -37.38
N SER F 26 -10.30 -9.17 -37.56
CA SER F 26 -11.12 -9.69 -38.66
C SER F 26 -10.57 -9.31 -40.05
N GLN F 27 -9.74 -8.23 -40.10
CA GLN F 27 -9.06 -7.76 -41.30
C GLN F 27 -7.70 -7.15 -40.94
N SER F 28 -6.76 -7.09 -41.91
CA SER F 28 -5.41 -6.57 -41.69
C SER F 28 -5.40 -5.17 -41.12
N VAL F 29 -4.54 -4.96 -40.10
CA VAL F 29 -4.32 -3.67 -39.45
C VAL F 29 -2.94 -3.09 -39.87
N LEU F 30 -2.30 -3.71 -40.87
CA LEU F 30 -1.03 -3.25 -41.42
C LEU F 30 -1.35 -2.14 -42.42
N TYR F 31 -0.62 -1.03 -42.34
CA TYR F 31 -0.86 0.15 -43.15
C TYR F 31 -0.46 0.14 -44.62
N SER F 32 0.67 -0.51 -44.98
CA SER F 32 1.25 -0.61 -46.35
C SER F 32 1.95 0.69 -46.85
N SER F 33 1.40 1.88 -46.51
CA SER F 33 1.98 3.19 -46.80
C SER F 33 3.04 3.48 -45.71
N ASN F 34 2.68 3.20 -44.44
CA ASN F 34 3.52 3.31 -43.24
C ASN F 34 4.38 2.04 -43.12
N GLN F 35 3.77 0.87 -43.42
CA GLN F 35 4.31 -0.49 -43.29
C GLN F 35 4.38 -0.78 -41.78
N LYS F 36 3.43 -0.16 -41.04
CA LYS F 36 3.27 -0.25 -39.58
C LYS F 36 1.91 -0.84 -39.24
N ASN F 37 1.87 -1.74 -38.24
CA ASN F 37 0.65 -2.39 -37.76
C ASN F 37 -0.02 -1.51 -36.71
N TYR F 38 -1.29 -1.12 -36.95
CA TYR F 38 -2.02 -0.25 -36.01
C TYR F 38 -2.71 -1.04 -34.91
N LEU F 39 -1.84 -1.68 -34.08
CA LEU F 39 -2.25 -2.51 -32.98
C LEU F 39 -1.56 -2.09 -31.69
N ALA F 40 -2.33 -1.99 -30.61
CA ALA F 40 -1.84 -1.65 -29.29
C ALA F 40 -2.27 -2.70 -28.26
N TRP F 41 -1.52 -2.80 -27.17
CA TRP F 41 -1.85 -3.68 -26.05
C TRP F 41 -1.91 -2.81 -24.80
N TYR F 42 -2.98 -2.98 -24.02
CA TYR F 42 -3.21 -2.31 -22.74
C TYR F 42 -3.26 -3.36 -21.66
N GLN F 43 -2.80 -3.00 -20.46
CA GLN F 43 -2.81 -3.83 -19.25
C GLN F 43 -3.74 -3.18 -18.22
N GLN F 44 -4.70 -3.92 -17.67
CA GLN F 44 -5.57 -3.37 -16.65
C GLN F 44 -5.48 -4.20 -15.35
N LYS F 45 -4.75 -3.66 -14.37
CA LYS F 45 -4.57 -4.33 -13.09
C LYS F 45 -5.80 -4.09 -12.24
N PRO F 46 -6.16 -5.03 -11.35
CA PRO F 46 -7.39 -4.84 -10.54
C PRO F 46 -7.53 -3.49 -9.83
N GLY F 47 -8.73 -2.89 -9.94
CA GLY F 47 -9.08 -1.61 -9.36
C GLY F 47 -8.47 -0.39 -10.04
N GLN F 48 -7.82 -0.59 -11.20
CA GLN F 48 -7.15 0.50 -11.91
C GLN F 48 -7.67 0.65 -13.36
N SER F 49 -7.35 1.78 -13.97
CA SER F 49 -7.70 2.03 -15.38
C SER F 49 -6.63 1.38 -16.26
N PRO F 50 -6.92 1.11 -17.56
CA PRO F 50 -5.88 0.51 -18.42
C PRO F 50 -4.62 1.39 -18.58
N LYS F 51 -3.50 0.74 -18.86
CA LYS F 51 -2.24 1.41 -19.08
C LYS F 51 -1.66 0.84 -20.37
N LEU F 52 -1.20 1.71 -21.24
CA LEU F 52 -0.61 1.35 -22.54
C LEU F 52 0.73 0.66 -22.33
N LEU F 53 0.85 -0.52 -22.91
CA LEU F 53 2.00 -1.39 -22.87
C LEU F 53 2.81 -1.33 -24.19
N ILE F 54 2.14 -1.64 -25.32
CA ILE F 54 2.73 -1.80 -26.66
C ILE F 54 1.96 -1.01 -27.68
N TYR F 55 2.65 -0.46 -28.66
CA TYR F 55 2.01 0.21 -29.78
C TYR F 55 2.77 -0.15 -31.05
N TRP F 56 2.15 0.04 -32.23
CA TRP F 56 2.74 -0.39 -33.50
C TRP F 56 3.07 -1.87 -33.47
N ALA F 57 2.26 -2.65 -32.70
CA ALA F 57 2.36 -4.09 -32.49
C ALA F 57 3.56 -4.58 -31.69
N SER F 58 4.76 -3.93 -31.85
CA SER F 58 6.05 -4.34 -31.26
C SER F 58 6.76 -3.36 -30.35
N THR F 59 6.42 -2.07 -30.42
CA THR F 59 7.12 -1.08 -29.62
C THR F 59 6.55 -0.83 -28.21
N ARG F 60 7.41 -1.07 -27.19
CA ARG F 60 7.07 -0.87 -25.77
C ARG F 60 6.92 0.61 -25.45
N GLU F 61 5.98 0.91 -24.56
CA GLU F 61 5.80 2.30 -24.09
C GLU F 61 6.93 2.61 -23.04
N SER F 62 7.13 3.90 -22.75
CA SER F 62 8.15 4.45 -21.85
C SER F 62 8.67 3.60 -20.67
N GLY F 63 7.89 3.42 -19.62
CA GLY F 63 8.40 2.68 -18.46
C GLY F 63 8.02 1.21 -18.42
N VAL F 64 7.83 0.59 -19.60
CA VAL F 64 7.38 -0.79 -19.71
C VAL F 64 8.53 -1.79 -19.57
N PRO F 65 8.44 -2.72 -18.57
CA PRO F 65 9.49 -3.73 -18.39
C PRO F 65 9.78 -4.56 -19.63
N ASP F 66 11.06 -4.86 -19.84
CA ASP F 66 11.65 -5.65 -20.93
C ASP F 66 11.03 -7.04 -21.13
N ARG F 67 10.42 -7.63 -20.08
CA ARG F 67 9.79 -8.92 -20.15
C ARG F 67 8.57 -8.95 -21.06
N PHE F 68 7.94 -7.77 -21.28
CA PHE F 68 6.80 -7.58 -22.17
C PHE F 68 7.28 -7.40 -23.60
N THR F 69 6.75 -8.27 -24.49
CA THR F 69 7.13 -8.31 -25.90
C THR F 69 5.91 -8.57 -26.79
N GLY F 70 5.74 -7.71 -27.78
CA GLY F 70 4.65 -7.79 -28.74
C GLY F 70 5.19 -8.23 -30.09
N SER F 71 4.43 -9.05 -30.81
CA SER F 71 4.82 -9.52 -32.14
C SER F 71 3.62 -9.76 -33.05
N GLY F 72 3.90 -10.12 -34.28
CA GLY F 72 2.87 -10.39 -35.28
C GLY F 72 2.70 -9.28 -36.28
N SER F 73 1.97 -9.57 -37.36
CA SER F 73 1.68 -8.63 -38.43
C SER F 73 0.40 -9.03 -39.14
N GLY F 74 -0.25 -8.04 -39.75
CA GLY F 74 -1.49 -8.20 -40.50
C GLY F 74 -2.70 -8.41 -39.61
N THR F 75 -3.03 -9.71 -39.34
CA THR F 75 -4.20 -10.11 -38.56
C THR F 75 -3.88 -10.86 -37.29
N ASP F 76 -2.72 -11.53 -37.22
CA ASP F 76 -2.34 -12.34 -36.05
C ASP F 76 -1.24 -11.71 -35.23
N PHE F 77 -1.54 -11.43 -33.96
CA PHE F 77 -0.63 -10.77 -33.03
C PHE F 77 -0.55 -11.52 -31.71
N THR F 78 0.56 -11.34 -31.00
CA THR F 78 0.76 -11.95 -29.67
C THR F 78 1.40 -10.98 -28.70
N LEU F 79 1.07 -11.14 -27.42
CA LEU F 79 1.73 -10.44 -26.34
C LEU F 79 2.40 -11.53 -25.49
N THR F 80 3.71 -11.36 -25.24
CA THR F 80 4.52 -12.31 -24.49
C THR F 80 5.13 -11.69 -23.26
N ILE F 81 5.03 -12.41 -22.11
CA ILE F 81 5.68 -12.02 -20.85
C ILE F 81 6.77 -13.12 -20.63
N SER F 82 8.08 -12.77 -20.82
CA SER F 82 9.21 -13.71 -20.74
C SER F 82 9.38 -14.47 -19.42
N SER F 83 9.06 -13.80 -18.30
CA SER F 83 9.14 -14.41 -16.96
C SER F 83 8.09 -13.71 -16.14
N VAL F 84 6.93 -14.34 -16.01
CA VAL F 84 5.83 -13.73 -15.28
C VAL F 84 6.11 -13.38 -13.79
N GLN F 85 5.52 -12.27 -13.32
CA GLN F 85 5.64 -11.77 -11.96
C GLN F 85 4.24 -11.67 -11.42
N THR F 86 4.06 -11.83 -10.11
CA THR F 86 2.75 -11.77 -9.44
C THR F 86 2.05 -10.44 -9.76
N GLU F 87 2.87 -9.37 -9.92
CA GLU F 87 2.48 -7.99 -10.28
C GLU F 87 1.83 -7.91 -11.67
N ASP F 88 2.16 -8.88 -12.55
CA ASP F 88 1.63 -8.94 -13.91
C ASP F 88 0.21 -9.48 -13.96
N LEU F 89 -0.40 -9.78 -12.76
CA LEU F 89 -1.79 -10.21 -12.66
C LEU F 89 -2.64 -9.00 -13.13
N ALA F 90 -3.31 -9.17 -14.27
CA ALA F 90 -4.12 -8.17 -14.93
C ALA F 90 -4.90 -8.80 -16.07
N VAL F 91 -5.80 -8.02 -16.67
CA VAL F 91 -6.53 -8.33 -17.91
C VAL F 91 -5.79 -7.52 -19.01
N TYR F 92 -5.35 -8.22 -20.05
CA TYR F 92 -4.64 -7.65 -21.18
C TYR F 92 -5.60 -7.54 -22.36
N TYR F 93 -5.77 -6.32 -22.91
CA TYR F 93 -6.63 -6.08 -24.06
C TYR F 93 -5.82 -5.68 -25.27
N CYS F 94 -6.24 -6.12 -26.47
CA CYS F 94 -5.65 -5.60 -27.70
C CYS F 94 -6.61 -4.57 -28.31
N HIS F 95 -6.06 -3.62 -29.03
CA HIS F 95 -6.80 -2.52 -29.60
C HIS F 95 -6.26 -2.22 -30.98
N GLN F 96 -7.17 -2.00 -31.95
CA GLN F 96 -6.79 -1.56 -33.29
C GLN F 96 -7.14 -0.08 -33.42
N TYR F 97 -6.23 0.68 -34.00
CA TYR F 97 -6.42 2.11 -34.10
C TYR F 97 -6.12 2.57 -35.52
N LEU F 98 -6.64 1.81 -36.49
CA LEU F 98 -6.46 2.11 -37.92
C LEU F 98 -7.26 3.34 -38.30
N SER F 99 -6.57 4.31 -38.91
CA SER F 99 -7.02 5.64 -39.31
C SER F 99 -8.48 5.78 -39.81
N SER F 100 -8.81 5.12 -40.91
CA SER F 100 -10.14 5.17 -41.57
C SER F 100 -11.25 4.36 -40.87
N TYR F 101 -10.91 3.65 -39.78
CA TYR F 101 -11.82 2.76 -39.04
C TYR F 101 -12.12 3.20 -37.62
N MET F 102 -13.35 2.85 -37.15
CA MET F 102 -13.83 3.09 -35.78
C MET F 102 -12.94 2.27 -34.84
N TYR F 103 -12.57 2.81 -33.66
CA TYR F 103 -11.73 2.13 -32.67
C TYR F 103 -12.42 0.89 -32.11
N THR F 104 -11.69 -0.23 -31.99
CA THR F 104 -12.18 -1.47 -31.41
C THR F 104 -11.16 -2.08 -30.47
N PHE F 105 -11.67 -2.85 -29.50
CA PHE F 105 -10.92 -3.57 -28.49
C PHE F 105 -11.26 -5.05 -28.53
N GLY F 106 -10.30 -5.86 -28.15
CA GLY F 106 -10.51 -7.30 -27.96
C GLY F 106 -11.20 -7.49 -26.62
N GLY F 107 -11.81 -8.66 -26.42
CA GLY F 107 -12.51 -9.00 -25.18
C GLY F 107 -11.65 -9.08 -23.92
N GLY F 108 -10.33 -9.19 -24.11
CA GLY F 108 -9.35 -9.29 -23.03
C GLY F 108 -8.99 -10.70 -22.61
N THR F 109 -7.71 -10.92 -22.24
CA THR F 109 -7.23 -12.17 -21.69
C THR F 109 -6.88 -11.95 -20.21
N LYS F 110 -7.55 -12.68 -19.32
CA LYS F 110 -7.34 -12.57 -17.88
C LYS F 110 -6.16 -13.44 -17.45
N LEU F 111 -5.07 -12.81 -17.04
CA LEU F 111 -3.91 -13.57 -16.59
C LEU F 111 -3.98 -13.76 -15.09
N GLU F 112 -4.15 -15.00 -14.65
CA GLU F 112 -4.20 -15.38 -13.22
C GLU F 112 -2.93 -16.10 -12.80
N ILE F 113 -2.59 -16.03 -11.52
CA ILE F 113 -1.37 -16.64 -11.01
C ILE F 113 -1.61 -18.04 -10.46
N LYS F 114 -0.80 -19.00 -10.88
CA LYS F 114 -0.88 -20.39 -10.45
C LYS F 114 -0.02 -20.57 -9.18
N ARG F 115 -0.56 -21.31 -8.18
CA ARG F 115 0.10 -21.52 -6.90
C ARG F 115 -0.24 -22.88 -6.30
N ALA F 116 0.30 -23.16 -5.10
CA ALA F 116 0.07 -24.42 -4.39
C ALA F 116 -1.35 -24.47 -3.86
N ASP F 117 -1.98 -25.66 -3.89
CA ASP F 117 -3.35 -25.79 -3.39
C ASP F 117 -3.43 -25.44 -1.93
N ALA F 118 -4.45 -24.70 -1.56
CA ALA F 118 -4.65 -24.26 -0.19
C ALA F 118 -6.10 -24.49 0.18
N ALA F 119 -6.32 -25.00 1.38
CA ALA F 119 -7.65 -25.29 1.89
C ALA F 119 -8.29 -24.04 2.49
N PRO F 120 -9.63 -23.93 2.43
CA PRO F 120 -10.28 -22.74 3.01
C PRO F 120 -10.37 -22.78 4.54
N THR F 121 -10.38 -21.59 5.15
CA THR F 121 -10.59 -21.37 6.57
C THR F 121 -12.05 -20.94 6.65
N VAL F 122 -12.90 -21.81 7.16
CA VAL F 122 -14.34 -21.61 7.23
C VAL F 122 -14.80 -21.03 8.55
N SER F 123 -15.68 -20.01 8.49
CA SER F 123 -16.26 -19.29 9.63
C SER F 123 -17.75 -19.12 9.37
N ILE F 124 -18.57 -19.42 10.37
CA ILE F 124 -20.03 -19.29 10.34
C ILE F 124 -20.49 -18.18 11.30
N PHE F 125 -21.50 -17.41 10.84
CA PHE F 125 -22.04 -16.30 11.60
C PHE F 125 -23.55 -16.31 11.67
N PRO F 126 -24.09 -16.37 12.89
CA PRO F 126 -25.55 -16.32 13.02
C PRO F 126 -26.10 -14.92 12.70
N PRO F 127 -27.43 -14.80 12.39
CA PRO F 127 -27.99 -13.46 12.12
C PRO F 127 -27.80 -12.50 13.28
N SER F 128 -27.46 -11.24 12.96
CA SER F 128 -27.26 -10.21 13.97
C SER F 128 -28.58 -9.86 14.65
N SER F 129 -28.47 -9.33 15.88
CA SER F 129 -29.58 -8.87 16.72
C SER F 129 -30.42 -7.85 15.98
N GLU F 130 -29.76 -6.83 15.40
CA GLU F 130 -30.40 -5.76 14.64
C GLU F 130 -31.08 -6.24 13.35
N GLN F 131 -30.58 -7.32 12.74
CA GLN F 131 -31.21 -7.86 11.54
C GLN F 131 -32.53 -8.53 11.90
N LEU F 132 -32.52 -9.38 12.93
CA LEU F 132 -33.70 -10.07 13.44
C LEU F 132 -34.77 -9.07 13.87
N THR F 133 -34.34 -7.93 14.46
CA THR F 133 -35.15 -6.76 14.85
C THR F 133 -36.00 -6.24 13.65
N SER F 134 -35.44 -6.28 12.42
CA SER F 134 -36.08 -5.82 11.18
C SER F 134 -36.95 -6.89 10.45
N GLY F 135 -36.92 -8.13 10.93
CA GLY F 135 -37.71 -9.22 10.35
C GLY F 135 -36.97 -10.19 9.43
N GLY F 136 -35.70 -9.90 9.15
CA GLY F 136 -34.85 -10.73 8.31
C GLY F 136 -33.81 -11.51 9.11
N ALA F 137 -33.25 -12.58 8.50
CA ALA F 137 -32.23 -13.41 9.15
C ALA F 137 -31.27 -14.04 8.13
N SER F 138 -30.06 -13.47 8.03
CA SER F 138 -29.03 -13.96 7.13
C SER F 138 -27.94 -14.70 7.90
N VAL F 139 -27.69 -15.94 7.50
CA VAL F 139 -26.60 -16.75 8.06
C VAL F 139 -25.44 -16.65 7.03
N VAL F 140 -24.25 -16.27 7.49
CA VAL F 140 -23.09 -16.06 6.61
C VAL F 140 -21.98 -17.08 6.87
N CYS F 141 -21.35 -17.53 5.78
CA CYS F 141 -20.18 -18.38 5.81
C CYS F 141 -19.07 -17.77 4.96
N PHE F 142 -17.91 -17.59 5.57
CA PHE F 142 -16.73 -17.10 4.85
C PHE F 142 -15.81 -18.30 4.67
N LEU F 143 -15.37 -18.52 3.44
CA LEU F 143 -14.44 -19.59 3.04
C LEU F 143 -13.25 -18.75 2.59
N ASN F 144 -12.26 -18.59 3.47
CA ASN F 144 -11.12 -17.72 3.19
C ASN F 144 -9.83 -18.40 2.82
N ASN F 145 -9.08 -17.76 1.91
CA ASN F 145 -7.76 -18.11 1.43
C ASN F 145 -7.56 -19.50 0.90
N PHE F 146 -8.35 -19.87 -0.08
CA PHE F 146 -8.23 -21.18 -0.69
C PHE F 146 -7.65 -21.06 -2.09
N TYR F 147 -7.28 -22.19 -2.69
CA TYR F 147 -6.73 -22.25 -4.05
C TYR F 147 -6.78 -23.71 -4.50
N PRO F 148 -7.27 -24.06 -5.70
CA PRO F 148 -7.88 -23.22 -6.76
C PRO F 148 -9.26 -22.66 -6.38
N LYS F 149 -9.87 -21.88 -7.31
CA LYS F 149 -11.15 -21.18 -7.15
C LYS F 149 -12.36 -22.10 -6.96
N ASP F 150 -12.35 -23.31 -7.58
CA ASP F 150 -13.46 -24.24 -7.49
C ASP F 150 -13.70 -24.75 -6.09
N ILE F 151 -14.88 -24.48 -5.56
CA ILE F 151 -15.31 -24.86 -4.22
C ILE F 151 -16.81 -25.08 -4.21
N ASN F 152 -17.30 -25.98 -3.36
CA ASN F 152 -18.72 -26.22 -3.17
C ASN F 152 -19.15 -25.93 -1.75
N VAL F 153 -20.29 -25.24 -1.61
CA VAL F 153 -20.90 -24.91 -0.32
C VAL F 153 -22.32 -25.44 -0.28
N LYS F 154 -22.62 -26.24 0.72
CA LYS F 154 -23.97 -26.75 0.95
C LYS F 154 -24.40 -26.30 2.33
N TRP F 155 -25.63 -25.80 2.42
CA TRP F 155 -26.19 -25.32 3.66
C TRP F 155 -27.17 -26.36 4.16
N LYS F 156 -27.08 -26.69 5.45
CA LYS F 156 -27.94 -27.67 6.09
C LYS F 156 -28.65 -27.08 7.28
N ILE F 157 -29.98 -27.24 7.29
CA ILE F 157 -30.85 -26.75 8.35
C ILE F 157 -31.51 -27.96 8.95
N ASP F 158 -31.13 -28.29 10.22
CA ASP F 158 -31.63 -29.45 10.97
C ASP F 158 -31.44 -30.78 10.18
N GLY F 159 -30.28 -30.89 9.53
CA GLY F 159 -29.88 -32.04 8.71
C GLY F 159 -30.25 -32.00 7.24
N SER F 160 -31.29 -31.20 6.88
CA SER F 160 -31.77 -31.08 5.51
C SER F 160 -31.04 -29.98 4.73
N GLU F 161 -30.58 -30.32 3.52
CA GLU F 161 -29.91 -29.39 2.62
C GLU F 161 -30.94 -28.38 2.09
N ARG F 162 -30.59 -27.10 2.17
CA ARG F 162 -31.39 -25.98 1.72
C ARG F 162 -30.82 -25.46 0.39
N GLN F 163 -31.73 -25.20 -0.60
CA GLN F 163 -31.36 -24.68 -1.92
C GLN F 163 -32.17 -23.44 -2.37
N ASN F 164 -32.81 -22.77 -1.40
CA ASN F 164 -33.59 -21.56 -1.63
C ASN F 164 -33.00 -20.39 -0.79
N GLY F 165 -32.55 -19.34 -1.48
CA GLY F 165 -32.06 -18.11 -0.86
C GLY F 165 -30.62 -18.06 -0.42
N VAL F 166 -29.72 -18.61 -1.26
CA VAL F 166 -28.27 -18.57 -1.00
C VAL F 166 -27.56 -17.80 -2.11
N LEU F 167 -26.70 -16.86 -1.73
CA LEU F 167 -25.89 -16.13 -2.68
C LEU F 167 -24.42 -16.26 -2.38
N ASN F 168 -23.63 -16.63 -3.40
CA ASN F 168 -22.20 -16.84 -3.25
C ASN F 168 -21.41 -15.84 -4.04
N SER F 169 -20.39 -15.26 -3.39
CA SER F 169 -19.56 -14.25 -3.99
C SER F 169 -18.09 -14.56 -3.76
N TRP F 170 -17.30 -14.60 -4.86
CA TRP F 170 -15.86 -14.83 -4.84
C TRP F 170 -15.14 -13.52 -4.93
N THR F 171 -14.06 -13.44 -4.20
CA THR F 171 -13.10 -12.36 -4.21
C THR F 171 -12.21 -12.61 -5.46
N ASP F 172 -11.46 -11.63 -5.90
CA ASP F 172 -10.53 -11.90 -7.02
C ASP F 172 -9.24 -12.46 -6.38
N GLN F 173 -8.31 -12.97 -7.18
CA GLN F 173 -7.07 -13.50 -6.63
C GLN F 173 -6.38 -12.47 -5.72
N ASP F 174 -5.79 -12.92 -4.61
CA ASP F 174 -5.12 -12.02 -3.68
C ASP F 174 -3.82 -11.48 -4.24
N SER F 175 -3.58 -10.20 -3.98
CA SER F 175 -2.37 -9.57 -4.48
C SER F 175 -1.16 -10.03 -3.71
N LYS F 176 -1.39 -10.36 -2.44
CA LYS F 176 -0.35 -10.78 -1.53
C LYS F 176 -0.07 -12.28 -1.50
N ASP F 177 -1.11 -13.14 -1.44
CA ASP F 177 -0.87 -14.60 -1.39
C ASP F 177 -1.39 -15.44 -2.57
N SER F 178 -2.01 -14.79 -3.58
CA SER F 178 -2.61 -15.40 -4.78
C SER F 178 -3.78 -16.38 -4.53
N THR F 179 -4.39 -16.33 -3.31
CA THR F 179 -5.54 -17.19 -2.99
C THR F 179 -6.84 -16.49 -3.31
N TYR F 180 -7.96 -17.24 -3.23
CA TYR F 180 -9.34 -16.77 -3.44
C TYR F 180 -10.06 -16.89 -2.10
N SER F 181 -11.16 -16.13 -1.93
CA SER F 181 -12.04 -16.14 -0.76
C SER F 181 -13.44 -16.07 -1.26
N MET F 182 -14.38 -16.57 -0.49
CA MET F 182 -15.77 -16.66 -0.90
C MET F 182 -16.66 -16.50 0.32
N SER F 183 -17.75 -15.78 0.12
CA SER F 183 -18.76 -15.53 1.11
C SER F 183 -20.06 -16.15 0.60
N SER F 184 -20.69 -17.00 1.43
CA SER F 184 -21.96 -17.66 1.17
C SER F 184 -22.96 -17.12 2.20
N THR F 185 -24.11 -16.65 1.71
CA THR F 185 -25.11 -16.05 2.57
C THR F 185 -26.46 -16.69 2.36
N LEU F 186 -26.99 -17.33 3.41
CA LEU F 186 -28.30 -17.97 3.45
C LEU F 186 -29.26 -16.93 4.03
N THR F 187 -30.24 -16.47 3.26
CA THR F 187 -31.20 -15.49 3.74
C THR F 187 -32.57 -16.11 3.93
N LEU F 188 -33.08 -16.01 5.17
CA LEU F 188 -34.38 -16.50 5.61
C LEU F 188 -35.08 -15.35 6.29
N THR F 189 -36.39 -15.50 6.51
CA THR F 189 -37.16 -14.54 7.27
C THR F 189 -36.90 -14.87 8.75
N LYS F 190 -37.21 -13.93 9.69
CA LYS F 190 -37.02 -14.16 11.12
C LYS F 190 -37.82 -15.40 11.55
N ASP F 191 -39.06 -15.56 11.02
CA ASP F 191 -39.96 -16.68 11.29
C ASP F 191 -39.43 -18.01 10.86
N GLU F 192 -38.95 -18.12 9.60
CA GLU F 192 -38.34 -19.32 9.02
C GLU F 192 -37.10 -19.72 9.83
N TYR F 193 -36.31 -18.70 10.27
CA TYR F 193 -35.10 -18.90 11.08
C TYR F 193 -35.42 -19.47 12.47
N GLU F 194 -36.45 -18.93 13.14
CA GLU F 194 -36.86 -19.35 14.46
C GLU F 194 -37.56 -20.71 14.50
N ARG F 195 -37.98 -21.21 13.33
CA ARG F 195 -38.64 -22.52 13.18
C ARG F 195 -37.66 -23.69 13.29
N HIS F 196 -36.36 -23.44 13.07
CA HIS F 196 -35.30 -24.46 13.13
C HIS F 196 -34.22 -24.14 14.15
N ASN F 197 -33.28 -25.08 14.42
CA ASN F 197 -32.25 -24.81 15.43
C ASN F 197 -30.81 -24.94 14.95
N SER F 198 -30.52 -26.00 14.21
CA SER F 198 -29.17 -26.27 13.74
C SER F 198 -28.92 -25.71 12.33
N TYR F 199 -27.87 -24.90 12.19
CA TYR F 199 -27.48 -24.28 10.91
C TYR F 199 -26.05 -24.65 10.62
N THR F 200 -25.84 -25.31 9.50
CA THR F 200 -24.54 -25.82 9.12
C THR F 200 -24.19 -25.42 7.71
N CYS F 201 -22.93 -25.12 7.50
CA CYS F 201 -22.43 -24.86 6.17
C CYS F 201 -21.24 -25.79 5.97
N GLU F 202 -21.27 -26.56 4.86
CA GLU F 202 -20.22 -27.53 4.55
C GLU F 202 -19.52 -27.15 3.28
N ALA F 203 -18.19 -27.05 3.36
CA ALA F 203 -17.33 -26.70 2.24
C ALA F 203 -16.58 -27.93 1.70
N THR F 204 -16.69 -28.17 0.40
CA THR F 204 -15.94 -29.22 -0.26
C THR F 204 -14.95 -28.57 -1.23
N HIS F 205 -13.68 -28.94 -1.10
CA HIS F 205 -12.59 -28.42 -1.90
C HIS F 205 -11.63 -29.56 -2.23
N LYS F 206 -10.97 -29.46 -3.39
CA LYS F 206 -9.94 -30.35 -3.96
C LYS F 206 -8.92 -30.88 -2.92
N THR F 207 -8.62 -30.04 -1.92
CA THR F 207 -7.65 -30.24 -0.85
C THR F 207 -7.98 -31.39 0.12
N SER F 208 -9.27 -31.65 0.35
CA SER F 208 -9.66 -32.76 1.23
C SER F 208 -10.87 -33.49 0.74
N THR F 209 -10.88 -34.81 0.93
CA THR F 209 -12.04 -35.65 0.58
C THR F 209 -13.13 -35.52 1.65
N SER F 210 -12.79 -34.83 2.76
CA SER F 210 -13.67 -34.56 3.89
C SER F 210 -14.14 -33.12 3.86
N PRO F 211 -15.47 -32.87 3.96
CA PRO F 211 -15.96 -31.49 3.96
C PRO F 211 -15.56 -30.71 5.21
N ILE F 212 -15.32 -29.41 5.07
CA ILE F 212 -15.05 -28.57 6.23
C ILE F 212 -16.42 -28.14 6.70
N VAL F 213 -16.77 -28.49 7.92
CA VAL F 213 -18.08 -28.25 8.49
C VAL F 213 -18.01 -27.24 9.64
N LYS F 214 -18.87 -26.22 9.56
CA LYS F 214 -19.03 -25.20 10.61
C LYS F 214 -20.51 -25.06 10.87
N SER F 215 -20.89 -25.08 12.14
CA SER F 215 -22.28 -25.01 12.51
C SER F 215 -22.52 -24.25 13.78
N PHE F 216 -23.80 -24.00 14.07
CA PHE F 216 -24.26 -23.38 15.32
C PHE F 216 -25.70 -23.76 15.59
N ASN F 217 -26.08 -23.70 16.86
CA ASN F 217 -27.43 -23.95 17.34
C ASN F 217 -27.93 -22.66 17.99
N ARG F 218 -29.17 -22.24 17.70
CA ARG F 218 -29.72 -21.02 18.34
C ARG F 218 -30.16 -21.34 19.78
N ASN F 219 -29.17 -21.64 20.65
CA ASN F 219 -29.28 -21.92 22.09
C ASN F 219 -27.93 -22.32 22.68
N GLU G 1 -14.57 50.29 -51.37
CA GLU G 1 -13.90 49.93 -50.12
C GLU G 1 -12.76 50.92 -49.81
N VAL G 2 -12.85 51.59 -48.65
CA VAL G 2 -11.89 52.59 -48.18
C VAL G 2 -10.53 51.98 -47.87
N GLN G 3 -9.49 52.36 -48.59
CA GLN G 3 -8.13 51.85 -48.45
C GLN G 3 -7.14 53.01 -48.31
N LEU G 4 -6.29 52.95 -47.28
CA LEU G 4 -5.25 53.92 -46.96
C LEU G 4 -3.93 53.11 -46.91
N VAL G 5 -3.02 53.36 -47.87
CA VAL G 5 -1.76 52.61 -47.95
C VAL G 5 -0.53 53.50 -47.73
N GLU G 6 0.07 53.41 -46.54
CA GLU G 6 1.26 54.19 -46.22
C GLU G 6 2.51 53.54 -46.75
N SER G 7 3.50 54.35 -47.05
CA SER G 7 4.82 53.89 -47.52
C SER G 7 5.86 54.95 -47.11
N GLY G 8 7.15 54.61 -47.23
CA GLY G 8 8.24 55.53 -46.99
C GLY G 8 9.05 55.28 -45.74
N GLY G 9 8.50 54.50 -44.80
CA GLY G 9 9.12 54.12 -43.54
C GLY G 9 10.50 53.53 -43.74
N ASP G 10 11.46 53.86 -42.85
CA ASP G 10 12.85 53.45 -42.98
C ASP G 10 13.63 53.71 -41.69
N LEU G 11 14.88 53.24 -41.65
CA LEU G 11 15.86 53.50 -40.60
C LEU G 11 16.55 54.80 -41.01
N VAL G 12 16.50 55.81 -40.14
CA VAL G 12 17.11 57.11 -40.39
C VAL G 12 18.05 57.44 -39.20
N LYS G 13 19.19 58.06 -39.53
CA LYS G 13 20.16 58.52 -38.54
C LYS G 13 19.55 59.74 -37.80
N PRO G 14 19.77 59.92 -36.47
CA PRO G 14 19.25 61.13 -35.81
C PRO G 14 19.74 62.40 -36.54
N GLY G 15 18.82 63.35 -36.72
CA GLY G 15 19.06 64.60 -37.42
C GLY G 15 18.64 64.59 -38.87
N GLY G 16 18.24 63.40 -39.37
CA GLY G 16 17.89 63.17 -40.76
C GLY G 16 16.46 63.52 -41.14
N SER G 17 16.12 63.25 -42.40
CA SER G 17 14.83 63.52 -43.04
C SER G 17 14.26 62.27 -43.64
N LEU G 18 12.94 62.26 -43.84
CA LEU G 18 12.22 61.15 -44.44
C LEU G 18 10.86 61.67 -44.89
N LYS G 19 10.40 61.22 -46.06
CA LYS G 19 9.07 61.58 -46.56
C LYS G 19 8.18 60.35 -46.62
N LEU G 20 7.07 60.39 -45.85
CA LEU G 20 6.05 59.34 -45.84
C LEU G 20 4.94 59.69 -46.84
N SER G 21 4.37 58.68 -47.49
CA SER G 21 3.28 58.81 -48.47
C SER G 21 2.12 57.93 -48.05
N CYS G 22 0.91 58.32 -48.41
CA CYS G 22 -0.28 57.57 -48.14
C CYS G 22 -1.18 57.64 -49.36
N ALA G 23 -1.36 56.49 -50.04
CA ALA G 23 -2.19 56.33 -51.22
C ALA G 23 -3.59 55.97 -50.77
N ALA G 24 -4.55 56.86 -51.03
CA ALA G 24 -5.93 56.65 -50.64
C ALA G 24 -6.80 56.16 -51.83
N SER G 25 -7.81 55.29 -51.56
CA SER G 25 -8.73 54.79 -52.60
C SER G 25 -10.09 54.41 -52.01
N GLY G 26 -11.14 54.36 -52.84
CA GLY G 26 -12.46 53.93 -52.38
C GLY G 26 -13.36 54.98 -51.77
N PHE G 27 -12.95 56.24 -51.93
CA PHE G 27 -13.66 57.40 -51.50
C PHE G 27 -13.10 58.65 -52.24
N THR G 28 -13.89 59.78 -52.25
CA THR G 28 -13.48 61.07 -52.81
C THR G 28 -12.46 61.71 -51.87
N PHE G 29 -11.17 61.35 -52.03
CA PHE G 29 -10.06 61.84 -51.22
C PHE G 29 -10.12 63.36 -50.98
N SER G 30 -10.39 64.13 -52.06
CA SER G 30 -10.40 65.60 -52.06
C SER G 30 -11.49 66.27 -51.18
N SER G 31 -12.47 65.48 -50.70
CA SER G 31 -13.55 65.99 -49.89
C SER G 31 -13.36 65.70 -48.42
N TYR G 32 -12.18 65.12 -48.07
CA TYR G 32 -11.84 64.74 -46.69
C TYR G 32 -10.58 65.30 -46.12
N GLY G 33 -10.64 65.63 -44.84
CA GLY G 33 -9.48 65.96 -44.05
C GLY G 33 -8.74 64.66 -43.79
N MET G 34 -7.41 64.73 -43.75
CA MET G 34 -6.57 63.55 -43.54
C MET G 34 -5.65 63.85 -42.42
N SER G 35 -5.29 62.82 -41.65
CA SER G 35 -4.38 62.98 -40.51
C SER G 35 -3.22 61.95 -40.49
N TRP G 36 -2.20 62.20 -39.63
CA TRP G 36 -1.15 61.25 -39.30
C TRP G 36 -1.20 61.06 -37.79
N VAL G 37 -1.17 59.81 -37.36
CA VAL G 37 -1.15 59.40 -35.96
C VAL G 37 -0.02 58.39 -35.88
N ARG G 38 0.83 58.52 -34.87
CA ARG G 38 1.94 57.58 -34.66
C ARG G 38 1.73 56.76 -33.40
N GLN G 39 2.28 55.59 -33.40
CA GLN G 39 2.23 54.65 -32.29
C GLN G 39 3.65 54.35 -31.92
N THR G 40 4.04 54.75 -30.73
CA THR G 40 5.37 54.56 -30.15
C THR G 40 5.53 53.20 -29.49
N PRO G 41 6.81 52.76 -29.27
CA PRO G 41 7.07 51.43 -28.66
C PRO G 41 6.35 51.10 -27.36
N ASP G 42 5.98 52.15 -26.56
CA ASP G 42 5.17 52.04 -25.33
C ASP G 42 3.67 51.78 -25.66
N LYS G 43 3.34 51.72 -26.96
CA LYS G 43 2.02 51.47 -27.52
C LYS G 43 1.03 52.66 -27.44
N ARG G 44 1.53 53.85 -27.00
CA ARG G 44 0.77 55.10 -26.98
C ARG G 44 0.48 55.57 -28.38
N LEU G 45 -0.73 56.09 -28.58
CA LEU G 45 -1.24 56.69 -29.82
C LEU G 45 -1.04 58.23 -29.73
N GLU G 46 -0.38 58.80 -30.70
CA GLU G 46 -0.04 60.21 -30.65
C GLU G 46 -0.38 60.90 -31.98
N TRP G 47 -1.35 61.84 -31.93
CA TRP G 47 -1.72 62.60 -33.10
C TRP G 47 -0.51 63.45 -33.57
N VAL G 48 -0.15 63.38 -34.86
CA VAL G 48 1.05 64.00 -35.45
C VAL G 48 0.74 65.26 -36.26
N ALA G 49 -0.29 65.23 -37.14
CA ALA G 49 -0.64 66.34 -38.05
C ALA G 49 -1.99 66.08 -38.74
N THR G 50 -2.72 67.15 -39.09
CA THR G 50 -3.94 67.12 -39.90
C THR G 50 -3.88 68.18 -40.92
N ILE G 51 -4.48 67.86 -42.10
CA ILE G 51 -4.62 68.74 -43.26
C ILE G 51 -6.11 68.76 -43.69
N SER G 52 -6.70 69.97 -43.88
CA SER G 52 -8.07 70.15 -44.33
C SER G 52 -8.19 69.54 -45.75
N SER G 53 -9.43 69.23 -46.20
CA SER G 53 -9.74 68.63 -47.51
C SER G 53 -9.04 69.30 -48.67
N GLY G 54 -8.91 70.65 -48.61
CA GLY G 54 -8.30 71.51 -49.61
C GLY G 54 -6.82 71.82 -49.44
N GLY G 55 -6.32 71.71 -48.23
CA GLY G 55 -4.93 71.99 -47.92
C GLY G 55 -4.77 73.39 -47.40
N ASN G 56 -5.88 74.02 -47.02
CA ASN G 56 -5.91 75.37 -46.50
C ASN G 56 -5.62 75.42 -45.02
N TYR G 57 -6.08 74.45 -44.27
CA TYR G 57 -5.88 74.48 -42.83
C TYR G 57 -5.00 73.32 -42.44
N ILE G 58 -3.93 73.63 -41.68
CA ILE G 58 -2.95 72.67 -41.18
C ILE G 58 -2.83 72.79 -39.67
N TYR G 59 -2.78 71.65 -38.98
CA TYR G 59 -2.69 71.57 -37.54
C TYR G 59 -1.57 70.63 -37.12
N TYR G 60 -0.75 71.04 -36.11
CA TYR G 60 0.34 70.26 -35.53
C TYR G 60 0.33 70.28 -34.02
N PRO G 61 0.75 69.17 -33.35
CA PRO G 61 1.01 69.24 -31.90
C PRO G 61 2.42 69.81 -31.61
N ASP G 62 2.66 70.19 -30.37
CA ASP G 62 3.93 70.80 -29.90
C ASP G 62 5.22 70.00 -30.18
N THR G 63 5.10 68.68 -30.21
CA THR G 63 6.18 67.73 -30.42
C THR G 63 6.79 67.73 -31.82
N VAL G 64 6.03 68.17 -32.83
CA VAL G 64 6.31 68.01 -34.25
C VAL G 64 6.35 69.30 -35.06
N LYS G 65 5.67 70.32 -34.55
CA LYS G 65 5.60 71.62 -35.19
C LYS G 65 7.04 72.18 -35.49
N GLY G 66 7.22 72.74 -36.65
CA GLY G 66 8.52 73.28 -37.01
C GLY G 66 9.47 72.31 -37.66
N ARG G 67 9.28 71.01 -37.42
CA ARG G 67 10.09 69.93 -38.01
C ARG G 67 9.30 69.18 -39.09
N PHE G 68 8.02 68.85 -38.81
CA PHE G 68 7.22 68.08 -39.75
C PHE G 68 6.33 68.94 -40.62
N THR G 69 6.04 68.48 -41.83
CA THR G 69 5.19 69.19 -42.77
C THR G 69 4.20 68.22 -43.40
N ILE G 70 2.91 68.46 -43.17
CA ILE G 70 1.84 67.66 -43.77
C ILE G 70 1.49 68.37 -45.10
N SER G 71 1.19 67.60 -46.12
CA SER G 71 0.81 68.07 -47.45
C SER G 71 0.02 66.99 -48.16
N ARG G 72 -0.65 67.38 -49.25
CA ARG G 72 -1.49 66.47 -50.03
C ARG G 72 -1.48 66.86 -51.49
N ASP G 73 -1.84 65.89 -52.34
CA ASP G 73 -2.01 66.09 -53.77
C ASP G 73 -3.35 65.47 -54.13
N ASN G 74 -4.39 66.32 -54.19
CA ASN G 74 -5.78 65.94 -54.47
C ASN G 74 -6.03 65.36 -55.85
N ALA G 75 -5.06 65.48 -56.73
CA ALA G 75 -5.06 64.97 -58.08
C ALA G 75 -4.45 63.56 -58.15
N LYS G 76 -3.54 63.24 -57.21
CA LYS G 76 -2.84 61.96 -57.11
C LYS G 76 -3.42 61.08 -55.99
N ASN G 77 -4.43 61.58 -55.26
CA ASN G 77 -5.08 60.91 -54.13
C ASN G 77 -4.06 60.47 -53.07
N THR G 78 -3.08 61.34 -52.82
CA THR G 78 -1.99 61.05 -51.91
C THR G 78 -1.84 62.10 -50.83
N LEU G 79 -1.48 61.62 -49.62
CA LEU G 79 -1.17 62.40 -48.43
C LEU G 79 0.31 62.24 -48.18
N TYR G 80 1.02 63.32 -47.75
CA TYR G 80 2.46 63.27 -47.46
C TYR G 80 2.82 63.73 -46.06
N LEU G 81 3.97 63.25 -45.54
CA LEU G 81 4.53 63.71 -44.27
C LEU G 81 6.03 63.86 -44.45
N GLN G 82 6.49 65.11 -44.52
CA GLN G 82 7.91 65.39 -44.62
C GLN G 82 8.44 65.58 -43.19
N MET G 83 9.31 64.67 -42.77
CA MET G 83 9.92 64.68 -41.44
C MET G 83 11.36 65.13 -41.57
N SER G 84 11.80 66.03 -40.68
CA SER G 84 13.19 66.53 -40.67
C SER G 84 13.66 66.69 -39.23
N SER G 85 14.96 66.85 -38.98
CA SER G 85 15.56 66.96 -37.63
C SER G 85 15.01 65.82 -36.79
N LEU G 86 15.00 64.64 -37.36
CA LEU G 86 14.50 63.41 -36.75
C LEU G 86 15.29 63.07 -35.49
N LYS G 87 14.58 62.68 -34.44
CA LYS G 87 15.18 62.29 -33.18
C LYS G 87 14.66 60.91 -32.77
N SER G 88 15.34 60.21 -31.85
CA SER G 88 14.92 58.86 -31.48
C SER G 88 13.47 58.73 -31.00
N GLU G 89 12.95 59.78 -30.34
CA GLU G 89 11.57 59.80 -29.85
C GLU G 89 10.55 59.88 -30.99
N ASP G 90 11.03 59.97 -32.25
CA ASP G 90 10.19 59.95 -33.43
C ASP G 90 9.97 58.54 -33.94
N THR G 91 10.69 57.54 -33.38
CA THR G 91 10.59 56.11 -33.72
C THR G 91 9.16 55.62 -33.39
N ALA G 92 8.45 55.10 -34.39
CA ALA G 92 7.07 54.68 -34.22
C ALA G 92 6.50 54.15 -35.51
N MET G 93 5.28 53.61 -35.40
CA MET G 93 4.50 53.17 -36.54
C MET G 93 3.69 54.41 -36.91
N TYR G 94 3.73 54.81 -38.18
CA TYR G 94 3.00 55.98 -38.61
C TYR G 94 1.78 55.63 -39.38
N TYR G 95 0.63 56.04 -38.88
CA TYR G 95 -0.64 55.75 -39.54
C TYR G 95 -1.22 56.97 -40.20
N CYS G 96 -1.78 56.75 -41.34
CA CYS G 96 -2.50 57.68 -42.15
C CYS G 96 -4.00 57.41 -41.77
N THR G 97 -4.79 58.48 -41.50
CA THR G 97 -6.20 58.36 -41.10
C THR G 97 -7.04 59.39 -41.89
N ARG G 98 -8.30 59.06 -42.10
CA ARG G 98 -9.32 59.87 -42.73
C ARG G 98 -10.14 60.47 -41.59
N GLU G 99 -10.30 61.79 -41.67
CA GLU G 99 -11.11 62.54 -40.70
C GLU G 99 -12.57 62.25 -40.99
N GLY G 100 -13.39 62.18 -39.95
CA GLY G 100 -14.81 61.91 -40.11
C GLY G 100 -15.47 63.00 -40.91
N ALA G 101 -16.28 62.62 -41.91
CA ALA G 101 -16.99 63.52 -42.83
C ALA G 101 -17.47 64.86 -42.23
N TYR G 102 -17.30 65.97 -42.98
CA TYR G 102 -17.73 67.30 -42.53
C TYR G 102 -19.27 67.42 -42.52
N SER G 103 -19.84 67.57 -41.32
CA SER G 103 -21.27 67.78 -41.11
C SER G 103 -21.44 69.06 -40.31
N GLY G 104 -22.52 69.79 -40.59
CA GLY G 104 -22.87 71.03 -39.92
C GLY G 104 -24.14 70.90 -39.08
N SER G 105 -24.05 71.04 -37.73
CA SER G 105 -22.82 71.32 -36.98
C SER G 105 -22.46 70.14 -36.04
N SER G 106 -22.40 68.91 -36.63
CA SER G 106 -22.04 67.67 -35.96
C SER G 106 -20.63 67.29 -36.43
N SER G 107 -19.64 67.28 -35.51
CA SER G 107 -18.27 66.87 -35.81
C SER G 107 -18.15 65.35 -35.60
N TYR G 108 -17.16 64.69 -36.27
CA TYR G 108 -16.93 63.22 -36.22
C TYR G 108 -15.46 62.82 -36.05
N PRO G 109 -15.16 61.67 -35.39
CA PRO G 109 -13.75 61.32 -35.20
C PRO G 109 -13.18 60.63 -36.45
N MET G 110 -11.87 60.46 -36.49
CA MET G 110 -11.19 59.74 -37.58
C MET G 110 -11.68 58.27 -37.55
N ASP G 111 -12.11 57.76 -38.71
CA ASP G 111 -12.72 56.44 -38.85
C ASP G 111 -11.79 55.41 -39.40
N TYR G 112 -11.22 55.64 -40.58
CA TYR G 112 -10.32 54.68 -41.20
C TYR G 112 -8.90 54.97 -40.91
N TRP G 113 -8.12 53.90 -40.60
CA TRP G 113 -6.68 53.96 -40.36
C TRP G 113 -6.02 53.03 -41.37
N GLY G 114 -4.85 53.39 -41.85
CA GLY G 114 -4.14 52.51 -42.78
C GLY G 114 -3.38 51.44 -42.04
N GLN G 115 -2.49 50.71 -42.74
CA GLN G 115 -1.72 49.66 -42.05
C GLN G 115 -0.47 50.14 -41.30
N GLY G 116 -0.01 51.36 -41.61
CA GLY G 116 1.16 51.98 -41.04
C GLY G 116 2.45 51.68 -41.77
N THR G 117 3.47 52.55 -41.60
CA THR G 117 4.86 52.35 -42.01
C THR G 117 5.68 52.63 -40.79
N SER G 118 6.63 51.75 -40.47
CA SER G 118 7.47 52.01 -39.31
C SER G 118 8.70 52.81 -39.69
N VAL G 119 9.06 53.72 -38.80
CA VAL G 119 10.18 54.65 -38.91
C VAL G 119 11.03 54.40 -37.69
N THR G 120 12.33 54.14 -37.88
CA THR G 120 13.26 53.93 -36.79
C THR G 120 14.29 55.03 -36.87
N VAL G 121 14.44 55.79 -35.78
CA VAL G 121 15.45 56.85 -35.72
C VAL G 121 16.50 56.34 -34.79
N SER G 122 17.66 55.96 -35.36
CA SER G 122 18.76 55.36 -34.63
C SER G 122 20.10 55.56 -35.33
N SER G 123 21.17 55.51 -34.54
CA SER G 123 22.55 55.62 -34.98
C SER G 123 23.12 54.20 -35.26
N ALA G 124 22.35 53.15 -34.87
CA ALA G 124 22.69 51.74 -35.09
C ALA G 124 22.56 51.39 -36.58
N LYS G 125 23.57 50.66 -37.08
CA LYS G 125 23.70 50.24 -38.48
C LYS G 125 22.78 49.04 -38.80
N THR G 126 22.23 49.01 -40.02
CA THR G 126 21.41 47.90 -40.52
C THR G 126 22.30 46.66 -40.56
N THR G 127 21.92 45.60 -39.89
CA THR G 127 22.73 44.39 -39.77
C THR G 127 21.85 43.18 -40.08
N PRO G 128 22.30 42.27 -40.99
CA PRO G 128 21.49 41.07 -41.23
C PRO G 128 21.65 40.12 -40.04
N PRO G 129 20.63 39.29 -39.73
CA PRO G 129 20.74 38.39 -38.58
C PRO G 129 21.61 37.15 -38.82
N SER G 130 21.99 36.49 -37.71
CA SER G 130 22.72 35.23 -37.68
C SER G 130 21.65 34.28 -37.19
N VAL G 131 21.43 33.21 -37.95
CA VAL G 131 20.39 32.22 -37.62
C VAL G 131 21.06 30.94 -37.17
N TYR G 132 20.71 30.50 -35.94
CA TYR G 132 21.26 29.28 -35.36
C TYR G 132 20.16 28.26 -35.14
N PRO G 133 20.32 27.01 -35.62
CA PRO G 133 19.28 25.99 -35.39
C PRO G 133 19.27 25.51 -33.96
N LEU G 134 18.07 25.23 -33.43
CA LEU G 134 17.93 24.71 -32.07
C LEU G 134 17.31 23.33 -32.18
N ALA G 135 18.15 22.30 -32.02
CA ALA G 135 17.73 20.91 -32.09
C ALA G 135 18.08 20.23 -30.76
N PRO G 136 17.28 19.23 -30.31
CA PRO G 136 17.60 18.55 -29.03
C PRO G 136 18.93 17.79 -29.02
N SER G 144 5.83 11.53 -28.44
CA SER G 144 4.88 11.84 -29.51
C SER G 144 5.21 13.11 -30.26
N SER G 145 5.60 14.18 -29.56
CA SER G 145 5.95 15.45 -30.19
C SER G 145 7.44 15.75 -30.08
N VAL G 146 7.94 16.69 -30.91
CA VAL G 146 9.33 17.16 -30.86
C VAL G 146 9.40 18.70 -31.11
N THR G 147 9.99 19.45 -30.13
CA THR G 147 10.17 20.90 -30.21
C THR G 147 11.50 21.25 -30.82
N LEU G 148 11.45 21.98 -31.94
CA LEU G 148 12.61 22.50 -32.66
C LEU G 148 12.58 24.05 -32.56
N GLY G 149 13.71 24.70 -32.79
CA GLY G 149 13.72 26.16 -32.78
C GLY G 149 14.77 26.82 -33.64
N CYS G 150 14.69 28.14 -33.76
CA CYS G 150 15.67 28.96 -34.44
C CYS G 150 15.98 30.19 -33.62
N LEU G 151 17.27 30.44 -33.36
CA LEU G 151 17.74 31.58 -32.62
C LEU G 151 18.26 32.58 -33.65
N VAL G 152 17.59 33.73 -33.75
CA VAL G 152 17.96 34.77 -34.73
C VAL G 152 18.56 35.94 -34.00
N LYS G 153 19.87 36.03 -34.06
CA LYS G 153 20.68 36.96 -33.28
C LYS G 153 21.37 38.06 -34.06
N GLY G 154 21.51 39.21 -33.39
CA GLY G 154 22.29 40.34 -33.85
C GLY G 154 21.92 41.07 -35.12
N TYR G 155 20.62 41.38 -35.30
CA TYR G 155 20.13 42.15 -36.46
C TYR G 155 19.60 43.49 -36.01
N PHE G 156 19.46 44.38 -36.99
CA PHE G 156 18.97 45.72 -36.84
C PHE G 156 18.57 46.26 -38.18
N PRO G 157 17.41 46.92 -38.26
CA PRO G 157 16.43 47.12 -37.20
C PRO G 157 15.40 46.02 -37.24
N GLU G 158 14.28 46.26 -36.58
CA GLU G 158 13.14 45.36 -36.63
C GLU G 158 12.41 45.62 -38.00
N SER G 159 11.60 44.67 -38.48
CA SER G 159 11.43 43.39 -37.85
C SER G 159 11.97 42.28 -38.76
N VAL G 160 11.79 41.05 -38.27
CA VAL G 160 12.19 39.81 -38.93
C VAL G 160 10.95 38.88 -38.96
N THR G 161 10.82 38.10 -40.02
CA THR G 161 9.76 37.11 -40.11
C THR G 161 10.36 35.72 -40.25
N VAL G 162 9.94 34.82 -39.39
CA VAL G 162 10.36 33.43 -39.40
C VAL G 162 9.18 32.56 -39.85
N THR G 163 9.43 31.67 -40.80
CA THR G 163 8.43 30.73 -41.30
C THR G 163 9.04 29.34 -41.25
N TRP G 164 8.23 28.34 -40.92
CA TRP G 164 8.71 26.98 -40.85
C TRP G 164 8.18 26.19 -42.01
N ASN G 165 9.09 25.50 -42.74
CA ASN G 165 8.80 24.74 -43.98
C ASN G 165 8.12 25.62 -45.06
N SER G 166 8.50 26.93 -45.08
CA SER G 166 7.96 27.99 -45.94
C SER G 166 6.41 28.20 -45.79
N GLY G 167 5.94 28.11 -44.54
CA GLY G 167 4.54 28.27 -44.17
C GLY G 167 3.76 26.99 -43.91
N SER G 168 4.31 25.83 -44.32
CA SER G 168 3.70 24.50 -44.15
C SER G 168 3.71 24.08 -42.67
N SER G 171 1.89 20.88 -36.24
CA SER G 171 2.77 22.07 -36.28
C SER G 171 2.29 23.31 -35.46
N SER G 172 2.93 23.59 -34.29
CA SER G 172 2.54 24.76 -33.49
C SER G 172 3.70 25.72 -33.33
N VAL G 173 3.63 26.88 -34.03
CA VAL G 173 4.70 27.89 -34.06
C VAL G 173 4.53 28.92 -32.95
N HIS G 174 5.64 29.31 -32.31
CA HIS G 174 5.69 30.41 -31.33
C HIS G 174 6.80 31.38 -31.78
N THR G 175 6.48 32.65 -31.87
CA THR G 175 7.41 33.69 -32.25
C THR G 175 7.63 34.54 -31.02
N PHE G 176 8.86 34.59 -30.55
CA PHE G 176 9.17 35.32 -29.33
C PHE G 176 9.65 36.72 -29.67
N PRO G 177 8.98 37.75 -29.08
CA PRO G 177 9.35 39.15 -29.39
C PRO G 177 10.83 39.47 -29.15
N ALA G 178 11.42 40.27 -30.06
CA ALA G 178 12.84 40.62 -29.97
C ALA G 178 13.17 41.47 -28.77
N LEU G 179 14.41 41.35 -28.31
CA LEU G 179 14.93 42.15 -27.21
C LEU G 179 16.24 42.75 -27.67
N LEU G 180 16.48 44.02 -27.32
CA LEU G 180 17.72 44.68 -27.73
C LEU G 180 18.87 44.35 -26.77
N GLN G 181 19.85 43.61 -27.26
CA GLN G 181 21.01 43.13 -26.50
C GLN G 181 22.29 43.62 -27.19
N SER G 182 23.02 44.54 -26.51
CA SER G 182 24.27 45.17 -26.99
C SER G 182 24.05 45.94 -28.30
N GLY G 183 22.98 46.73 -28.31
CA GLY G 183 22.59 47.56 -29.45
C GLY G 183 22.08 46.79 -30.67
N LEU G 184 21.80 45.49 -30.53
CA LEU G 184 21.30 44.65 -31.62
C LEU G 184 20.14 43.80 -31.14
N TYR G 185 19.23 43.41 -32.06
CA TYR G 185 18.09 42.58 -31.70
C TYR G 185 18.34 41.10 -31.77
N THR G 186 17.67 40.36 -30.86
CA THR G 186 17.72 38.92 -30.80
C THR G 186 16.34 38.38 -30.57
N MET G 187 15.93 37.45 -31.39
CA MET G 187 14.63 36.79 -31.19
C MET G 187 14.72 35.27 -31.41
N SER G 188 13.65 34.56 -31.15
CA SER G 188 13.60 33.12 -31.35
C SER G 188 12.22 32.69 -31.78
N SER G 189 12.16 31.51 -32.38
CA SER G 189 10.94 30.89 -32.88
C SER G 189 11.03 29.40 -32.53
N SER G 190 9.87 28.77 -32.24
CA SER G 190 9.80 27.36 -31.97
C SER G 190 8.64 26.72 -32.74
N VAL G 191 8.82 25.44 -33.13
CA VAL G 191 7.84 24.56 -33.74
C VAL G 191 7.78 23.30 -32.89
N THR G 192 6.61 22.76 -32.77
CA THR G 192 6.42 21.47 -32.13
C THR G 192 5.77 20.66 -33.21
N VAL G 193 6.45 19.59 -33.64
CA VAL G 193 5.96 18.71 -34.70
C VAL G 193 5.86 17.26 -34.20
N PRO G 194 5.21 16.31 -34.91
CA PRO G 194 5.18 14.93 -34.40
C PRO G 194 6.54 14.24 -34.53
N SER G 195 6.92 13.38 -33.56
CA SER G 195 8.17 12.61 -33.54
C SER G 195 8.35 11.89 -34.87
N SER G 196 7.25 11.39 -35.44
CA SER G 196 7.20 10.66 -36.71
C SER G 196 7.68 11.47 -37.92
N THR G 197 7.62 12.81 -37.86
CA THR G 197 8.03 13.69 -38.96
C THR G 197 9.48 14.17 -38.88
N TRP G 198 10.04 14.30 -37.66
CA TRP G 198 11.42 14.76 -37.51
C TRP G 198 12.26 13.79 -36.69
N PRO G 199 13.46 13.38 -37.19
CA PRO G 199 14.17 13.89 -38.37
C PRO G 199 13.94 13.19 -39.71
N SER G 200 12.95 12.27 -39.82
CA SER G 200 12.61 11.51 -41.05
C SER G 200 12.33 12.43 -42.25
N GLN G 201 11.63 13.54 -41.99
CA GLN G 201 11.30 14.57 -42.98
C GLN G 201 12.03 15.86 -42.59
N THR G 202 12.43 16.63 -43.60
CA THR G 202 13.20 17.87 -43.48
C THR G 202 12.41 19.04 -42.90
N VAL G 203 12.92 19.63 -41.78
CA VAL G 203 12.36 20.81 -41.11
C VAL G 203 13.36 21.94 -41.23
N THR G 204 12.95 23.04 -41.87
CA THR G 204 13.80 24.22 -42.05
C THR G 204 13.06 25.47 -41.61
N CYS G 205 13.79 26.40 -41.02
CA CYS G 205 13.24 27.72 -40.69
C CYS G 205 13.81 28.74 -41.68
N SER G 206 12.94 29.64 -42.15
CA SER G 206 13.29 30.67 -43.13
C SER G 206 13.12 31.99 -42.43
N VAL G 207 14.21 32.76 -42.37
CA VAL G 207 14.22 34.04 -41.70
C VAL G 207 14.37 35.12 -42.74
N ALA G 208 13.45 36.09 -42.77
CA ALA G 208 13.53 37.24 -43.68
C ALA G 208 13.65 38.55 -42.91
N HIS G 209 14.64 39.41 -43.29
CA HIS G 209 14.91 40.72 -42.70
C HIS G 209 14.81 41.75 -43.83
N PRO G 210 13.62 42.37 -44.02
CA PRO G 210 13.44 43.27 -45.18
C PRO G 210 14.38 44.45 -45.22
N ALA G 211 14.75 44.95 -44.03
CA ALA G 211 15.64 46.10 -43.85
C ALA G 211 16.97 45.93 -44.53
N SER G 212 17.49 44.69 -44.56
CA SER G 212 18.76 44.36 -45.20
C SER G 212 18.59 43.58 -46.51
N SER G 213 17.33 43.33 -46.92
CA SER G 213 16.92 42.55 -48.12
C SER G 213 17.46 41.12 -48.04
N THR G 214 17.54 40.63 -46.83
CA THR G 214 18.11 39.36 -46.43
C THR G 214 17.03 38.27 -46.31
N THR G 215 17.45 37.04 -46.57
CA THR G 215 16.69 35.79 -46.41
C THR G 215 17.75 34.77 -46.04
N VAL G 216 17.47 33.99 -45.00
CA VAL G 216 18.36 32.93 -44.53
C VAL G 216 17.56 31.69 -44.14
N ASP G 217 17.83 30.57 -44.83
CA ASP G 217 17.13 29.30 -44.64
C ASP G 217 18.02 28.28 -43.94
N LYS G 218 17.63 27.88 -42.72
CA LYS G 218 18.43 26.95 -41.93
C LYS G 218 17.72 25.61 -41.73
N LYS G 219 18.31 24.54 -42.25
CA LYS G 219 17.79 23.18 -42.08
C LYS G 219 18.15 22.72 -40.67
N LEU G 220 17.18 22.11 -39.97
CA LEU G 220 17.40 21.62 -38.63
C LEU G 220 17.84 20.19 -38.66
N GLU G 221 19.02 19.93 -38.12
CA GLU G 221 19.62 18.60 -38.15
C GLU G 221 19.82 17.95 -36.78
N PRO G 222 19.61 16.60 -36.66
CA PRO G 222 19.76 15.96 -35.35
C PRO G 222 21.20 15.81 -34.89
N SER G 223 21.41 15.53 -33.59
CA SER G 223 22.73 15.42 -32.99
C SER G 223 23.07 14.03 -32.37
N GLY G 224 24.34 13.63 -32.50
CA GLY G 224 24.89 12.40 -31.97
C GLY G 224 24.38 11.14 -32.63
N ASN H 1 -4.49 71.78 -22.82
CA ASN H 1 -4.45 70.40 -23.28
C ASN H 1 -5.36 69.49 -22.46
N ILE H 2 -6.27 68.72 -23.15
CA ILE H 2 -7.20 67.75 -22.52
C ILE H 2 -6.49 66.40 -22.40
N MET H 3 -6.09 66.02 -21.18
CA MET H 3 -5.43 64.74 -20.88
C MET H 3 -6.47 63.65 -20.67
N MET H 4 -6.33 62.58 -21.43
CA MET H 4 -7.18 61.40 -21.33
C MET H 4 -6.48 60.37 -20.46
N THR H 5 -7.15 59.93 -19.40
CA THR H 5 -6.60 58.94 -18.46
C THR H 5 -7.46 57.70 -18.47
N GLN H 6 -6.83 56.53 -18.70
CA GLN H 6 -7.51 55.26 -18.77
C GLN H 6 -7.18 54.33 -17.62
N SER H 7 -8.21 53.68 -17.07
CA SER H 7 -8.05 52.74 -15.96
C SER H 7 -8.98 51.51 -16.05
N PRO H 8 -8.46 50.29 -15.74
CA PRO H 8 -7.07 49.98 -15.32
C PRO H 8 -6.18 49.93 -16.55
N SER H 9 -4.84 49.88 -16.41
CA SER H 9 -3.95 49.78 -17.57
C SER H 9 -4.21 48.44 -18.32
N SER H 10 -4.53 47.39 -17.57
CA SER H 10 -4.85 46.07 -18.11
C SER H 10 -5.78 45.29 -17.20
N LEU H 11 -6.58 44.39 -17.80
CA LEU H 11 -7.47 43.51 -17.05
C LEU H 11 -7.72 42.18 -17.76
N ALA H 12 -7.81 41.06 -16.99
CA ALA H 12 -8.08 39.75 -17.57
C ALA H 12 -9.42 39.31 -17.14
N VAL H 13 -10.20 38.89 -18.13
CA VAL H 13 -11.59 38.51 -17.93
C VAL H 13 -11.85 37.18 -18.63
N SER H 14 -12.58 36.29 -17.97
CA SER H 14 -12.98 35.01 -18.57
C SER H 14 -13.94 35.29 -19.71
N ALA H 15 -14.00 34.43 -20.70
CA ALA H 15 -14.93 34.56 -21.83
C ALA H 15 -16.37 34.43 -21.33
N GLY H 16 -17.23 35.34 -21.81
CA GLY H 16 -18.65 35.38 -21.48
C GLY H 16 -18.99 36.25 -20.30
N GLU H 17 -17.97 36.79 -19.62
CA GLU H 17 -18.15 37.73 -18.52
C GLU H 17 -18.21 39.19 -19.06
N LYS H 18 -18.83 40.08 -18.23
CA LYS H 18 -18.98 41.51 -18.43
C LYS H 18 -17.64 42.21 -18.06
N VAL H 19 -17.24 43.22 -18.84
CA VAL H 19 -16.04 44.03 -18.62
C VAL H 19 -16.43 45.48 -18.67
N THR H 20 -15.87 46.27 -17.77
CA THR H 20 -16.01 47.71 -17.71
C THR H 20 -14.64 48.35 -17.70
N MET H 21 -14.39 49.26 -18.61
CA MET H 21 -13.14 50.03 -18.64
C MET H 21 -13.44 51.52 -18.60
N ASN H 22 -12.69 52.25 -17.81
CA ASN H 22 -12.91 53.68 -17.59
C ASN H 22 -11.94 54.60 -18.34
N CYS H 23 -12.45 55.79 -18.67
CA CYS H 23 -11.76 56.90 -19.32
C CYS H 23 -12.16 58.19 -18.59
N LYS H 24 -11.18 59.07 -18.36
CA LYS H 24 -11.36 60.36 -17.68
C LYS H 24 -10.67 61.43 -18.49
N SER H 25 -11.38 62.53 -18.78
CA SER H 25 -10.77 63.65 -19.47
C SER H 25 -10.46 64.72 -18.43
N SER H 26 -9.31 65.43 -18.56
CA SER H 26 -8.90 66.47 -17.59
C SER H 26 -9.92 67.63 -17.50
N GLN H 27 -10.74 67.80 -18.54
CA GLN H 27 -11.81 68.79 -18.66
C GLN H 27 -12.97 68.23 -19.52
N SER H 28 -14.19 68.78 -19.32
CA SER H 28 -15.41 68.36 -20.01
C SER H 28 -15.26 68.34 -21.51
N VAL H 29 -15.74 67.25 -22.13
CA VAL H 29 -15.77 67.04 -23.58
C VAL H 29 -17.21 67.13 -24.10
N LEU H 30 -18.15 67.58 -23.25
CA LEU H 30 -19.54 67.81 -23.60
C LEU H 30 -19.63 69.17 -24.30
N TYR H 31 -20.33 69.22 -25.45
CA TYR H 31 -20.45 70.42 -26.26
C TYR H 31 -21.35 71.56 -25.80
N SER H 32 -22.51 71.25 -25.17
CA SER H 32 -23.54 72.22 -24.68
C SER H 32 -24.42 72.84 -25.79
N SER H 33 -23.83 73.15 -26.97
CA SER H 33 -24.54 73.65 -28.16
C SER H 33 -25.15 72.44 -28.88
N ASN H 34 -24.35 71.35 -29.01
CA ASN H 34 -24.69 70.05 -29.59
C ASN H 34 -25.41 69.21 -28.52
N GLN H 35 -24.90 69.29 -27.26
CA GLN H 35 -25.30 68.52 -26.09
C GLN H 35 -24.81 67.07 -26.35
N LYS H 36 -23.66 66.98 -27.08
CA LYS H 36 -22.99 65.75 -27.48
C LYS H 36 -21.58 65.72 -26.90
N ASN H 37 -21.15 64.53 -26.39
CA ASN H 37 -19.80 64.32 -25.85
C ASN H 37 -18.84 63.97 -26.99
N TYR H 38 -17.78 64.74 -27.16
CA TYR H 38 -16.83 64.47 -28.23
C TYR H 38 -15.80 63.47 -27.80
N LEU H 39 -16.26 62.26 -27.50
CA LEU H 39 -15.48 61.11 -27.06
C LEU H 39 -15.70 59.91 -27.95
N ALA H 40 -14.59 59.26 -28.34
CA ALA H 40 -14.61 58.06 -29.20
C ALA H 40 -13.83 56.95 -28.53
N TRP H 41 -14.16 55.70 -28.89
CA TRP H 41 -13.43 54.51 -28.45
C TRP H 41 -12.94 53.77 -29.68
N TYR H 42 -11.68 53.39 -29.70
CA TYR H 42 -11.01 52.58 -30.72
C TYR H 42 -10.58 51.25 -30.12
N GLN H 43 -10.58 50.20 -30.92
CA GLN H 43 -10.13 48.86 -30.54
C GLN H 43 -8.91 48.50 -31.40
N GLN H 44 -7.80 48.09 -30.78
CA GLN H 44 -6.63 47.67 -31.55
C GLN H 44 -6.25 46.20 -31.23
N LYS H 45 -6.63 45.29 -32.13
CA LYS H 45 -6.34 43.87 -32.00
C LYS H 45 -4.88 43.66 -32.42
N PRO H 46 -4.20 42.64 -31.85
CA PRO H 46 -2.78 42.44 -32.19
C PRO H 46 -2.47 42.36 -33.69
N GLY H 47 -1.42 43.08 -34.10
CA GLY H 47 -0.94 43.13 -35.47
C GLY H 47 -1.80 43.96 -36.41
N GLN H 48 -2.78 44.71 -35.87
CA GLN H 48 -3.70 45.52 -36.66
C GLN H 48 -3.69 46.99 -36.25
N SER H 49 -4.21 47.84 -37.12
CA SER H 49 -4.34 49.27 -36.84
C SER H 49 -5.63 49.46 -36.02
N PRO H 50 -5.82 50.59 -35.32
CA PRO H 50 -7.05 50.76 -34.53
C PRO H 50 -8.29 50.86 -35.42
N LYS H 51 -9.43 50.45 -34.86
CA LYS H 51 -10.71 50.45 -35.56
C LYS H 51 -11.68 51.16 -34.62
N LEU H 52 -12.45 52.09 -35.17
CA LEU H 52 -13.45 52.87 -34.45
C LEU H 52 -14.62 52.01 -34.03
N LEU H 53 -14.93 52.09 -32.77
CA LEU H 53 -15.97 51.34 -32.09
C LEU H 53 -17.19 52.22 -31.77
N ILE H 54 -16.94 53.32 -31.03
CA ILE H 54 -17.96 54.24 -30.47
C ILE H 54 -17.62 55.66 -30.79
N TYR H 55 -18.63 56.50 -30.95
CA TYR H 55 -18.46 57.92 -31.15
C TYR H 55 -19.59 58.61 -30.37
N TRP H 56 -19.48 59.93 -30.12
CA TRP H 56 -20.43 60.64 -29.26
C TRP H 56 -20.65 59.95 -27.88
N ALA H 57 -19.62 59.34 -27.36
CA ALA H 57 -19.61 58.59 -26.11
C ALA H 57 -20.46 57.31 -26.05
N SER H 58 -21.59 57.25 -26.78
CA SER H 58 -22.57 56.14 -26.71
C SER H 58 -22.99 55.47 -28.00
N THR H 59 -22.75 56.11 -29.15
CA THR H 59 -23.20 55.58 -30.43
C THR H 59 -22.19 54.67 -31.12
N ARG H 60 -22.62 53.42 -31.36
CA ARG H 60 -21.79 52.40 -32.01
C ARG H 60 -21.55 52.69 -33.48
N GLU H 61 -20.38 52.30 -34.00
CA GLU H 61 -20.07 52.46 -35.42
C GLU H 61 -20.80 51.33 -36.21
N SER H 62 -20.91 51.47 -37.54
CA SER H 62 -21.61 50.59 -38.46
C SER H 62 -21.68 49.10 -38.17
N GLY H 63 -20.59 48.36 -38.30
CA GLY H 63 -20.69 46.90 -38.04
C GLY H 63 -20.25 46.46 -36.67
N VAL H 64 -20.47 47.30 -35.66
CA VAL H 64 -19.99 47.03 -34.30
C VAL H 64 -20.97 46.17 -33.51
N PRO H 65 -20.50 45.01 -32.99
CA PRO H 65 -21.38 44.13 -32.21
C PRO H 65 -22.04 44.81 -31.01
N ASP H 66 -23.33 44.48 -30.80
CA ASP H 66 -24.20 44.96 -29.71
C ASP H 66 -23.62 44.79 -28.30
N ARG H 67 -22.66 43.85 -28.11
CA ARG H 67 -22.03 43.62 -26.80
C ARG H 67 -21.21 44.81 -26.33
N PHE H 68 -20.70 45.64 -27.29
CA PHE H 68 -19.96 46.87 -27.03
C PHE H 68 -20.93 48.01 -26.74
N THR H 69 -20.76 48.65 -25.59
CA THR H 69 -21.60 49.74 -25.12
C THR H 69 -20.74 50.81 -24.42
N GLY H 70 -20.93 52.07 -24.81
CA GLY H 70 -20.23 53.21 -24.24
C GLY H 70 -21.21 54.11 -23.52
N SER H 71 -20.78 54.68 -22.38
CA SER H 71 -21.61 55.56 -21.55
C SER H 71 -20.78 56.65 -20.89
N GLY H 72 -21.46 57.50 -20.12
CA GLY H 72 -20.87 58.63 -19.41
C GLY H 72 -21.08 59.95 -20.11
N SER H 73 -20.76 61.04 -19.39
CA SER H 73 -20.85 62.40 -19.90
C SER H 73 -19.89 63.29 -19.15
N GLY H 74 -19.53 64.40 -19.79
CA GLY H 74 -18.63 65.40 -19.25
C GLY H 74 -17.17 64.98 -19.24
N THR H 75 -16.73 64.41 -18.10
CA THR H 75 -15.35 63.97 -17.88
C THR H 75 -15.19 62.48 -17.64
N ASP H 76 -16.24 61.78 -17.16
CA ASP H 76 -16.16 60.36 -16.83
C ASP H 76 -16.92 59.50 -17.83
N PHE H 77 -16.21 58.61 -18.51
CA PHE H 77 -16.77 57.70 -19.51
C PHE H 77 -16.37 56.24 -19.27
N THR H 78 -17.18 55.29 -19.80
CA THR H 78 -16.90 53.86 -19.71
C THR H 78 -17.19 53.13 -21.02
N LEU H 79 -16.43 52.07 -21.26
CA LEU H 79 -16.66 51.14 -22.36
C LEU H 79 -16.97 49.79 -21.71
N THR H 80 -18.12 49.21 -22.07
CA THR H 80 -18.59 47.94 -21.52
C THR H 80 -18.73 46.88 -22.61
N ILE H 81 -18.18 45.67 -22.34
CA ILE H 81 -18.37 44.47 -23.16
C ILE H 81 -19.21 43.64 -22.21
N SER H 82 -20.47 43.43 -22.54
CA SER H 82 -21.44 42.70 -21.71
C SER H 82 -21.15 41.19 -21.57
N SER H 83 -20.40 40.63 -22.56
CA SER H 83 -20.02 39.22 -22.62
C SER H 83 -18.76 39.12 -23.47
N VAL H 84 -17.59 39.12 -22.84
CA VAL H 84 -16.33 39.04 -23.58
C VAL H 84 -16.19 37.78 -24.42
N GLN H 85 -15.63 37.94 -25.63
CA GLN H 85 -15.27 36.89 -26.56
C GLN H 85 -13.78 36.90 -26.66
N THR H 86 -13.16 35.73 -26.92
CA THR H 86 -11.70 35.61 -27.05
C THR H 86 -11.17 36.61 -28.09
N GLU H 87 -11.97 36.84 -29.17
CA GLU H 87 -11.73 37.79 -30.30
C GLU H 87 -11.67 39.24 -29.83
N ASP H 88 -12.28 39.57 -28.67
CA ASP H 88 -12.26 40.91 -28.09
C ASP H 88 -10.92 41.23 -27.42
N LEU H 89 -9.96 40.29 -27.46
CA LEU H 89 -8.59 40.49 -26.95
C LEU H 89 -7.98 41.62 -27.84
N ALA H 90 -7.75 42.77 -27.22
CA ALA H 90 -7.27 43.98 -27.85
C ALA H 90 -6.91 45.01 -26.76
N VAL H 91 -6.33 46.13 -27.18
CA VAL H 91 -6.07 47.32 -26.39
C VAL H 91 -7.16 48.30 -26.86
N TYR H 92 -7.93 48.81 -25.90
CA TYR H 92 -9.01 49.76 -26.12
C TYR H 92 -8.52 51.15 -25.71
N TYR H 93 -8.59 52.12 -26.63
CA TYR H 93 -8.17 53.49 -26.36
C TYR H 93 -9.36 54.43 -26.43
N CYS H 94 -9.36 55.46 -25.59
CA CYS H 94 -10.38 56.50 -25.69
C CYS H 94 -9.72 57.71 -26.35
N HIS H 95 -10.53 58.53 -27.01
CA HIS H 95 -10.04 59.68 -27.76
C HIS H 95 -11.05 60.82 -27.62
N GLN H 96 -10.57 62.04 -27.43
CA GLN H 96 -11.44 63.21 -27.48
C GLN H 96 -11.18 63.94 -28.81
N TYR H 97 -12.24 64.34 -29.47
CA TYR H 97 -12.11 65.11 -30.71
C TYR H 97 -12.85 66.46 -30.55
N LEU H 98 -12.81 67.05 -29.32
CA LEU H 98 -13.42 68.37 -29.04
C LEU H 98 -12.79 69.37 -29.99
N SER H 99 -13.67 70.05 -30.76
CA SER H 99 -13.43 71.00 -31.88
C SER H 99 -12.21 71.96 -31.79
N SER H 100 -12.21 72.86 -30.78
CA SER H 100 -11.17 73.86 -30.53
C SER H 100 -9.85 73.32 -29.92
N TYR H 101 -9.81 72.00 -29.63
CA TYR H 101 -8.68 71.35 -28.96
C TYR H 101 -7.95 70.33 -29.82
N MET H 102 -6.61 70.22 -29.57
CA MET H 102 -5.71 69.27 -30.21
C MET H 102 -6.20 67.85 -29.85
N TYR H 103 -6.12 66.91 -30.81
CA TYR H 103 -6.54 65.52 -30.63
C TYR H 103 -5.67 64.81 -29.60
N THR H 104 -6.30 64.14 -28.62
CA THR H 104 -5.61 63.38 -27.58
C THR H 104 -6.23 62.01 -27.42
N PHE H 105 -5.38 61.04 -27.04
CA PHE H 105 -5.75 59.67 -26.79
C PHE H 105 -5.42 59.33 -25.35
N GLY H 106 -6.15 58.34 -24.83
CA GLY H 106 -5.88 57.77 -23.53
C GLY H 106 -4.75 56.77 -23.75
N GLY H 107 -4.08 56.36 -22.67
CA GLY H 107 -2.98 55.41 -22.77
C GLY H 107 -3.35 54.00 -23.14
N GLY H 108 -4.63 53.67 -23.08
CA GLY H 108 -5.16 52.37 -23.45
C GLY H 108 -5.35 51.38 -22.32
N THR H 109 -6.39 50.56 -22.40
CA THR H 109 -6.63 49.47 -21.46
C THR H 109 -6.45 48.15 -22.20
N LYS H 110 -5.48 47.34 -21.73
CA LYS H 110 -5.17 46.05 -22.36
C LYS H 110 -6.11 44.97 -21.82
N LEU H 111 -7.05 44.51 -22.66
CA LEU H 111 -7.95 43.45 -22.25
C LEU H 111 -7.36 42.11 -22.62
N GLU H 112 -7.00 41.31 -21.61
CA GLU H 112 -6.44 39.97 -21.81
C GLU H 112 -7.50 38.94 -21.48
N ILE H 113 -7.43 37.75 -22.07
CA ILE H 113 -8.45 36.73 -21.74
C ILE H 113 -7.97 35.84 -20.59
N LYS H 114 -8.81 35.65 -19.58
CA LYS H 114 -8.53 34.80 -18.43
C LYS H 114 -8.91 33.38 -18.83
N ARG H 115 -8.11 32.43 -18.37
CA ARG H 115 -8.32 31.03 -18.65
C ARG H 115 -7.84 30.18 -17.47
N ALA H 116 -8.10 28.86 -17.49
CA ALA H 116 -7.66 27.96 -16.43
C ALA H 116 -6.12 27.93 -16.42
N ASP H 117 -5.54 27.75 -15.24
CA ASP H 117 -4.11 27.67 -15.11
C ASP H 117 -3.57 26.46 -15.89
N ALA H 118 -2.47 26.65 -16.59
CA ALA H 118 -1.85 25.61 -17.38
C ALA H 118 -0.36 25.64 -17.11
N ALA H 119 0.24 24.46 -16.93
CA ALA H 119 1.67 24.31 -16.64
C ALA H 119 2.49 24.35 -17.97
N PRO H 120 3.74 24.85 -17.88
CA PRO H 120 4.55 24.93 -19.11
C PRO H 120 5.16 23.61 -19.51
N THR H 121 5.41 23.44 -20.81
CA THR H 121 6.10 22.29 -21.38
C THR H 121 7.49 22.84 -21.70
N VAL H 122 8.46 22.43 -20.90
CA VAL H 122 9.85 22.91 -20.97
C VAL H 122 10.72 22.07 -21.88
N SER H 123 11.53 22.73 -22.72
CA SER H 123 12.47 22.15 -23.67
C SER H 123 13.80 22.89 -23.55
N ILE H 124 14.90 22.13 -23.47
CA ILE H 124 16.26 22.70 -23.37
C ILE H 124 17.06 22.40 -24.63
N PHE H 125 17.87 23.37 -25.04
CA PHE H 125 18.66 23.23 -26.27
C PHE H 125 20.10 23.65 -26.05
N PRO H 126 21.05 22.72 -26.28
CA PRO H 126 22.46 23.09 -26.20
C PRO H 126 22.87 24.02 -27.36
N PRO H 127 24.00 24.76 -27.22
CA PRO H 127 24.44 25.66 -28.31
C PRO H 127 24.67 24.91 -29.60
N SER H 128 24.28 25.51 -30.72
CA SER H 128 24.46 24.89 -32.03
C SER H 128 25.93 24.80 -32.40
N SER H 129 26.26 23.87 -33.30
CA SER H 129 27.60 23.62 -33.83
C SER H 129 28.15 24.90 -34.43
N GLU H 130 27.35 25.55 -35.31
CA GLU H 130 27.72 26.79 -36.00
C GLU H 130 27.90 27.97 -35.08
N GLN H 131 27.19 28.01 -33.94
CA GLN H 131 27.37 29.10 -32.97
C GLN H 131 28.70 28.97 -32.27
N LEU H 132 29.03 27.75 -31.78
CA LEU H 132 30.30 27.44 -31.12
C LEU H 132 31.47 27.75 -32.07
N THR H 133 31.30 27.46 -33.37
CA THR H 133 32.24 27.75 -34.46
C THR H 133 32.64 29.26 -34.46
N SER H 134 31.68 30.16 -34.14
CA SER H 134 31.84 31.62 -34.10
C SER H 134 32.36 32.20 -32.77
N GLY H 135 32.50 31.36 -31.76
CA GLY H 135 33.02 31.76 -30.45
C GLY H 135 31.99 31.98 -29.35
N GLY H 136 30.71 31.93 -29.70
CA GLY H 136 29.61 32.12 -28.76
C GLY H 136 28.89 30.83 -28.42
N ALA H 137 28.15 30.82 -27.30
CA ALA H 137 27.41 29.65 -26.84
C ALA H 137 26.17 30.04 -26.07
N SER H 138 25.01 29.93 -26.74
CA SER H 138 23.71 30.23 -26.14
C SER H 138 22.93 28.96 -25.85
N VAL H 139 22.53 28.81 -24.60
CA VAL H 139 21.69 27.70 -24.16
C VAL H 139 20.28 28.25 -24.10
N VAL H 140 19.32 27.60 -24.77
CA VAL H 140 17.94 28.07 -24.85
C VAL H 140 16.96 27.15 -24.12
N CYS H 141 15.97 27.76 -23.46
CA CYS H 141 14.86 27.08 -22.83
C CYS H 141 13.56 27.68 -23.30
N PHE H 142 12.68 26.85 -23.85
CA PHE H 142 11.34 27.23 -24.24
C PHE H 142 10.39 26.72 -23.18
N LEU H 143 9.54 27.59 -22.63
CA LEU H 143 8.50 27.29 -21.64
C LEU H 143 7.23 27.53 -22.45
N ASN H 144 6.63 26.47 -22.98
CA ASN H 144 5.49 26.62 -23.86
C ASN H 144 4.13 26.27 -23.26
N ASN H 145 3.13 27.08 -23.63
CA ASN H 145 1.71 26.95 -23.33
C ASN H 145 1.32 26.90 -21.90
N PHE H 146 1.68 27.96 -21.16
CA PHE H 146 1.32 28.07 -19.76
C PHE H 146 0.41 29.27 -19.47
N TYR H 147 -0.17 29.28 -18.26
CA TYR H 147 -1.06 30.33 -17.78
C TYR H 147 -1.22 30.25 -16.25
N PRO H 148 -1.10 31.35 -15.48
CA PRO H 148 -0.92 32.76 -15.93
C PRO H 148 0.44 33.10 -16.52
N LYS H 149 0.62 34.39 -16.90
CA LYS H 149 1.85 34.93 -17.51
C LYS H 149 3.05 34.86 -16.58
N ASP H 150 2.87 35.09 -15.27
CA ASP H 150 3.98 35.10 -14.30
C ASP H 150 4.63 33.73 -14.18
N ILE H 151 5.93 33.70 -14.44
CA ILE H 151 6.77 32.50 -14.44
C ILE H 151 8.19 32.92 -14.10
N ASN H 152 8.92 32.05 -13.39
CA ASN H 152 10.31 32.29 -13.04
C ASN H 152 11.23 31.21 -13.65
N VAL H 153 12.38 31.65 -14.18
CA VAL H 153 13.37 30.75 -14.77
C VAL H 153 14.71 31.00 -14.09
N LYS H 154 15.30 29.94 -13.53
CA LYS H 154 16.62 29.98 -12.94
C LYS H 154 17.51 29.01 -13.72
N TRP H 155 18.71 29.48 -14.04
CA TRP H 155 19.67 28.69 -14.80
C TRP H 155 20.73 28.20 -13.83
N LYS H 156 21.09 26.92 -13.94
CA LYS H 156 22.09 26.31 -13.09
C LYS H 156 23.18 25.67 -13.93
N ILE H 157 24.42 26.01 -13.60
CA ILE H 157 25.61 25.50 -14.26
C ILE H 157 26.42 24.74 -13.21
N ASP H 158 26.48 23.40 -13.35
CA ASP H 158 27.15 22.49 -12.44
C ASP H 158 26.66 22.67 -10.97
N GLY H 159 25.33 22.89 -10.83
CA GLY H 159 24.66 23.08 -9.55
C GLY H 159 24.53 24.52 -9.08
N SER H 160 25.41 25.42 -9.57
CA SER H 160 25.42 26.84 -9.20
C SER H 160 24.50 27.69 -10.07
N GLU H 161 23.63 28.51 -9.42
CA GLU H 161 22.72 29.42 -10.10
C GLU H 161 23.49 30.56 -10.76
N ARG H 162 23.21 30.80 -12.04
CA ARG H 162 23.81 31.83 -12.87
C ARG H 162 22.81 32.99 -13.05
N GLN H 163 23.26 34.25 -12.90
CA GLN H 163 22.40 35.43 -13.08
C GLN H 163 23.03 36.50 -14.00
N ASN H 164 24.04 36.10 -14.78
CA ASN H 164 24.75 36.94 -15.75
C ASN H 164 24.56 36.40 -17.18
N GLY H 165 23.92 37.21 -18.01
CA GLY H 165 23.72 36.90 -19.42
C GLY H 165 22.50 36.07 -19.80
N VAL H 166 21.35 36.34 -19.18
CA VAL H 166 20.08 35.65 -19.46
C VAL H 166 19.03 36.64 -19.93
N LEU H 167 18.38 36.34 -21.05
CA LEU H 167 17.31 37.18 -21.55
C LEU H 167 16.04 36.37 -21.75
N ASN H 168 14.91 36.92 -21.26
CA ASN H 168 13.61 36.25 -21.31
C ASN H 168 12.63 37.03 -22.10
N SER H 169 11.90 36.35 -22.97
CA SER H 169 10.93 36.93 -23.88
C SER H 169 9.62 36.15 -23.87
N TRP H 170 8.50 36.84 -23.64
CA TRP H 170 7.15 36.27 -23.64
C TRP H 170 6.47 36.54 -24.93
N THR H 171 5.71 35.57 -25.36
CA THR H 171 4.84 35.61 -26.52
C THR H 171 3.55 36.34 -26.02
N ASP H 172 2.70 36.79 -26.92
CA ASP H 172 1.44 37.39 -26.50
C ASP H 172 0.45 36.24 -26.32
N GLN H 173 -0.71 36.42 -25.65
CA GLN H 173 -1.68 35.33 -25.49
C GLN H 173 -1.99 34.67 -26.85
N ASP H 174 -1.84 33.34 -26.92
CA ASP H 174 -2.10 32.53 -28.10
C ASP H 174 -3.56 32.76 -28.54
N SER H 175 -3.76 32.89 -29.86
CA SER H 175 -5.08 33.12 -30.45
C SER H 175 -6.02 31.95 -30.24
N LYS H 176 -5.43 30.74 -30.23
CA LYS H 176 -6.14 29.49 -30.08
C LYS H 176 -6.41 29.02 -28.63
N ASP H 177 -5.44 29.01 -27.70
CA ASP H 177 -5.76 28.54 -26.33
C ASP H 177 -5.62 29.58 -25.20
N SER H 178 -5.27 30.86 -25.59
CA SER H 178 -5.10 32.00 -24.67
C SER H 178 -3.94 31.84 -23.67
N THR H 179 -3.00 30.96 -23.98
CA THR H 179 -1.87 30.68 -23.10
C THR H 179 -0.67 31.48 -23.56
N TYR H 180 0.38 31.43 -22.71
CA TYR H 180 1.63 32.12 -22.98
C TYR H 180 2.74 31.15 -23.25
N SER H 181 3.80 31.69 -23.85
CA SER H 181 5.02 30.94 -24.11
C SER H 181 6.16 31.89 -23.81
N MET H 182 7.28 31.35 -23.40
CA MET H 182 8.42 32.15 -23.03
C MET H 182 9.70 31.43 -23.42
N SER H 183 10.66 32.20 -23.86
CA SER H 183 11.98 31.73 -24.28
C SER H 183 13.00 32.39 -23.38
N SER H 184 13.86 31.58 -22.73
CA SER H 184 14.94 31.98 -21.84
C SER H 184 16.27 31.57 -22.50
N THR H 185 17.20 32.53 -22.63
CA THR H 185 18.45 32.29 -23.33
C THR H 185 19.62 32.70 -22.48
N LEU H 186 20.47 31.73 -22.10
CA LEU H 186 21.71 31.91 -21.34
C LEU H 186 22.83 32.03 -22.35
N THR H 187 23.49 33.18 -22.42
CA THR H 187 24.58 33.38 -23.36
C THR H 187 25.92 33.45 -22.65
N LEU H 188 26.83 32.56 -23.06
CA LEU H 188 28.19 32.44 -22.56
C LEU H 188 29.10 32.44 -23.77
N THR H 189 30.42 32.57 -23.52
CA THR H 189 31.41 32.47 -24.57
C THR H 189 31.64 30.97 -24.76
N LYS H 190 32.25 30.54 -25.89
CA LYS H 190 32.56 29.13 -26.15
C LYS H 190 33.44 28.58 -25.02
N ASP H 191 34.44 29.38 -24.54
CA ASP H 191 35.38 29.05 -23.45
C ASP H 191 34.71 28.82 -22.12
N GLU H 192 33.82 29.75 -21.69
CA GLU H 192 33.04 29.66 -20.46
C GLU H 192 32.12 28.43 -20.51
N TYR H 193 31.56 28.13 -21.69
CA TYR H 193 30.68 26.98 -21.91
C TYR H 193 31.43 25.65 -21.79
N GLU H 194 32.63 25.56 -22.37
CA GLU H 194 33.46 24.37 -22.35
C GLU H 194 34.11 24.08 -20.99
N ARG H 195 34.11 25.07 -20.09
CA ARG H 195 34.67 24.96 -18.74
C ARG H 195 33.74 24.17 -17.79
N HIS H 196 32.45 24.04 -18.16
CA HIS H 196 31.45 23.34 -17.35
C HIS H 196 30.82 22.18 -18.08
N ASN H 197 30.08 21.30 -17.38
CA ASN H 197 29.47 20.11 -17.99
C ASN H 197 27.94 20.03 -17.97
N SER H 198 27.29 20.36 -16.83
CA SER H 198 25.85 20.29 -16.59
C SER H 198 25.15 21.65 -16.70
N TYR H 199 24.13 21.73 -17.56
CA TYR H 199 23.34 22.94 -17.80
C TYR H 199 21.89 22.62 -17.54
N THR H 200 21.29 23.37 -16.62
CA THR H 200 19.94 23.14 -16.18
C THR H 200 19.15 24.43 -16.20
N CYS H 201 17.89 24.32 -16.57
CA CYS H 201 16.97 25.42 -16.50
C CYS H 201 15.76 24.96 -15.73
N GLU H 202 15.41 25.71 -14.69
CA GLU H 202 14.28 25.36 -13.83
C GLU H 202 13.20 26.42 -13.91
N ALA H 203 11.98 25.97 -14.21
CA ALA H 203 10.80 26.82 -14.32
C ALA H 203 9.91 26.69 -13.10
N THR H 204 9.59 27.84 -12.45
CA THR H 204 8.64 27.90 -11.34
C THR H 204 7.38 28.62 -11.82
N HIS H 205 6.23 27.97 -11.65
CA HIS H 205 4.94 28.48 -12.07
C HIS H 205 3.91 28.15 -11.02
N LYS H 206 2.88 28.99 -10.89
CA LYS H 206 1.71 28.89 -9.99
C LYS H 206 1.12 27.45 -9.89
N THR H 207 1.22 26.68 -10.97
CA THR H 207 0.69 25.34 -11.18
C THR H 207 1.33 24.28 -10.32
N SER H 208 2.62 24.42 -9.99
CA SER H 208 3.27 23.47 -9.09
C SER H 208 4.24 24.14 -8.16
N THR H 209 4.27 23.69 -6.90
CA THR H 209 5.19 24.23 -5.91
C THR H 209 6.61 23.68 -6.17
N SER H 210 6.71 22.69 -7.08
CA SER H 210 7.91 21.99 -7.52
C SER H 210 8.31 22.47 -8.95
N PRO H 211 9.57 22.91 -9.11
CA PRO H 211 10.02 23.41 -10.41
C PRO H 211 10.04 22.38 -11.53
N ILE H 212 9.79 22.81 -12.76
CA ILE H 212 9.94 21.92 -13.93
C ILE H 212 11.41 22.08 -14.35
N VAL H 213 12.13 20.98 -14.32
CA VAL H 213 13.56 20.95 -14.55
C VAL H 213 13.91 20.22 -15.86
N LYS H 214 14.73 20.88 -16.68
CA LYS H 214 15.26 20.32 -17.91
C LYS H 214 16.74 20.57 -17.92
N SER H 215 17.51 19.53 -18.21
CA SER H 215 18.96 19.66 -18.21
C SER H 215 19.62 18.83 -19.27
N PHE H 216 20.92 19.07 -19.47
CA PHE H 216 21.77 18.30 -20.37
C PHE H 216 23.20 18.37 -19.90
N ASN H 217 23.96 17.35 -20.29
CA ASN H 217 25.39 17.25 -20.02
C ASN H 217 26.10 17.23 -21.36
N ARG H 218 27.26 17.89 -21.45
CA ARG H 218 28.07 17.98 -22.67
C ARG H 218 28.78 16.64 -22.99
N ASN H 219 28.01 15.51 -23.08
CA ASN H 219 28.48 14.13 -23.32
C ASN H 219 27.33 13.11 -23.26
#